data_1H8G
# 
_entry.id   1H8G 
# 
_audit_conform.dict_name       mmcif_pdbx.dic 
_audit_conform.dict_version    5.398 
_audit_conform.dict_location   http://mmcif.pdb.org/dictionaries/ascii/mmcif_pdbx.dic 
# 
loop_
_database_2.database_id 
_database_2.database_code 
_database_2.pdbx_database_accession 
_database_2.pdbx_DOI 
PDB   1H8G         pdb_00001h8g 10.2210/pdb1h8g/pdb 
PDBE  EBI-5858     ?            ?                   
WWPDB D_1290005858 ?            ?                   
# 
loop_
_pdbx_audit_revision_history.ordinal 
_pdbx_audit_revision_history.data_content_type 
_pdbx_audit_revision_history.major_revision 
_pdbx_audit_revision_history.minor_revision 
_pdbx_audit_revision_history.revision_date 
1 'Structure model' 1 0 2002-01-31 
2 'Structure model' 1 1 2011-05-08 
3 'Structure model' 1 2 2011-07-13 
4 'Structure model' 1 3 2019-07-24 
5 'Structure model' 1 4 2024-11-13 
# 
_pdbx_audit_revision_details.ordinal             1 
_pdbx_audit_revision_details.revision_ordinal    1 
_pdbx_audit_revision_details.data_content_type   'Structure model' 
_pdbx_audit_revision_details.provider            repository 
_pdbx_audit_revision_details.type                'Initial release' 
_pdbx_audit_revision_details.description         ? 
_pdbx_audit_revision_details.details             ? 
# 
loop_
_pdbx_audit_revision_group.ordinal 
_pdbx_audit_revision_group.revision_ordinal 
_pdbx_audit_revision_group.data_content_type 
_pdbx_audit_revision_group.group 
1 2 'Structure model' 'Version format compliance' 
2 3 'Structure model' 'Version format compliance' 
3 4 'Structure model' 'Data collection'           
4 4 'Structure model' 'Derived calculations'      
5 5 'Structure model' 'Data collection'           
6 5 'Structure model' 'Database references'       
7 5 'Structure model' 'Derived calculations'      
8 5 'Structure model' Other                       
9 5 'Structure model' 'Structure summary'         
# 
loop_
_pdbx_audit_revision_category.ordinal 
_pdbx_audit_revision_category.revision_ordinal 
_pdbx_audit_revision_category.data_content_type 
_pdbx_audit_revision_category.category 
1 4 'Structure model' diffrn_source             
2 4 'Structure model' struct_conn               
3 5 'Structure model' chem_comp_atom            
4 5 'Structure model' chem_comp_bond            
5 5 'Structure model' database_2                
6 5 'Structure model' pdbx_database_status      
7 5 'Structure model' pdbx_entry_details        
8 5 'Structure model' pdbx_modification_feature 
9 5 'Structure model' struct_site               
# 
loop_
_pdbx_audit_revision_item.ordinal 
_pdbx_audit_revision_item.revision_ordinal 
_pdbx_audit_revision_item.data_content_type 
_pdbx_audit_revision_item.item 
1 4 'Structure model' '_diffrn_source.pdbx_synchrotron_site' 
2 4 'Structure model' '_struct_conn.pdbx_leaving_atom_flag'  
3 5 'Structure model' '_database_2.pdbx_DOI'                 
4 5 'Structure model' '_database_2.pdbx_database_accession'  
5 5 'Structure model' '_pdbx_database_status.status_code_sf' 
6 5 'Structure model' '_struct_site.pdbx_auth_asym_id'       
7 5 'Structure model' '_struct_site.pdbx_auth_comp_id'       
8 5 'Structure model' '_struct_site.pdbx_auth_seq_id'        
# 
_pdbx_database_status.status_code                     REL 
_pdbx_database_status.entry_id                        1H8G 
_pdbx_database_status.deposit_site                    PDBE 
_pdbx_database_status.process_site                    PDBE 
_pdbx_database_status.SG_entry                        . 
_pdbx_database_status.recvd_initial_deposition_date   2001-02-06 
_pdbx_database_status.pdb_format_compatible           Y 
_pdbx_database_status.status_code_sf                  REL 
_pdbx_database_status.status_code_mr                  ? 
_pdbx_database_status.status_code_cs                  ? 
_pdbx_database_status.methods_development_category    ? 
_pdbx_database_status.status_code_nmr_data            ? 
# 
loop_
_audit_author.name 
_audit_author.pdbx_ordinal 
'Fernandez-Tornero, C.' 1 
'Garcia, E.'            2 
'Lopez, R.'             3 
'Gimenez-Gallego, G.'   4 
'Romero, A.'            5 
# 
loop_
_citation.id 
_citation.title 
_citation.journal_abbrev 
_citation.journal_volume 
_citation.page_first 
_citation.page_last 
_citation.year 
_citation.journal_id_ASTM 
_citation.country 
_citation.journal_id_ISSN 
_citation.journal_id_CSD 
_citation.book_publisher 
_citation.pdbx_database_id_PubMed 
_citation.pdbx_database_id_DOI 
primary 'A Novel Solenoid Fold in the Cell Wall Anchoring Domain of the Pneumococcal Virulence Factor Lyta'              
Nat.Struct.Biol. 8  1020 ? 2001 NSBIEW US 1072-8368 2024 ? 11694890 10.1038/NSB724                 
1       'Cloning and Expression of Gene Fragments Encoding the Choline-Binding Domain of Pneumococcal Murein Hydrolases' Gene 89 
69   ? 1990 GENED6 NE 0378-1119 0861 ? 1973677  '10.1016/0378-1119(90)90207-8' 
# 
loop_
_citation_author.citation_id 
_citation_author.name 
_citation_author.ordinal 
_citation_author.identifier_ORCID 
primary 'Fernandez-Tornero, C.' 1 ? 
primary 'Lopez, R.'             2 ? 
primary 'Garcia, E.'            3 ? 
primary 'Gimenez-Gallego, G.'   4 ? 
primary 'Romero, A.'            5 ? 
1       'Sanchez-Puelles, J.M.' 6 ? 
1       'Sanz, J.M.'            7 ? 
1       'Garcia, J.L.'          8 ? 
1       'Garcia, E.'            9 ? 
# 
loop_
_entity.id 
_entity.type 
_entity.src_method 
_entity.pdbx_description 
_entity.formula_weight 
_entity.pdbx_number_of_molecules 
_entity.pdbx_ec 
_entity.pdbx_mutation 
_entity.pdbx_fragment 
_entity.details 
1 polymer     man 'MAJOR AUTOLYSIN' 11153.843 2  3.5.1.28 ? 'CHOLINE-BINDING DOMAIN' ? 
2 non-polymer syn 'CHOLINE ION'     104.171   6  ?        ? ?                        ? 
3 water       nat water             18.015    61 ?        ? ?                        ? 
# 
_entity_name_com.entity_id   1 
_entity_name_com.name        'C-LYTA, CELL WALL BINDING DOMAIN' 
# 
_entity_poly.entity_id                      1 
_entity_poly.type                           'polypeptide(L)' 
_entity_poly.nstd_linkage                   no 
_entity_poly.nstd_monomer                   yes 
_entity_poly.pdbx_seq_one_letter_code       
;TDGNWYWFDNSGE(MSE)ATGWKKIADKWYYFNEEGA(MSE)KTGWVKYKDTWYYLDAKEGA(MSE)VSNAFIQSADGTG
WYYLKPDGTLADRPEFTVEPDGLITVK
;
_entity_poly.pdbx_seq_one_letter_code_can   
;TDGNWYWFDNSGEMATGWKKIADKWYYFNEEGAMKTGWVKYKDTWYYLDAKEGAMVSNAFIQSADGTGWYYLKPDGTLAD
RPEFTVEPDGLITVK
;
_entity_poly.pdbx_strand_id                 A,B 
_entity_poly.pdbx_target_identifier         ? 
# 
loop_
_pdbx_entity_nonpoly.entity_id 
_pdbx_entity_nonpoly.name 
_pdbx_entity_nonpoly.comp_id 
2 'CHOLINE ION' CHT 
3 water         HOH 
# 
loop_
_entity_poly_seq.entity_id 
_entity_poly_seq.num 
_entity_poly_seq.mon_id 
_entity_poly_seq.hetero 
1 1  THR n 
1 2  ASP n 
1 3  GLY n 
1 4  ASN n 
1 5  TRP n 
1 6  TYR n 
1 7  TRP n 
1 8  PHE n 
1 9  ASP n 
1 10 ASN n 
1 11 SER n 
1 12 GLY n 
1 13 GLU n 
1 14 MSE n 
1 15 ALA n 
1 16 THR n 
1 17 GLY n 
1 18 TRP n 
1 19 LYS n 
1 20 LYS n 
1 21 ILE n 
1 22 ALA n 
1 23 ASP n 
1 24 LYS n 
1 25 TRP n 
1 26 TYR n 
1 27 TYR n 
1 28 PHE n 
1 29 ASN n 
1 30 GLU n 
1 31 GLU n 
1 32 GLY n 
1 33 ALA n 
1 34 MSE n 
1 35 LYS n 
1 36 THR n 
1 37 GLY n 
1 38 TRP n 
1 39 VAL n 
1 40 LYS n 
1 41 TYR n 
1 42 LYS n 
1 43 ASP n 
1 44 THR n 
1 45 TRP n 
1 46 TYR n 
1 47 TYR n 
1 48 LEU n 
1 49 ASP n 
1 50 ALA n 
1 51 LYS n 
1 52 GLU n 
1 53 GLY n 
1 54 ALA n 
1 55 MSE n 
1 56 VAL n 
1 57 SER n 
1 58 ASN n 
1 59 ALA n 
1 60 PHE n 
1 61 ILE n 
1 62 GLN n 
1 63 SER n 
1 64 ALA n 
1 65 ASP n 
1 66 GLY n 
1 67 THR n 
1 68 GLY n 
1 69 TRP n 
1 70 TYR n 
1 71 TYR n 
1 72 LEU n 
1 73 LYS n 
1 74 PRO n 
1 75 ASP n 
1 76 GLY n 
1 77 THR n 
1 78 LEU n 
1 79 ALA n 
1 80 ASP n 
1 81 ARG n 
1 82 PRO n 
1 83 GLU n 
1 84 PHE n 
1 85 THR n 
1 86 VAL n 
1 87 GLU n 
1 88 PRO n 
1 89 ASP n 
1 90 GLY n 
1 91 LEU n 
1 92 ILE n 
1 93 THR n 
1 94 VAL n 
1 95 LYS n 
# 
_entity_src_gen.entity_id                          1 
_entity_src_gen.pdbx_src_id                        1 
_entity_src_gen.pdbx_alt_source_flag               sample 
_entity_src_gen.pdbx_seq_type                      ? 
_entity_src_gen.pdbx_beg_seq_num                   ? 
_entity_src_gen.pdbx_end_seq_num                   ? 
_entity_src_gen.gene_src_common_name               ? 
_entity_src_gen.gene_src_genus                     ? 
_entity_src_gen.pdbx_gene_src_gene                 LYTA 
_entity_src_gen.gene_src_species                   ? 
_entity_src_gen.gene_src_strain                    ? 
_entity_src_gen.gene_src_tissue                    ? 
_entity_src_gen.gene_src_tissue_fraction           ? 
_entity_src_gen.gene_src_details                   ? 
_entity_src_gen.pdbx_gene_src_fragment             ? 
_entity_src_gen.pdbx_gene_src_scientific_name      'STREPTOCOCCUS PNEUMONIAE' 
_entity_src_gen.pdbx_gene_src_ncbi_taxonomy_id     1313 
_entity_src_gen.pdbx_gene_src_variant              ? 
_entity_src_gen.pdbx_gene_src_cell_line            ? 
_entity_src_gen.pdbx_gene_src_atcc                 ? 
_entity_src_gen.pdbx_gene_src_organ                ? 
_entity_src_gen.pdbx_gene_src_organelle            ? 
_entity_src_gen.pdbx_gene_src_cell                 ? 
_entity_src_gen.pdbx_gene_src_cellular_location    EXTRACELLULAR 
_entity_src_gen.host_org_common_name               ? 
_entity_src_gen.pdbx_host_org_scientific_name      'ESCHERICHIA COLI' 
_entity_src_gen.pdbx_host_org_ncbi_taxonomy_id     511693 
_entity_src_gen.host_org_genus                     ? 
_entity_src_gen.pdbx_host_org_gene                 ? 
_entity_src_gen.pdbx_host_org_organ                ? 
_entity_src_gen.host_org_species                   ? 
_entity_src_gen.pdbx_host_org_tissue               ? 
_entity_src_gen.pdbx_host_org_tissue_fraction      ? 
_entity_src_gen.pdbx_host_org_strain               BL21 
_entity_src_gen.pdbx_host_org_variant              ? 
_entity_src_gen.pdbx_host_org_cell_line            ? 
_entity_src_gen.pdbx_host_org_atcc                 ? 
_entity_src_gen.pdbx_host_org_culture_collection   ? 
_entity_src_gen.pdbx_host_org_cell                 ? 
_entity_src_gen.pdbx_host_org_organelle            ? 
_entity_src_gen.pdbx_host_org_cellular_location    CYTOPLASM 
_entity_src_gen.pdbx_host_org_vector_type          PLASMID 
_entity_src_gen.pdbx_host_org_vector               ? 
_entity_src_gen.host_org_details                   ? 
_entity_src_gen.expression_system_id               ? 
_entity_src_gen.plasmid_name                       PCE17 
_entity_src_gen.plasmid_details                    ? 
_entity_src_gen.pdbx_description                   ? 
# 
loop_
_chem_comp.id 
_chem_comp.type 
_chem_comp.mon_nstd_flag 
_chem_comp.name 
_chem_comp.pdbx_synonyms 
_chem_comp.formula 
_chem_comp.formula_weight 
ALA 'L-peptide linking' y ALANINE          ? 'C3 H7 N O2'     89.093  
ARG 'L-peptide linking' y ARGININE         ? 'C6 H15 N4 O2 1' 175.209 
ASN 'L-peptide linking' y ASPARAGINE       ? 'C4 H8 N2 O3'    132.118 
ASP 'L-peptide linking' y 'ASPARTIC ACID'  ? 'C4 H7 N O4'     133.103 
CHT non-polymer         . 'CHOLINE ION'    ? 'C5 H14 N O 1'   104.171 
GLN 'L-peptide linking' y GLUTAMINE        ? 'C5 H10 N2 O3'   146.144 
GLU 'L-peptide linking' y 'GLUTAMIC ACID'  ? 'C5 H9 N O4'     147.129 
GLY 'peptide linking'   y GLYCINE          ? 'C2 H5 N O2'     75.067  
HOH non-polymer         . WATER            ? 'H2 O'           18.015  
ILE 'L-peptide linking' y ISOLEUCINE       ? 'C6 H13 N O2'    131.173 
LEU 'L-peptide linking' y LEUCINE          ? 'C6 H13 N O2'    131.173 
LYS 'L-peptide linking' y LYSINE           ? 'C6 H15 N2 O2 1' 147.195 
MET 'L-peptide linking' y METHIONINE       ? 'C5 H11 N O2 S'  149.211 
MSE 'L-peptide linking' n SELENOMETHIONINE ? 'C5 H11 N O2 Se' 196.106 
PHE 'L-peptide linking' y PHENYLALANINE    ? 'C9 H11 N O2'    165.189 
PRO 'L-peptide linking' y PROLINE          ? 'C5 H9 N O2'     115.130 
SER 'L-peptide linking' y SERINE           ? 'C3 H7 N O3'     105.093 
THR 'L-peptide linking' y THREONINE        ? 'C4 H9 N O3'     119.119 
TRP 'L-peptide linking' y TRYPTOPHAN       ? 'C11 H12 N2 O2'  204.225 
TYR 'L-peptide linking' y TYROSINE         ? 'C9 H11 N O3'    181.189 
VAL 'L-peptide linking' y VALINE           ? 'C5 H11 N O2'    117.146 
# 
loop_
_pdbx_poly_seq_scheme.asym_id 
_pdbx_poly_seq_scheme.entity_id 
_pdbx_poly_seq_scheme.seq_id 
_pdbx_poly_seq_scheme.mon_id 
_pdbx_poly_seq_scheme.ndb_seq_num 
_pdbx_poly_seq_scheme.pdb_seq_num 
_pdbx_poly_seq_scheme.auth_seq_num 
_pdbx_poly_seq_scheme.pdb_mon_id 
_pdbx_poly_seq_scheme.auth_mon_id 
_pdbx_poly_seq_scheme.pdb_strand_id 
_pdbx_poly_seq_scheme.pdb_ins_code 
_pdbx_poly_seq_scheme.hetero 
A 1 1  THR 1  224 224 THR THR A . n 
A 1 2  ASP 2  225 225 ASP ASP A . n 
A 1 3  GLY 3  226 226 GLY GLY A . n 
A 1 4  ASN 4  227 227 ASN ASN A . n 
A 1 5  TRP 5  228 228 TRP TRP A . n 
A 1 6  TYR 6  229 229 TYR TYR A . n 
A 1 7  TRP 7  230 230 TRP TRP A . n 
A 1 8  PHE 8  231 231 PHE PHE A . n 
A 1 9  ASP 9  232 232 ASP ASP A . n 
A 1 10 ASN 10 233 233 ASN ASN A . n 
A 1 11 SER 11 234 234 SER SER A . n 
A 1 12 GLY 12 235 235 GLY GLY A . n 
A 1 13 GLU 13 236 236 GLU GLU A . n 
A 1 14 MSE 14 237 237 MSE MSE A . n 
A 1 15 ALA 15 238 238 ALA ALA A . n 
A 1 16 THR 16 239 239 THR THR A . n 
A 1 17 GLY 17 240 240 GLY GLY A . n 
A 1 18 TRP 18 241 241 TRP TRP A . n 
A 1 19 LYS 19 242 242 LYS LYS A . n 
A 1 20 LYS 20 243 243 LYS LYS A . n 
A 1 21 ILE 21 244 244 ILE ILE A . n 
A 1 22 ALA 22 245 245 ALA ALA A . n 
A 1 23 ASP 23 246 246 ASP ASP A . n 
A 1 24 LYS 24 247 247 LYS LYS A . n 
A 1 25 TRP 25 248 248 TRP TRP A . n 
A 1 26 TYR 26 249 249 TYR TYR A . n 
A 1 27 TYR 27 250 250 TYR TYR A . n 
A 1 28 PHE 28 251 251 PHE PHE A . n 
A 1 29 ASN 29 252 252 ASN ASN A . n 
A 1 30 GLU 30 253 253 GLU GLU A . n 
A 1 31 GLU 31 254 254 GLU GLU A . n 
A 1 32 GLY 32 255 255 GLY GLY A . n 
A 1 33 ALA 33 256 256 ALA ALA A . n 
A 1 34 MSE 34 257 257 MSE MSE A . n 
A 1 35 LYS 35 258 258 LYS LYS A . n 
A 1 36 THR 36 259 259 THR THR A . n 
A 1 37 GLY 37 260 260 GLY GLY A . n 
A 1 38 TRP 38 261 261 TRP TRP A . n 
A 1 39 VAL 39 262 262 VAL VAL A . n 
A 1 40 LYS 40 263 263 LYS LYS A . n 
A 1 41 TYR 41 264 264 TYR TYR A . n 
A 1 42 LYS 42 265 265 LYS LYS A . n 
A 1 43 ASP 43 266 266 ASP ASP A . n 
A 1 44 THR 44 267 267 THR THR A . n 
A 1 45 TRP 45 268 268 TRP TRP A . n 
A 1 46 TYR 46 269 269 TYR TYR A . n 
A 1 47 TYR 47 270 270 TYR TYR A . n 
A 1 48 LEU 48 271 271 LEU LEU A . n 
A 1 49 ASP 49 272 272 ASP ASP A . n 
A 1 50 ALA 50 273 273 ALA ALA A . n 
A 1 51 LYS 51 274 274 LYS LYS A . n 
A 1 52 GLU 52 275 275 GLU GLU A . n 
A 1 53 GLY 53 276 276 GLY GLY A . n 
A 1 54 ALA 54 277 277 ALA ALA A . n 
A 1 55 MSE 55 278 278 MSE MSE A . n 
A 1 56 VAL 56 279 279 VAL VAL A . n 
A 1 57 SER 57 280 280 SER SER A . n 
A 1 58 ASN 58 281 281 ASN ASN A . n 
A 1 59 ALA 59 282 282 ALA ALA A . n 
A 1 60 PHE 60 283 283 PHE PHE A . n 
A 1 61 ILE 61 284 284 ILE ILE A . n 
A 1 62 GLN 62 285 285 GLN GLN A . n 
A 1 63 SER 63 286 286 SER SER A . n 
A 1 64 ALA 64 287 287 ALA ALA A . n 
A 1 65 ASP 65 288 288 ASP ASP A . n 
A 1 66 GLY 66 289 289 GLY GLY A . n 
A 1 67 THR 67 290 290 THR THR A . n 
A 1 68 GLY 68 291 291 GLY GLY A . n 
A 1 69 TRP 69 292 292 TRP TRP A . n 
A 1 70 TYR 70 293 293 TYR TYR A . n 
A 1 71 TYR 71 294 294 TYR TYR A . n 
A 1 72 LEU 72 295 295 LEU LEU A . n 
A 1 73 LYS 73 296 296 LYS LYS A . n 
A 1 74 PRO 74 297 297 PRO PRO A . n 
A 1 75 ASP 75 298 298 ASP ASP A . n 
A 1 76 GLY 76 299 299 GLY GLY A . n 
A 1 77 THR 77 300 300 THR THR A . n 
A 1 78 LEU 78 301 301 LEU LEU A . n 
A 1 79 ALA 79 302 302 ALA ALA A . n 
A 1 80 ASP 80 303 303 ASP ASP A . n 
A 1 81 ARG 81 304 304 ARG ARG A . n 
A 1 82 PRO 82 305 305 PRO PRO A . n 
A 1 83 GLU 83 306 306 GLU GLU A . n 
A 1 84 PHE 84 307 307 PHE PHE A . n 
A 1 85 THR 85 308 308 THR THR A . n 
A 1 86 VAL 86 309 309 VAL VAL A . n 
A 1 87 GLU 87 310 310 GLU GLU A . n 
A 1 88 PRO 88 311 311 PRO PRO A . n 
A 1 89 ASP 89 312 312 ASP ASP A . n 
A 1 90 GLY 90 313 313 GLY GLY A . n 
A 1 91 LEU 91 314 314 LEU LEU A . n 
A 1 92 ILE 92 315 315 ILE ILE A . n 
A 1 93 THR 93 316 316 THR THR A . n 
A 1 94 VAL 94 317 317 VAL VAL A . n 
A 1 95 LYS 95 318 318 LYS LYS A . n 
B 1 1  THR 1  224 ?   ?   ?   B . n 
B 1 2  ASP 2  225 225 ASP ASP B . n 
B 1 3  GLY 3  226 226 GLY GLY B . n 
B 1 4  ASN 4  227 227 ASN ASN B . n 
B 1 5  TRP 5  228 228 TRP TRP B . n 
B 1 6  TYR 6  229 229 TYR TYR B . n 
B 1 7  TRP 7  230 230 TRP TRP B . n 
B 1 8  PHE 8  231 231 PHE PHE B . n 
B 1 9  ASP 9  232 232 ASP ASP B . n 
B 1 10 ASN 10 233 233 ASN ASN B . n 
B 1 11 SER 11 234 234 SER SER B . n 
B 1 12 GLY 12 235 235 GLY GLY B . n 
B 1 13 GLU 13 236 236 GLU GLU B . n 
B 1 14 MSE 14 237 237 MSE MSE B . n 
B 1 15 ALA 15 238 238 ALA ALA B . n 
B 1 16 THR 16 239 239 THR THR B . n 
B 1 17 GLY 17 240 240 GLY GLY B . n 
B 1 18 TRP 18 241 241 TRP TRP B . n 
B 1 19 LYS 19 242 242 LYS LYS B . n 
B 1 20 LYS 20 243 243 LYS LYS B . n 
B 1 21 ILE 21 244 244 ILE ILE B . n 
B 1 22 ALA 22 245 245 ALA ALA B . n 
B 1 23 ASP 23 246 246 ASP ASP B . n 
B 1 24 LYS 24 247 247 LYS LYS B . n 
B 1 25 TRP 25 248 248 TRP TRP B . n 
B 1 26 TYR 26 249 249 TYR TYR B . n 
B 1 27 TYR 27 250 250 TYR TYR B . n 
B 1 28 PHE 28 251 251 PHE PHE B . n 
B 1 29 ASN 29 252 252 ASN ASN B . n 
B 1 30 GLU 30 253 253 GLU GLU B . n 
B 1 31 GLU 31 254 254 GLU GLU B . n 
B 1 32 GLY 32 255 255 GLY GLY B . n 
B 1 33 ALA 33 256 256 ALA ALA B . n 
B 1 34 MSE 34 257 257 MSE MSE B . n 
B 1 35 LYS 35 258 258 LYS LYS B . n 
B 1 36 THR 36 259 259 THR THR B . n 
B 1 37 GLY 37 260 260 GLY GLY B . n 
B 1 38 TRP 38 261 261 TRP TRP B . n 
B 1 39 VAL 39 262 262 VAL VAL B . n 
B 1 40 LYS 40 263 263 LYS LYS B . n 
B 1 41 TYR 41 264 264 TYR TYR B . n 
B 1 42 LYS 42 265 265 LYS LYS B . n 
B 1 43 ASP 43 266 266 ASP ASP B . n 
B 1 44 THR 44 267 267 THR THR B . n 
B 1 45 TRP 45 268 268 TRP TRP B . n 
B 1 46 TYR 46 269 269 TYR TYR B . n 
B 1 47 TYR 47 270 270 TYR TYR B . n 
B 1 48 LEU 48 271 271 LEU LEU B . n 
B 1 49 ASP 49 272 272 ASP ASP B . n 
B 1 50 ALA 50 273 273 ALA ALA B . n 
B 1 51 LYS 51 274 274 LYS LYS B . n 
B 1 52 GLU 52 275 275 GLU GLU B . n 
B 1 53 GLY 53 276 276 GLY GLY B . n 
B 1 54 ALA 54 277 277 ALA ALA B . n 
B 1 55 MSE 55 278 278 MSE MSE B . n 
B 1 56 VAL 56 279 279 VAL VAL B . n 
B 1 57 SER 57 280 280 SER SER B . n 
B 1 58 ASN 58 281 281 ASN ASN B . n 
B 1 59 ALA 59 282 282 ALA ALA B . n 
B 1 60 PHE 60 283 283 PHE PHE B . n 
B 1 61 ILE 61 284 284 ILE ILE B . n 
B 1 62 GLN 62 285 285 GLN GLN B . n 
B 1 63 SER 63 286 286 SER SER B . n 
B 1 64 ALA 64 287 287 ALA ALA B . n 
B 1 65 ASP 65 288 288 ASP ASP B . n 
B 1 66 GLY 66 289 289 GLY GLY B . n 
B 1 67 THR 67 290 290 THR THR B . n 
B 1 68 GLY 68 291 291 GLY GLY B . n 
B 1 69 TRP 69 292 292 TRP TRP B . n 
B 1 70 TYR 70 293 293 TYR TYR B . n 
B 1 71 TYR 71 294 294 TYR TYR B . n 
B 1 72 LEU 72 295 295 LEU LEU B . n 
B 1 73 LYS 73 296 296 LYS LYS B . n 
B 1 74 PRO 74 297 297 PRO PRO B . n 
B 1 75 ASP 75 298 298 ASP ASP B . n 
B 1 76 GLY 76 299 299 GLY GLY B . n 
B 1 77 THR 77 300 300 THR THR B . n 
B 1 78 LEU 78 301 301 LEU LEU B . n 
B 1 79 ALA 79 302 302 ALA ALA B . n 
B 1 80 ASP 80 303 303 ASP ASP B . n 
B 1 81 ARG 81 304 304 ARG ARG B . n 
B 1 82 PRO 82 305 305 PRO PRO B . n 
B 1 83 GLU 83 306 306 GLU GLU B . n 
B 1 84 PHE 84 307 307 PHE PHE B . n 
B 1 85 THR 85 308 308 THR THR B . n 
B 1 86 VAL 86 309 309 VAL VAL B . n 
B 1 87 GLU 87 310 310 GLU GLU B . n 
B 1 88 PRO 88 311 311 PRO PRO B . n 
B 1 89 ASP 89 312 312 ASP ASP B . n 
B 1 90 GLY 90 313 313 GLY GLY B . n 
B 1 91 LEU 91 314 314 LEU LEU B . n 
B 1 92 ILE 92 315 315 ILE ILE B . n 
B 1 93 THR 93 316 316 THR THR B . n 
B 1 94 VAL 94 317 317 VAL VAL B . n 
B 1 95 LYS 95 318 318 LYS LYS B . n 
# 
loop_
_pdbx_nonpoly_scheme.asym_id 
_pdbx_nonpoly_scheme.entity_id 
_pdbx_nonpoly_scheme.mon_id 
_pdbx_nonpoly_scheme.ndb_seq_num 
_pdbx_nonpoly_scheme.pdb_seq_num 
_pdbx_nonpoly_scheme.auth_seq_num 
_pdbx_nonpoly_scheme.pdb_mon_id 
_pdbx_nonpoly_scheme.auth_mon_id 
_pdbx_nonpoly_scheme.pdb_strand_id 
_pdbx_nonpoly_scheme.pdb_ins_code 
C 2 CHT 1  401  401  CHT CHT A . 
D 2 CHT 1  402  402  CHT CHT A . 
E 2 CHT 1  403  403  CHT CHT A . 
F 2 CHT 1  404  404  CHT CHT B . 
G 2 CHT 1  405  405  CHT CHT B . 
H 2 CHT 1  406  406  CHT CHT B . 
I 3 HOH 1  2001 2001 HOH HOH A . 
I 3 HOH 2  2002 2002 HOH HOH A . 
I 3 HOH 3  2003 2003 HOH HOH A . 
I 3 HOH 4  2004 2004 HOH HOH A . 
I 3 HOH 5  2005 2005 HOH HOH A . 
I 3 HOH 6  2006 2006 HOH HOH A . 
I 3 HOH 7  2007 2007 HOH HOH A . 
I 3 HOH 8  2008 2008 HOH HOH A . 
I 3 HOH 9  2009 2009 HOH HOH A . 
I 3 HOH 10 2010 2010 HOH HOH A . 
I 3 HOH 11 2011 2011 HOH HOH A . 
I 3 HOH 12 2012 2012 HOH HOH A . 
I 3 HOH 13 2013 2013 HOH HOH A . 
I 3 HOH 14 2014 2014 HOH HOH A . 
I 3 HOH 15 2015 2015 HOH HOH A . 
I 3 HOH 16 2016 2016 HOH HOH A . 
I 3 HOH 17 2017 2017 HOH HOH A . 
I 3 HOH 18 2018 2018 HOH HOH A . 
I 3 HOH 19 2019 2019 HOH HOH A . 
I 3 HOH 20 2020 2020 HOH HOH A . 
I 3 HOH 21 2021 2021 HOH HOH A . 
I 3 HOH 22 2022 2022 HOH HOH A . 
I 3 HOH 23 2023 2023 HOH HOH A . 
I 3 HOH 24 2024 2024 HOH HOH A . 
I 3 HOH 25 2025 2025 HOH HOH A . 
I 3 HOH 26 2026 2026 HOH HOH A . 
J 3 HOH 1  2001 2001 HOH HOH B . 
J 3 HOH 2  2002 2002 HOH HOH B . 
J 3 HOH 3  2003 2003 HOH HOH B . 
J 3 HOH 4  2004 2004 HOH HOH B . 
J 3 HOH 5  2005 2005 HOH HOH B . 
J 3 HOH 6  2006 2006 HOH HOH B . 
J 3 HOH 7  2007 2007 HOH HOH B . 
J 3 HOH 8  2008 2008 HOH HOH B . 
J 3 HOH 9  2009 2009 HOH HOH B . 
J 3 HOH 10 2010 2010 HOH HOH B . 
J 3 HOH 11 2011 2011 HOH HOH B . 
J 3 HOH 12 2012 2012 HOH HOH B . 
J 3 HOH 13 2013 2013 HOH HOH B . 
J 3 HOH 14 2014 2014 HOH HOH B . 
J 3 HOH 15 2015 2015 HOH HOH B . 
J 3 HOH 16 2016 2016 HOH HOH B . 
J 3 HOH 17 2017 2017 HOH HOH B . 
J 3 HOH 18 2018 2018 HOH HOH B . 
J 3 HOH 19 2019 2019 HOH HOH B . 
J 3 HOH 20 2020 2020 HOH HOH B . 
J 3 HOH 21 2021 2021 HOH HOH B . 
J 3 HOH 22 2022 2022 HOH HOH B . 
J 3 HOH 23 2023 2023 HOH HOH B . 
J 3 HOH 24 2024 2024 HOH HOH B . 
J 3 HOH 25 2025 2025 HOH HOH B . 
J 3 HOH 26 2026 2026 HOH HOH B . 
J 3 HOH 27 2027 2027 HOH HOH B . 
J 3 HOH 28 2028 2028 HOH HOH B . 
J 3 HOH 29 2029 2029 HOH HOH B . 
J 3 HOH 30 2030 2030 HOH HOH B . 
J 3 HOH 31 2031 2031 HOH HOH B . 
J 3 HOH 32 2032 2032 HOH HOH B . 
J 3 HOH 33 2033 2033 HOH HOH B . 
J 3 HOH 34 2034 2034 HOH HOH B . 
J 3 HOH 35 2035 2035 HOH HOH B . 
# 
loop_
_pdbx_unobs_or_zero_occ_atoms.id 
_pdbx_unobs_or_zero_occ_atoms.PDB_model_num 
_pdbx_unobs_or_zero_occ_atoms.polymer_flag 
_pdbx_unobs_or_zero_occ_atoms.occupancy_flag 
_pdbx_unobs_or_zero_occ_atoms.auth_asym_id 
_pdbx_unobs_or_zero_occ_atoms.auth_comp_id 
_pdbx_unobs_or_zero_occ_atoms.auth_seq_id 
_pdbx_unobs_or_zero_occ_atoms.PDB_ins_code 
_pdbx_unobs_or_zero_occ_atoms.auth_atom_id 
_pdbx_unobs_or_zero_occ_atoms.label_alt_id 
_pdbx_unobs_or_zero_occ_atoms.label_asym_id 
_pdbx_unobs_or_zero_occ_atoms.label_comp_id 
_pdbx_unobs_or_zero_occ_atoms.label_seq_id 
_pdbx_unobs_or_zero_occ_atoms.label_atom_id 
1 1 Y 1 B ASP 225 ? CG  ? B ASP 2 CG  
2 1 Y 1 B ASP 225 ? OD1 ? B ASP 2 OD1 
3 1 Y 1 B ASP 225 ? OD2 ? B ASP 2 OD2 
# 
loop_
_software.name 
_software.classification 
_software.version 
_software.citation_id 
_software.pdbx_ordinal 
CNS    refinement       1.0 ? 1 
MOSFLM 'data reduction' .   ? 2 
SCALA  'data scaling'   .   ? 3 
CNS    phasing          .   ? 4 
# 
_cell.entry_id           1H8G 
_cell.length_a           97.571 
_cell.length_b           97.571 
_cell.length_c           68.482 
_cell.angle_alpha        90.00 
_cell.angle_beta         90.00 
_cell.angle_gamma        90.00 
_cell.Z_PDB              16 
_cell.pdbx_unique_axis   ? 
# 
_symmetry.entry_id                         1H8G 
_symmetry.space_group_name_H-M             'P 41 21 2' 
_symmetry.pdbx_full_space_group_name_H-M   ? 
_symmetry.cell_setting                     ? 
_symmetry.Int_Tables_number                92 
# 
_exptl.entry_id          1H8G 
_exptl.method            'X-RAY DIFFRACTION' 
_exptl.crystals_number   1 
# 
_exptl_crystal.id                    1 
_exptl_crystal.density_meas          ? 
_exptl_crystal.density_Matthews      2.6 
_exptl_crystal.density_percent_sol   52 
_exptl_crystal.description           
;A FIRST STRUCTURE, WHOSE STATISTICS HAVE NOT BEEN SUBMITTED, WAS DETERMINED TO 3.0 ANGSTROM RESOLUTION THROUGH A MAD EXPERIMENT. A SECOND EXPERIMENT WAS THEN PERFORMED ON A SINGLE CRYSTAL. IT IS STRUCTURE REFINED AGAINST THE DATA FROM THIS SECOND EXPERIMENT THAT IS PRESENTED IN THIS ENTRY
;
# 
_exptl_crystal_grow.crystal_id      1 
_exptl_crystal_grow.method          ? 
_exptl_crystal_grow.temp            ? 
_exptl_crystal_grow.temp_details    ? 
_exptl_crystal_grow.pH              4.60 
_exptl_crystal_grow.pdbx_pH_range   ? 
_exptl_crystal_grow.pdbx_details    '30% MPD, 0.2 M NACL, 0.1 M NA-ACETATE, PH 4.6, 0.2 M GUANIDINE-HCL, 0.15 M CHOLINE-CL.' 
# 
_diffrn.id                     1 
_diffrn.ambient_temp           100.0 
_diffrn.ambient_temp_details   ? 
_diffrn.crystal_id             1 
# 
_diffrn_detector.diffrn_id              1 
_diffrn_detector.detector               CCD 
_diffrn_detector.type                   MARRESEARCH 
_diffrn_detector.pdbx_collection_date   2000-07-15 
_diffrn_detector.details                MIRRORS 
# 
_diffrn_radiation.diffrn_id                        1 
_diffrn_radiation.wavelength_id                    1 
_diffrn_radiation.pdbx_monochromatic_or_laue_m_l   M 
_diffrn_radiation.monochromator                    GE 
_diffrn_radiation.pdbx_diffrn_protocol             'SINGLE WAVELENGTH' 
_diffrn_radiation.pdbx_scattering_type             x-ray 
# 
_diffrn_radiation_wavelength.id           1 
_diffrn_radiation_wavelength.wavelength   0.9073 
_diffrn_radiation_wavelength.wt           1.0 
# 
_diffrn_source.diffrn_id                   1 
_diffrn_source.source                      SYNCHROTRON 
_diffrn_source.type                        'EMBL/DESY, HAMBURG BEAMLINE X11' 
_diffrn_source.pdbx_synchrotron_site       'EMBL/DESY, HAMBURG' 
_diffrn_source.pdbx_synchrotron_beamline   X11 
_diffrn_source.pdbx_wavelength             0.9073 
_diffrn_source.pdbx_wavelength_list        ? 
# 
_reflns.pdbx_diffrn_id               1 
_reflns.pdbx_ordinal                 1 
_reflns.entry_id                     1H8G 
_reflns.observed_criterion_sigma_I   8.000 
_reflns.observed_criterion_sigma_F   ? 
_reflns.d_resolution_low             30.000 
_reflns.d_resolution_high            2.400 
_reflns.number_obs                   12997 
_reflns.number_all                   ? 
_reflns.percent_possible_obs         97.8 
_reflns.pdbx_Rmerge_I_obs            ? 
_reflns.pdbx_Rsym_value              0.04800 
_reflns.pdbx_netI_over_sigmaI        9.7000 
_reflns.B_iso_Wilson_estimate        46.3 
_reflns.pdbx_redundancy              3.000 
# 
_reflns_shell.pdbx_diffrn_id         1 
_reflns_shell.pdbx_ordinal           1 
_reflns_shell.d_res_high             2.40 
_reflns_shell.d_res_low              2.53 
_reflns_shell.percent_possible_all   97.9 
_reflns_shell.Rmerge_I_obs           ? 
_reflns_shell.pdbx_Rsym_value        0.36800 
_reflns_shell.meanI_over_sigI_obs    1.600 
_reflns_shell.pdbx_redundancy        2.70 
# 
_refine.pdbx_refine_id                           'X-RAY DIFFRACTION' 
_refine.entry_id                                 1H8G 
_refine.pdbx_diffrn_id                           1 
_refine.pdbx_TLS_residual_ADP_flag               ? 
_refine.ls_number_reflns_obs                     12994 
_refine.ls_number_reflns_all                     ? 
_refine.pdbx_ls_sigma_I                          ? 
_refine.pdbx_ls_sigma_F                          0.0 
_refine.pdbx_data_cutoff_high_absF               1544106.38 
_refine.pdbx_data_cutoff_low_absF                ? 
_refine.pdbx_data_cutoff_high_rms_absF           ? 
_refine.ls_d_res_low                             32.31 
_refine.ls_d_res_high                            2.40 
_refine.ls_percent_reflns_obs                    96.8 
_refine.ls_R_factor_obs                          0.219 
_refine.ls_R_factor_all                          ? 
_refine.ls_R_factor_R_work                       0.219 
_refine.ls_R_factor_R_free                       0.263 
_refine.ls_R_factor_R_free_error                 0.008 
_refine.ls_R_factor_R_free_error_details         ? 
_refine.ls_percent_reflns_R_free                 8.0 
_refine.ls_number_reflns_R_free                  1046 
_refine.ls_number_parameters                     ? 
_refine.ls_number_restraints                     ? 
_refine.occupancy_min                            ? 
_refine.occupancy_max                            ? 
_refine.correlation_coeff_Fo_to_Fc               ? 
_refine.correlation_coeff_Fo_to_Fc_free          ? 
_refine.B_iso_mean                               47.9 
_refine.aniso_B[1][1]                            7.01 
_refine.aniso_B[2][2]                            7.01 
_refine.aniso_B[3][3]                            -14.02 
_refine.aniso_B[1][2]                            0.00 
_refine.aniso_B[1][3]                            0.00 
_refine.aniso_B[2][3]                            0.00 
_refine.solvent_model_details                    'FLAT MODEL' 
_refine.solvent_model_param_ksol                 0.344715 
_refine.solvent_model_param_bsol                 44.6129 
_refine.pdbx_solvent_vdw_probe_radii             ? 
_refine.pdbx_solvent_ion_probe_radii             ? 
_refine.pdbx_solvent_shrinkage_radii             ? 
_refine.pdbx_ls_cross_valid_method               THROUGHOUT 
_refine.details                                  
'SEVERAL CYCLES WITH CNS, ONE SHELX CYCLE TO FIND WATER MOLECULES, FINAL CYCLE WITH CNS' 
_refine.pdbx_starting_model                      ? 
_refine.pdbx_method_to_determine_struct          MAD 
_refine.pdbx_isotropic_thermal_model             RESTRAINED 
_refine.pdbx_stereochemistry_target_values       ? 
_refine.pdbx_stereochem_target_val_spec_case     ? 
_refine.pdbx_R_Free_selection_details            RANDOM 
_refine.pdbx_overall_ESU_R                       ? 
_refine.pdbx_overall_ESU_R_Free                  ? 
_refine.overall_SU_ML                            ? 
_refine.pdbx_overall_phase_error                 ? 
_refine.overall_SU_B                             ? 
_refine.overall_SU_R_Cruickshank_DPI             ? 
_refine.pdbx_overall_SU_R_free_Cruickshank_DPI   ? 
_refine.pdbx_overall_SU_R_Blow_DPI               ? 
_refine.pdbx_overall_SU_R_free_Blow_DPI          ? 
# 
_refine_analyze.pdbx_refine_id                  'X-RAY DIFFRACTION' 
_refine_analyze.entry_id                        1H8G 
_refine_analyze.Luzzati_coordinate_error_obs    0.32 
_refine_analyze.Luzzati_sigma_a_obs             0.39 
_refine_analyze.Luzzati_d_res_low_obs           5.00 
_refine_analyze.Luzzati_coordinate_error_free   0.39 
_refine_analyze.Luzzati_sigma_a_free            0.42 
_refine_analyze.Luzzati_d_res_low_free          ? 
_refine_analyze.number_disordered_residues      ? 
_refine_analyze.occupancy_sum_hydrogen          ? 
_refine_analyze.occupancy_sum_non_hydrogen      ? 
# 
_refine_hist.pdbx_refine_id                   'X-RAY DIFFRACTION' 
_refine_hist.cycle_id                         LAST 
_refine_hist.pdbx_number_atoms_protein        1552 
_refine_hist.pdbx_number_atoms_nucleic_acid   0 
_refine_hist.pdbx_number_atoms_ligand         42 
_refine_hist.number_atoms_solvent             61 
_refine_hist.number_atoms_total               1655 
_refine_hist.d_res_high                       2.40 
_refine_hist.d_res_low                        32.31 
# 
loop_
_refine_ls_restr.type 
_refine_ls_restr.dev_ideal 
_refine_ls_restr.dev_ideal_target 
_refine_ls_restr.weight 
_refine_ls_restr.number 
_refine_ls_restr.pdbx_refine_id 
_refine_ls_restr.pdbx_restraint_function 
c_bond_d                0.007 ?    ? ? 'X-RAY DIFFRACTION' ? 
c_bond_d_na             ?     ?    ? ? 'X-RAY DIFFRACTION' ? 
c_bond_d_prot           ?     ?    ? ? 'X-RAY DIFFRACTION' ? 
c_angle_d               ?     ?    ? ? 'X-RAY DIFFRACTION' ? 
c_angle_d_na            ?     ?    ? ? 'X-RAY DIFFRACTION' ? 
c_angle_d_prot          ?     ?    ? ? 'X-RAY DIFFRACTION' ? 
c_angle_deg             1.2   ?    ? ? 'X-RAY DIFFRACTION' ? 
c_angle_deg_na          ?     ?    ? ? 'X-RAY DIFFRACTION' ? 
c_angle_deg_prot        ?     ?    ? ? 'X-RAY DIFFRACTION' ? 
c_dihedral_angle_d      25.5  ?    ? ? 'X-RAY DIFFRACTION' ? 
c_dihedral_angle_d_na   ?     ?    ? ? 'X-RAY DIFFRACTION' ? 
c_dihedral_angle_d_prot ?     ?    ? ? 'X-RAY DIFFRACTION' ? 
c_improper_angle_d      0.68  ?    ? ? 'X-RAY DIFFRACTION' ? 
c_improper_angle_d_na   ?     ?    ? ? 'X-RAY DIFFRACTION' ? 
c_improper_angle_d_prot ?     ?    ? ? 'X-RAY DIFFRACTION' ? 
c_mcbond_it             1.60  1.50 ? ? 'X-RAY DIFFRACTION' ? 
c_mcangle_it            2.76  2.00 ? ? 'X-RAY DIFFRACTION' ? 
c_scbond_it             2.01  2.00 ? ? 'X-RAY DIFFRACTION' ? 
c_scangle_it            2.91  2.50 ? ? 'X-RAY DIFFRACTION' ? 
# 
_refine_ls_shell.pdbx_refine_id                   'X-RAY DIFFRACTION' 
_refine_ls_shell.pdbx_total_number_of_bins_used   6 
_refine_ls_shell.d_res_high                       2.40 
_refine_ls_shell.d_res_low                        2.55 
_refine_ls_shell.number_reflns_R_work             1953 
_refine_ls_shell.R_factor_R_work                  0.317 
_refine_ls_shell.percent_reflns_obs               97.0 
_refine_ls_shell.R_factor_R_free                  0.340 
_refine_ls_shell.R_factor_R_free_error            0.026 
_refine_ls_shell.percent_reflns_R_free            7.9 
_refine_ls_shell.number_reflns_R_free             168 
_refine_ls_shell.number_reflns_all                ? 
_refine_ls_shell.R_factor_all                     ? 
# 
_struct_ncs_oper.id             1 
_struct_ncs_oper.code           given 
_struct_ncs_oper.details        ? 
_struct_ncs_oper.matrix[1][1]   -0.92879862 
_struct_ncs_oper.matrix[1][2]   0.29886956 
_struct_ncs_oper.matrix[1][3]   0.21909476 
_struct_ncs_oper.matrix[2][1]   0.33075484 
_struct_ncs_oper.matrix[2][2]   0.40200409 
_struct_ncs_oper.matrix[2][3]   0.85380910 
_struct_ncs_oper.matrix[3][1]   0.16709849 
_struct_ncs_oper.matrix[3][2]   0.86548797 
_struct_ncs_oper.matrix[3][3]   -0.47224547 
_struct_ncs_oper.vector[1]      -0.53852 
_struct_ncs_oper.vector[2]      0.35619 
_struct_ncs_oper.vector[3]      0.25538 
# 
_struct.entry_id                  1H8G 
_struct.title                     'C-terminal domain of the major autolysin (C-LytA) from Streptococcus pneumoniae' 
_struct.pdbx_model_details        ? 
_struct.pdbx_CASP_flag            ? 
_struct.pdbx_model_type_details   ? 
# 
_struct_keywords.entry_id        1H8G 
_struct_keywords.pdbx_keywords   'CHOLINE-BINDING DOMAIN' 
_struct_keywords.text            'CHOLINE-BINDING DOMAIN, CELL WALL ATTACHMENT' 
# 
loop_
_struct_asym.id 
_struct_asym.pdbx_blank_PDB_chainid_flag 
_struct_asym.pdbx_modified 
_struct_asym.entity_id 
_struct_asym.details 
A N N 1 ? 
B N N 1 ? 
C N N 2 ? 
D N N 2 ? 
E N N 2 ? 
F N N 2 ? 
G N N 2 ? 
H N N 2 ? 
I N N 3 ? 
J N N 3 ? 
# 
_struct_ref.id                         1 
_struct_ref.db_name                    UNP 
_struct_ref.db_code                    ALYS_STRPN 
_struct_ref.entity_id                  1 
_struct_ref.pdbx_seq_one_letter_code   ? 
_struct_ref.pdbx_align_begin           ? 
_struct_ref.pdbx_db_accession          P06653 
_struct_ref.pdbx_db_isoform            ? 
# 
loop_
_struct_ref_seq.align_id 
_struct_ref_seq.ref_id 
_struct_ref_seq.pdbx_PDB_id_code 
_struct_ref_seq.pdbx_strand_id 
_struct_ref_seq.seq_align_beg 
_struct_ref_seq.pdbx_seq_align_beg_ins_code 
_struct_ref_seq.seq_align_end 
_struct_ref_seq.pdbx_seq_align_end_ins_code 
_struct_ref_seq.pdbx_db_accession 
_struct_ref_seq.db_align_beg 
_struct_ref_seq.pdbx_db_align_beg_ins_code 
_struct_ref_seq.db_align_end 
_struct_ref_seq.pdbx_db_align_end_ins_code 
_struct_ref_seq.pdbx_auth_seq_align_beg 
_struct_ref_seq.pdbx_auth_seq_align_end 
1 1 1H8G A 1 ? 95 ? P06653 224 ? 318 ? 224 318 
2 1 1H8G B 1 ? 95 ? P06653 224 ? 318 ? 224 318 
# 
loop_
_struct_ref_seq_dif.align_id 
_struct_ref_seq_dif.pdbx_pdb_id_code 
_struct_ref_seq_dif.mon_id 
_struct_ref_seq_dif.pdbx_pdb_strand_id 
_struct_ref_seq_dif.seq_num 
_struct_ref_seq_dif.pdbx_pdb_ins_code 
_struct_ref_seq_dif.pdbx_seq_db_name 
_struct_ref_seq_dif.pdbx_seq_db_accession_code 
_struct_ref_seq_dif.db_mon_id 
_struct_ref_seq_dif.pdbx_seq_db_seq_num 
_struct_ref_seq_dif.details 
_struct_ref_seq_dif.pdbx_auth_seq_num 
_struct_ref_seq_dif.pdbx_ordinal 
1 1H8G MSE A 14 ? UNP P06653 MET 237 'modified residue' 237 1 
1 1H8G MSE A 34 ? UNP P06653 MET 257 'modified residue' 257 2 
1 1H8G MSE A 55 ? UNP P06653 MET 278 'modified residue' 278 3 
2 1H8G MSE B 14 ? UNP P06653 MET 237 'modified residue' 237 4 
2 1H8G MSE B 34 ? UNP P06653 MET 257 'modified residue' 257 5 
2 1H8G MSE B 55 ? UNP P06653 MET 278 'modified residue' 278 6 
# 
_pdbx_struct_assembly.id                   1 
_pdbx_struct_assembly.details              author_and_software_defined_assembly 
_pdbx_struct_assembly.method_details       PQS 
_pdbx_struct_assembly.oligomeric_details   tetrameric 
_pdbx_struct_assembly.oligomeric_count     4 
# 
_pdbx_struct_assembly_gen.assembly_id       1 
_pdbx_struct_assembly_gen.oper_expression   1,2 
_pdbx_struct_assembly_gen.asym_id_list      A,B,C,D,E,F,G,H,I,J 
# 
loop_
_pdbx_struct_oper_list.id 
_pdbx_struct_oper_list.type 
_pdbx_struct_oper_list.name 
_pdbx_struct_oper_list.symmetry_operation 
_pdbx_struct_oper_list.matrix[1][1] 
_pdbx_struct_oper_list.matrix[1][2] 
_pdbx_struct_oper_list.matrix[1][3] 
_pdbx_struct_oper_list.vector[1] 
_pdbx_struct_oper_list.matrix[2][1] 
_pdbx_struct_oper_list.matrix[2][2] 
_pdbx_struct_oper_list.matrix[2][3] 
_pdbx_struct_oper_list.vector[2] 
_pdbx_struct_oper_list.matrix[3][1] 
_pdbx_struct_oper_list.matrix[3][2] 
_pdbx_struct_oper_list.matrix[3][3] 
_pdbx_struct_oper_list.vector[3] 
1 'identity operation'         1_555 x,y,z    1.0000000000 0.0000000000  0.0000000000  0.0000000000  0.0000000000  1.0000000000  0.0000000000 0.0000000000   0.0000000000  0.0000000000 1.0000000000  0.0000000000   
2 'crystal symmetry operation' 7_556 y,x,-z+1 0.9189189782 -0.1664157602 -0.3576222955 -5.0801423834 -0.1664157602 -0.9855678090 0.0310143299 -25.7019311381 -0.3576222955 0.0310143299 -0.9333511692 -15.2987531611 
# 
_struct_biol.id        1 
_struct_biol.details   
;THE CHOLINE-BINDING DOMAIN FRAGMENT                          
 CRYSTALLISES AS ATETRAMERIC ASSEMBLY FORMING A                       
 CYCLIC DOUGHNUT STRUCTURE.
;
# 
loop_
_struct_conf.conf_type_id 
_struct_conf.id 
_struct_conf.pdbx_PDB_helix_id 
_struct_conf.beg_label_comp_id 
_struct_conf.beg_label_asym_id 
_struct_conf.beg_label_seq_id 
_struct_conf.pdbx_beg_PDB_ins_code 
_struct_conf.end_label_comp_id 
_struct_conf.end_label_asym_id 
_struct_conf.end_label_seq_id 
_struct_conf.pdbx_end_PDB_ins_code 
_struct_conf.beg_auth_comp_id 
_struct_conf.beg_auth_asym_id 
_struct_conf.beg_auth_seq_id 
_struct_conf.end_auth_comp_id 
_struct_conf.end_auth_asym_id 
_struct_conf.end_auth_seq_id 
_struct_conf.pdbx_PDB_helix_class 
_struct_conf.details 
_struct_conf.pdbx_PDB_helix_length 
HELX_P HELX_P1 1 ASP A 80 ? PRO A 82 ? ASP A 303 PRO A 305 5 ? 3 
HELX_P HELX_P2 2 ASP B 80 ? PRO B 82 ? ASP B 303 PRO B 305 5 ? 3 
# 
_struct_conf_type.id          HELX_P 
_struct_conf_type.criteria    ? 
_struct_conf_type.reference   ? 
# 
loop_
_struct_conn.id 
_struct_conn.conn_type_id 
_struct_conn.pdbx_leaving_atom_flag 
_struct_conn.pdbx_PDB_id 
_struct_conn.ptnr1_label_asym_id 
_struct_conn.ptnr1_label_comp_id 
_struct_conn.ptnr1_label_seq_id 
_struct_conn.ptnr1_label_atom_id 
_struct_conn.pdbx_ptnr1_label_alt_id 
_struct_conn.pdbx_ptnr1_PDB_ins_code 
_struct_conn.pdbx_ptnr1_standard_comp_id 
_struct_conn.ptnr1_symmetry 
_struct_conn.ptnr2_label_asym_id 
_struct_conn.ptnr2_label_comp_id 
_struct_conn.ptnr2_label_seq_id 
_struct_conn.ptnr2_label_atom_id 
_struct_conn.pdbx_ptnr2_label_alt_id 
_struct_conn.pdbx_ptnr2_PDB_ins_code 
_struct_conn.ptnr1_auth_asym_id 
_struct_conn.ptnr1_auth_comp_id 
_struct_conn.ptnr1_auth_seq_id 
_struct_conn.ptnr2_auth_asym_id 
_struct_conn.ptnr2_auth_comp_id 
_struct_conn.ptnr2_auth_seq_id 
_struct_conn.ptnr2_symmetry 
_struct_conn.pdbx_ptnr3_label_atom_id 
_struct_conn.pdbx_ptnr3_label_seq_id 
_struct_conn.pdbx_ptnr3_label_comp_id 
_struct_conn.pdbx_ptnr3_label_asym_id 
_struct_conn.pdbx_ptnr3_label_alt_id 
_struct_conn.pdbx_ptnr3_PDB_ins_code 
_struct_conn.details 
_struct_conn.pdbx_dist_value 
_struct_conn.pdbx_value_order 
_struct_conn.pdbx_role 
covale1  covale both ? A GLU 13 C ? ? ? 1_555 A MSE 14 N ? ? A GLU 236 A MSE 237 1_555 ? ? ? ? ? ? ? 1.327 ? ? 
covale2  covale both ? A MSE 14 C ? ? ? 1_555 A ALA 15 N ? ? A MSE 237 A ALA 238 1_555 ? ? ? ? ? ? ? 1.330 ? ? 
covale3  covale both ? A ALA 33 C ? ? ? 1_555 A MSE 34 N ? ? A ALA 256 A MSE 257 1_555 ? ? ? ? ? ? ? 1.330 ? ? 
covale4  covale both ? A MSE 34 C ? ? ? 1_555 A LYS 35 N ? ? A MSE 257 A LYS 258 1_555 ? ? ? ? ? ? ? 1.332 ? ? 
covale5  covale both ? A ALA 54 C ? ? ? 1_555 A MSE 55 N ? ? A ALA 277 A MSE 278 1_555 ? ? ? ? ? ? ? 1.326 ? ? 
covale6  covale both ? A MSE 55 C ? ? ? 1_555 A VAL 56 N ? ? A MSE 278 A VAL 279 1_555 ? ? ? ? ? ? ? 1.329 ? ? 
covale7  covale both ? B GLU 13 C ? ? ? 1_555 B MSE 14 N ? ? B GLU 236 B MSE 237 1_555 ? ? ? ? ? ? ? 1.331 ? ? 
covale8  covale both ? B MSE 14 C ? ? ? 1_555 B ALA 15 N ? ? B MSE 237 B ALA 238 1_555 ? ? ? ? ? ? ? 1.325 ? ? 
covale9  covale both ? B ALA 33 C ? ? ? 1_555 B MSE 34 N ? ? B ALA 256 B MSE 257 1_555 ? ? ? ? ? ? ? 1.331 ? ? 
covale10 covale both ? B MSE 34 C ? ? ? 1_555 B LYS 35 N ? ? B MSE 257 B LYS 258 1_555 ? ? ? ? ? ? ? 1.330 ? ? 
covale11 covale both ? B ALA 54 C ? ? ? 1_555 B MSE 55 N ? ? B ALA 277 B MSE 278 1_555 ? ? ? ? ? ? ? 1.326 ? ? 
covale12 covale both ? B MSE 55 C ? ? ? 1_555 B VAL 56 N ? ? B MSE 278 B VAL 279 1_555 ? ? ? ? ? ? ? 1.329 ? ? 
# 
_struct_conn_type.id          covale 
_struct_conn_type.criteria    ? 
_struct_conn_type.reference   ? 
# 
loop_
_pdbx_modification_feature.ordinal 
_pdbx_modification_feature.label_comp_id 
_pdbx_modification_feature.label_asym_id 
_pdbx_modification_feature.label_seq_id 
_pdbx_modification_feature.label_alt_id 
_pdbx_modification_feature.modified_residue_label_comp_id 
_pdbx_modification_feature.modified_residue_label_asym_id 
_pdbx_modification_feature.modified_residue_label_seq_id 
_pdbx_modification_feature.modified_residue_label_alt_id 
_pdbx_modification_feature.auth_comp_id 
_pdbx_modification_feature.auth_asym_id 
_pdbx_modification_feature.auth_seq_id 
_pdbx_modification_feature.PDB_ins_code 
_pdbx_modification_feature.symmetry 
_pdbx_modification_feature.modified_residue_auth_comp_id 
_pdbx_modification_feature.modified_residue_auth_asym_id 
_pdbx_modification_feature.modified_residue_auth_seq_id 
_pdbx_modification_feature.modified_residue_PDB_ins_code 
_pdbx_modification_feature.modified_residue_symmetry 
_pdbx_modification_feature.comp_id_linking_atom 
_pdbx_modification_feature.modified_residue_id_linking_atom 
_pdbx_modification_feature.modified_residue_id 
_pdbx_modification_feature.ref_pcm_id 
_pdbx_modification_feature.ref_comp_id 
_pdbx_modification_feature.type 
_pdbx_modification_feature.category 
1 MSE A 14 ? . . . . MSE A 237 ? 1_555 . . . . . . . MET 1 MSE Selenomethionine 'Named protein modification' 
2 MSE A 34 ? . . . . MSE A 257 ? 1_555 . . . . . . . MET 1 MSE Selenomethionine 'Named protein modification' 
3 MSE A 55 ? . . . . MSE A 278 ? 1_555 . . . . . . . MET 1 MSE Selenomethionine 'Named protein modification' 
4 MSE B 14 ? . . . . MSE B 237 ? 1_555 . . . . . . . MET 1 MSE Selenomethionine 'Named protein modification' 
5 MSE B 34 ? . . . . MSE B 257 ? 1_555 . . . . . . . MET 1 MSE Selenomethionine 'Named protein modification' 
6 MSE B 55 ? . . . . MSE B 278 ? 1_555 . . . . . . . MET 1 MSE Selenomethionine 'Named protein modification' 
# 
loop_
_struct_sheet.id 
_struct_sheet.type 
_struct_sheet.number_strands 
_struct_sheet.details 
CC ? 2 ? 
AA ? 2 ? 
AB ? 2 ? 
AC ? 2 ? 
AD ? 2 ? 
BA ? 2 ? 
BB ? 2 ? 
BC ? 2 ? 
BD ? 2 ? 
# 
loop_
_struct_sheet_order.sheet_id 
_struct_sheet_order.range_id_1 
_struct_sheet_order.range_id_2 
_struct_sheet_order.offset 
_struct_sheet_order.sense 
CC 1 2 ? anti-parallel 
AA 1 2 ? anti-parallel 
AB 1 2 ? anti-parallel 
AC 1 2 ? anti-parallel 
AD 1 2 ? anti-parallel 
BA 1 2 ? anti-parallel 
BB 1 2 ? anti-parallel 
BC 1 2 ? anti-parallel 
BD 1 2 ? anti-parallel 
# 
loop_
_struct_sheet_range.sheet_id 
_struct_sheet_range.id 
_struct_sheet_range.beg_label_comp_id 
_struct_sheet_range.beg_label_asym_id 
_struct_sheet_range.beg_label_seq_id 
_struct_sheet_range.pdbx_beg_PDB_ins_code 
_struct_sheet_range.end_label_comp_id 
_struct_sheet_range.end_label_asym_id 
_struct_sheet_range.end_label_seq_id 
_struct_sheet_range.pdbx_end_PDB_ins_code 
_struct_sheet_range.beg_auth_comp_id 
_struct_sheet_range.beg_auth_asym_id 
_struct_sheet_range.beg_auth_seq_id 
_struct_sheet_range.end_auth_comp_id 
_struct_sheet_range.end_auth_asym_id 
_struct_sheet_range.end_auth_seq_id 
CC 1 ASN A 4  ? PHE A 8  ? ASN A 227 PHE A 231 
CC 2 ASN B 4  ? PHE B 8  ? ASN B 227 PHE B 231 
AA 1 GLY A 17 ? ILE A 21 ? GLY A 240 ILE A 244 
AA 2 LYS A 24 ? PHE A 28 ? LYS A 247 PHE A 251 
AB 1 GLY A 37 ? TYR A 41 ? GLY A 260 TYR A 264 
AB 2 THR A 44 ? LEU A 48 ? THR A 267 LEU A 271 
AC 1 ALA A 59 ? SER A 63 ? ALA A 282 SER A 286 
AC 2 GLY A 68 ? LEU A 72 ? GLY A 291 LEU A 295 
AD 1 GLU A 83 ? GLU A 87 ? GLU A 306 GLU A 310 
AD 2 LEU A 91 ? LYS A 95 ? LEU A 314 LYS A 318 
BA 1 GLY B 17 ? ILE B 21 ? GLY B 240 ILE B 244 
BA 2 LYS B 24 ? PHE B 28 ? LYS B 247 PHE B 251 
BB 1 GLY B 37 ? TYR B 41 ? GLY B 260 TYR B 264 
BB 2 THR B 44 ? LEU B 48 ? THR B 267 LEU B 271 
BC 1 ALA B 59 ? SER B 63 ? ALA B 282 SER B 286 
BC 2 GLY B 68 ? LEU B 72 ? GLY B 291 LEU B 295 
BD 1 GLU B 83 ? GLU B 87 ? GLU B 306 GLU B 310 
BD 2 LEU B 91 ? LYS B 95 ? LEU B 314 LYS B 318 
# 
loop_
_pdbx_struct_sheet_hbond.sheet_id 
_pdbx_struct_sheet_hbond.range_id_1 
_pdbx_struct_sheet_hbond.range_id_2 
_pdbx_struct_sheet_hbond.range_1_label_atom_id 
_pdbx_struct_sheet_hbond.range_1_label_comp_id 
_pdbx_struct_sheet_hbond.range_1_label_asym_id 
_pdbx_struct_sheet_hbond.range_1_label_seq_id 
_pdbx_struct_sheet_hbond.range_1_PDB_ins_code 
_pdbx_struct_sheet_hbond.range_1_auth_atom_id 
_pdbx_struct_sheet_hbond.range_1_auth_comp_id 
_pdbx_struct_sheet_hbond.range_1_auth_asym_id 
_pdbx_struct_sheet_hbond.range_1_auth_seq_id 
_pdbx_struct_sheet_hbond.range_2_label_atom_id 
_pdbx_struct_sheet_hbond.range_2_label_comp_id 
_pdbx_struct_sheet_hbond.range_2_label_asym_id 
_pdbx_struct_sheet_hbond.range_2_label_seq_id 
_pdbx_struct_sheet_hbond.range_2_PDB_ins_code 
_pdbx_struct_sheet_hbond.range_2_auth_atom_id 
_pdbx_struct_sheet_hbond.range_2_auth_comp_id 
_pdbx_struct_sheet_hbond.range_2_auth_asym_id 
_pdbx_struct_sheet_hbond.range_2_auth_seq_id 
CC 1 2 N PHE A 8  ? N PHE A 231 O ASN B 4  ? O ASN B 227 
AA 1 2 O GLY A 17 ? O GLY A 240 N PHE A 28 ? N PHE A 251 
AB 1 2 N GLY A 37 ? N GLY A 260 O LEU A 48 ? O LEU A 271 
AC 1 2 O ALA A 59 ? O ALA A 282 N LEU A 72 ? N LEU A 295 
AD 1 2 N GLU A 83 ? N GLU A 306 O LYS A 95 ? O LYS A 318 
BA 1 2 O GLY B 17 ? O GLY B 240 N PHE B 28 ? N PHE B 251 
BB 1 2 N GLY B 37 ? N GLY B 260 O LEU B 48 ? O LEU B 271 
BC 1 2 O ALA B 59 ? O ALA B 282 N LEU B 72 ? N LEU B 295 
BD 1 2 N GLU B 83 ? N GLU B 306 O LYS B 95 ? O LYS B 318 
# 
loop_
_struct_site.id 
_struct_site.pdbx_evidence_code 
_struct_site.pdbx_auth_asym_id 
_struct_site.pdbx_auth_comp_id 
_struct_site.pdbx_auth_seq_id 
_struct_site.pdbx_auth_ins_code 
_struct_site.pdbx_num_residues 
_struct_site.details 
AC1 Software A CHT 401 ? 2 'BINDING SITE FOR RESIDUE CHT A 401' 
AC2 Software A CHT 402 ? 3 'BINDING SITE FOR RESIDUE CHT A 402' 
AC3 Software A CHT 403 ? 1 'BINDING SITE FOR RESIDUE CHT A 403' 
AC4 Software B CHT 404 ? 5 'BINDING SITE FOR RESIDUE CHT B 404' 
AC5 Software B CHT 405 ? 3 'BINDING SITE FOR RESIDUE CHT B 405' 
AC6 Software B CHT 406 ? 1 'BINDING SITE FOR RESIDUE CHT B 406' 
# 
loop_
_struct_site_gen.id 
_struct_site_gen.site_id 
_struct_site_gen.pdbx_num_res 
_struct_site_gen.label_comp_id 
_struct_site_gen.label_asym_id 
_struct_site_gen.label_seq_id 
_struct_site_gen.pdbx_auth_ins_code 
_struct_site_gen.auth_comp_id 
_struct_site_gen.auth_asym_id 
_struct_site_gen.auth_seq_id 
_struct_site_gen.label_atom_id 
_struct_site_gen.label_alt_id 
_struct_site_gen.symmetry 
_struct_site_gen.details 
1  AC1 2 TRP A 38 ? TRP A 261 . ? 1_555 ? 
2  AC1 2 TYR A 70 ? TYR A 293 . ? 1_555 ? 
3  AC2 3 TRP A 25 ? TRP A 248 . ? 1_555 ? 
4  AC2 3 TYR A 46 ? TYR A 269 . ? 1_555 ? 
5  AC2 3 ASP A 75 ? ASP A 298 . ? 1_555 ? 
6  AC3 1 TYR A 6  ? TYR A 229 . ? 1_555 ? 
7  AC4 5 THR A 1  ? THR A 224 . ? 1_555 ? 
8  AC4 5 ASP A 89 ? ASP A 312 . ? 1_555 ? 
9  AC4 5 LYS B 19 ? LYS B 242 . ? 1_555 ? 
10 AC4 5 TRP B 38 ? TRP B 261 . ? 1_555 ? 
11 AC4 5 LEU B 78 ? LEU B 301 . ? 1_555 ? 
12 AC5 3 LYS A 51 ? LYS A 274 . ? 1_555 ? 
13 AC5 3 GLU A 52 ? GLU A 275 . ? 1_555 ? 
14 AC5 3 TYR B 26 ? TYR B 249 . ? 1_555 ? 
15 AC6 1 TYR B 6  ? TYR B 229 . ? 1_555 ? 
# 
_pdbx_entry_details.entry_id                   1H8G 
_pdbx_entry_details.compound_details           ? 
_pdbx_entry_details.source_details             ? 
_pdbx_entry_details.nonpolymer_details         ? 
_pdbx_entry_details.sequence_details           ? 
_pdbx_entry_details.has_ligand_of_interest     ? 
_pdbx_entry_details.has_protein_modification   Y 
# 
loop_
_pdbx_validate_torsion.id 
_pdbx_validate_torsion.PDB_model_num 
_pdbx_validate_torsion.auth_comp_id 
_pdbx_validate_torsion.auth_asym_id 
_pdbx_validate_torsion.auth_seq_id 
_pdbx_validate_torsion.PDB_ins_code 
_pdbx_validate_torsion.label_alt_id 
_pdbx_validate_torsion.phi 
_pdbx_validate_torsion.psi 
1 1 LYS A 265 ? ? 53.13  76.00  
2 1 ASP A 266 ? ? 75.65  -21.79 
3 1 LYS B 274 ? ? -80.38 -80.41 
# 
loop_
_pdbx_struct_mod_residue.id 
_pdbx_struct_mod_residue.label_asym_id 
_pdbx_struct_mod_residue.label_comp_id 
_pdbx_struct_mod_residue.label_seq_id 
_pdbx_struct_mod_residue.auth_asym_id 
_pdbx_struct_mod_residue.auth_comp_id 
_pdbx_struct_mod_residue.auth_seq_id 
_pdbx_struct_mod_residue.PDB_ins_code 
_pdbx_struct_mod_residue.parent_comp_id 
_pdbx_struct_mod_residue.details 
1 A MSE 14 A MSE 237 ? MET SELENOMETHIONINE 
2 A MSE 34 A MSE 257 ? MET SELENOMETHIONINE 
3 A MSE 55 A MSE 278 ? MET SELENOMETHIONINE 
4 B MSE 14 B MSE 237 ? MET SELENOMETHIONINE 
5 B MSE 34 B MSE 257 ? MET SELENOMETHIONINE 
6 B MSE 55 B MSE 278 ? MET SELENOMETHIONINE 
# 
_pdbx_database_remark.id     700 
_pdbx_database_remark.text   
;
SHEET
DETERMINATION METHOD: AUTHOR PROVIDED.
;
# 
_pdbx_unobs_or_zero_occ_residues.id               1 
_pdbx_unobs_or_zero_occ_residues.PDB_model_num    1 
_pdbx_unobs_or_zero_occ_residues.polymer_flag     Y 
_pdbx_unobs_or_zero_occ_residues.occupancy_flag   1 
_pdbx_unobs_or_zero_occ_residues.auth_asym_id     B 
_pdbx_unobs_or_zero_occ_residues.auth_comp_id     THR 
_pdbx_unobs_or_zero_occ_residues.auth_seq_id      224 
_pdbx_unobs_or_zero_occ_residues.PDB_ins_code     ? 
_pdbx_unobs_or_zero_occ_residues.label_asym_id    B 
_pdbx_unobs_or_zero_occ_residues.label_comp_id    THR 
_pdbx_unobs_or_zero_occ_residues.label_seq_id     1 
# 
loop_
_chem_comp_atom.comp_id 
_chem_comp_atom.atom_id 
_chem_comp_atom.type_symbol 
_chem_comp_atom.pdbx_aromatic_flag 
_chem_comp_atom.pdbx_stereo_config 
_chem_comp_atom.pdbx_ordinal 
ALA N    N  N N 1   
ALA CA   C  N S 2   
ALA C    C  N N 3   
ALA O    O  N N 4   
ALA CB   C  N N 5   
ALA OXT  O  N N 6   
ALA H    H  N N 7   
ALA H2   H  N N 8   
ALA HA   H  N N 9   
ALA HB1  H  N N 10  
ALA HB2  H  N N 11  
ALA HB3  H  N N 12  
ALA HXT  H  N N 13  
ARG N    N  N N 14  
ARG CA   C  N S 15  
ARG C    C  N N 16  
ARG O    O  N N 17  
ARG CB   C  N N 18  
ARG CG   C  N N 19  
ARG CD   C  N N 20  
ARG NE   N  N N 21  
ARG CZ   C  N N 22  
ARG NH1  N  N N 23  
ARG NH2  N  N N 24  
ARG OXT  O  N N 25  
ARG H    H  N N 26  
ARG H2   H  N N 27  
ARG HA   H  N N 28  
ARG HB2  H  N N 29  
ARG HB3  H  N N 30  
ARG HG2  H  N N 31  
ARG HG3  H  N N 32  
ARG HD2  H  N N 33  
ARG HD3  H  N N 34  
ARG HE   H  N N 35  
ARG HH11 H  N N 36  
ARG HH12 H  N N 37  
ARG HH21 H  N N 38  
ARG HH22 H  N N 39  
ARG HXT  H  N N 40  
ASN N    N  N N 41  
ASN CA   C  N S 42  
ASN C    C  N N 43  
ASN O    O  N N 44  
ASN CB   C  N N 45  
ASN CG   C  N N 46  
ASN OD1  O  N N 47  
ASN ND2  N  N N 48  
ASN OXT  O  N N 49  
ASN H    H  N N 50  
ASN H2   H  N N 51  
ASN HA   H  N N 52  
ASN HB2  H  N N 53  
ASN HB3  H  N N 54  
ASN HD21 H  N N 55  
ASN HD22 H  N N 56  
ASN HXT  H  N N 57  
ASP N    N  N N 58  
ASP CA   C  N S 59  
ASP C    C  N N 60  
ASP O    O  N N 61  
ASP CB   C  N N 62  
ASP CG   C  N N 63  
ASP OD1  O  N N 64  
ASP OD2  O  N N 65  
ASP OXT  O  N N 66  
ASP H    H  N N 67  
ASP H2   H  N N 68  
ASP HA   H  N N 69  
ASP HB2  H  N N 70  
ASP HB3  H  N N 71  
ASP HD2  H  N N 72  
ASP HXT  H  N N 73  
CHT C4   C  N N 74  
CHT C5   C  N N 75  
CHT C6   C  N N 76  
CHT C7   C  N N 77  
CHT C8   C  N N 78  
CHT O6   O  N N 79  
CHT N1   N  N N 80  
CHT HC41 H  N N 81  
CHT HC42 H  N N 82  
CHT HC51 H  N N 83  
CHT HC52 H  N N 84  
CHT H61  H  N N 85  
CHT H62  H  N N 86  
CHT H63  H  N N 87  
CHT H71  H  N N 88  
CHT H72  H  N N 89  
CHT H73  H  N N 90  
CHT H81  H  N N 91  
CHT H82  H  N N 92  
CHT H83  H  N N 93  
CHT HO6  H  N N 94  
GLN N    N  N N 95  
GLN CA   C  N S 96  
GLN C    C  N N 97  
GLN O    O  N N 98  
GLN CB   C  N N 99  
GLN CG   C  N N 100 
GLN CD   C  N N 101 
GLN OE1  O  N N 102 
GLN NE2  N  N N 103 
GLN OXT  O  N N 104 
GLN H    H  N N 105 
GLN H2   H  N N 106 
GLN HA   H  N N 107 
GLN HB2  H  N N 108 
GLN HB3  H  N N 109 
GLN HG2  H  N N 110 
GLN HG3  H  N N 111 
GLN HE21 H  N N 112 
GLN HE22 H  N N 113 
GLN HXT  H  N N 114 
GLU N    N  N N 115 
GLU CA   C  N S 116 
GLU C    C  N N 117 
GLU O    O  N N 118 
GLU CB   C  N N 119 
GLU CG   C  N N 120 
GLU CD   C  N N 121 
GLU OE1  O  N N 122 
GLU OE2  O  N N 123 
GLU OXT  O  N N 124 
GLU H    H  N N 125 
GLU H2   H  N N 126 
GLU HA   H  N N 127 
GLU HB2  H  N N 128 
GLU HB3  H  N N 129 
GLU HG2  H  N N 130 
GLU HG3  H  N N 131 
GLU HE2  H  N N 132 
GLU HXT  H  N N 133 
GLY N    N  N N 134 
GLY CA   C  N N 135 
GLY C    C  N N 136 
GLY O    O  N N 137 
GLY OXT  O  N N 138 
GLY H    H  N N 139 
GLY H2   H  N N 140 
GLY HA2  H  N N 141 
GLY HA3  H  N N 142 
GLY HXT  H  N N 143 
HOH O    O  N N 144 
HOH H1   H  N N 145 
HOH H2   H  N N 146 
ILE N    N  N N 147 
ILE CA   C  N S 148 
ILE C    C  N N 149 
ILE O    O  N N 150 
ILE CB   C  N S 151 
ILE CG1  C  N N 152 
ILE CG2  C  N N 153 
ILE CD1  C  N N 154 
ILE OXT  O  N N 155 
ILE H    H  N N 156 
ILE H2   H  N N 157 
ILE HA   H  N N 158 
ILE HB   H  N N 159 
ILE HG12 H  N N 160 
ILE HG13 H  N N 161 
ILE HG21 H  N N 162 
ILE HG22 H  N N 163 
ILE HG23 H  N N 164 
ILE HD11 H  N N 165 
ILE HD12 H  N N 166 
ILE HD13 H  N N 167 
ILE HXT  H  N N 168 
LEU N    N  N N 169 
LEU CA   C  N S 170 
LEU C    C  N N 171 
LEU O    O  N N 172 
LEU CB   C  N N 173 
LEU CG   C  N N 174 
LEU CD1  C  N N 175 
LEU CD2  C  N N 176 
LEU OXT  O  N N 177 
LEU H    H  N N 178 
LEU H2   H  N N 179 
LEU HA   H  N N 180 
LEU HB2  H  N N 181 
LEU HB3  H  N N 182 
LEU HG   H  N N 183 
LEU HD11 H  N N 184 
LEU HD12 H  N N 185 
LEU HD13 H  N N 186 
LEU HD21 H  N N 187 
LEU HD22 H  N N 188 
LEU HD23 H  N N 189 
LEU HXT  H  N N 190 
LYS N    N  N N 191 
LYS CA   C  N S 192 
LYS C    C  N N 193 
LYS O    O  N N 194 
LYS CB   C  N N 195 
LYS CG   C  N N 196 
LYS CD   C  N N 197 
LYS CE   C  N N 198 
LYS NZ   N  N N 199 
LYS OXT  O  N N 200 
LYS H    H  N N 201 
LYS H2   H  N N 202 
LYS HA   H  N N 203 
LYS HB2  H  N N 204 
LYS HB3  H  N N 205 
LYS HG2  H  N N 206 
LYS HG3  H  N N 207 
LYS HD2  H  N N 208 
LYS HD3  H  N N 209 
LYS HE2  H  N N 210 
LYS HE3  H  N N 211 
LYS HZ1  H  N N 212 
LYS HZ2  H  N N 213 
LYS HZ3  H  N N 214 
LYS HXT  H  N N 215 
MET N    N  N N 216 
MET CA   C  N S 217 
MET C    C  N N 218 
MET O    O  N N 219 
MET CB   C  N N 220 
MET CG   C  N N 221 
MET SD   S  N N 222 
MET CE   C  N N 223 
MET OXT  O  N N 224 
MET H    H  N N 225 
MET H2   H  N N 226 
MET HA   H  N N 227 
MET HB2  H  N N 228 
MET HB3  H  N N 229 
MET HG2  H  N N 230 
MET HG3  H  N N 231 
MET HE1  H  N N 232 
MET HE2  H  N N 233 
MET HE3  H  N N 234 
MET HXT  H  N N 235 
MSE N    N  N N 236 
MSE CA   C  N S 237 
MSE C    C  N N 238 
MSE O    O  N N 239 
MSE OXT  O  N N 240 
MSE CB   C  N N 241 
MSE CG   C  N N 242 
MSE SE   SE N N 243 
MSE CE   C  N N 244 
MSE H    H  N N 245 
MSE H2   H  N N 246 
MSE HA   H  N N 247 
MSE HXT  H  N N 248 
MSE HB2  H  N N 249 
MSE HB3  H  N N 250 
MSE HG2  H  N N 251 
MSE HG3  H  N N 252 
MSE HE1  H  N N 253 
MSE HE2  H  N N 254 
MSE HE3  H  N N 255 
PHE N    N  N N 256 
PHE CA   C  N S 257 
PHE C    C  N N 258 
PHE O    O  N N 259 
PHE CB   C  N N 260 
PHE CG   C  Y N 261 
PHE CD1  C  Y N 262 
PHE CD2  C  Y N 263 
PHE CE1  C  Y N 264 
PHE CE2  C  Y N 265 
PHE CZ   C  Y N 266 
PHE OXT  O  N N 267 
PHE H    H  N N 268 
PHE H2   H  N N 269 
PHE HA   H  N N 270 
PHE HB2  H  N N 271 
PHE HB3  H  N N 272 
PHE HD1  H  N N 273 
PHE HD2  H  N N 274 
PHE HE1  H  N N 275 
PHE HE2  H  N N 276 
PHE HZ   H  N N 277 
PHE HXT  H  N N 278 
PRO N    N  N N 279 
PRO CA   C  N S 280 
PRO C    C  N N 281 
PRO O    O  N N 282 
PRO CB   C  N N 283 
PRO CG   C  N N 284 
PRO CD   C  N N 285 
PRO OXT  O  N N 286 
PRO H    H  N N 287 
PRO HA   H  N N 288 
PRO HB2  H  N N 289 
PRO HB3  H  N N 290 
PRO HG2  H  N N 291 
PRO HG3  H  N N 292 
PRO HD2  H  N N 293 
PRO HD3  H  N N 294 
PRO HXT  H  N N 295 
SER N    N  N N 296 
SER CA   C  N S 297 
SER C    C  N N 298 
SER O    O  N N 299 
SER CB   C  N N 300 
SER OG   O  N N 301 
SER OXT  O  N N 302 
SER H    H  N N 303 
SER H2   H  N N 304 
SER HA   H  N N 305 
SER HB2  H  N N 306 
SER HB3  H  N N 307 
SER HG   H  N N 308 
SER HXT  H  N N 309 
THR N    N  N N 310 
THR CA   C  N S 311 
THR C    C  N N 312 
THR O    O  N N 313 
THR CB   C  N R 314 
THR OG1  O  N N 315 
THR CG2  C  N N 316 
THR OXT  O  N N 317 
THR H    H  N N 318 
THR H2   H  N N 319 
THR HA   H  N N 320 
THR HB   H  N N 321 
THR HG1  H  N N 322 
THR HG21 H  N N 323 
THR HG22 H  N N 324 
THR HG23 H  N N 325 
THR HXT  H  N N 326 
TRP N    N  N N 327 
TRP CA   C  N S 328 
TRP C    C  N N 329 
TRP O    O  N N 330 
TRP CB   C  N N 331 
TRP CG   C  Y N 332 
TRP CD1  C  Y N 333 
TRP CD2  C  Y N 334 
TRP NE1  N  Y N 335 
TRP CE2  C  Y N 336 
TRP CE3  C  Y N 337 
TRP CZ2  C  Y N 338 
TRP CZ3  C  Y N 339 
TRP CH2  C  Y N 340 
TRP OXT  O  N N 341 
TRP H    H  N N 342 
TRP H2   H  N N 343 
TRP HA   H  N N 344 
TRP HB2  H  N N 345 
TRP HB3  H  N N 346 
TRP HD1  H  N N 347 
TRP HE1  H  N N 348 
TRP HE3  H  N N 349 
TRP HZ2  H  N N 350 
TRP HZ3  H  N N 351 
TRP HH2  H  N N 352 
TRP HXT  H  N N 353 
TYR N    N  N N 354 
TYR CA   C  N S 355 
TYR C    C  N N 356 
TYR O    O  N N 357 
TYR CB   C  N N 358 
TYR CG   C  Y N 359 
TYR CD1  C  Y N 360 
TYR CD2  C  Y N 361 
TYR CE1  C  Y N 362 
TYR CE2  C  Y N 363 
TYR CZ   C  Y N 364 
TYR OH   O  N N 365 
TYR OXT  O  N N 366 
TYR H    H  N N 367 
TYR H2   H  N N 368 
TYR HA   H  N N 369 
TYR HB2  H  N N 370 
TYR HB3  H  N N 371 
TYR HD1  H  N N 372 
TYR HD2  H  N N 373 
TYR HE1  H  N N 374 
TYR HE2  H  N N 375 
TYR HH   H  N N 376 
TYR HXT  H  N N 377 
VAL N    N  N N 378 
VAL CA   C  N S 379 
VAL C    C  N N 380 
VAL O    O  N N 381 
VAL CB   C  N N 382 
VAL CG1  C  N N 383 
VAL CG2  C  N N 384 
VAL OXT  O  N N 385 
VAL H    H  N N 386 
VAL H2   H  N N 387 
VAL HA   H  N N 388 
VAL HB   H  N N 389 
VAL HG11 H  N N 390 
VAL HG12 H  N N 391 
VAL HG13 H  N N 392 
VAL HG21 H  N N 393 
VAL HG22 H  N N 394 
VAL HG23 H  N N 395 
VAL HXT  H  N N 396 
# 
loop_
_chem_comp_bond.comp_id 
_chem_comp_bond.atom_id_1 
_chem_comp_bond.atom_id_2 
_chem_comp_bond.value_order 
_chem_comp_bond.pdbx_aromatic_flag 
_chem_comp_bond.pdbx_stereo_config 
_chem_comp_bond.pdbx_ordinal 
ALA N   CA   sing N N 1   
ALA N   H    sing N N 2   
ALA N   H2   sing N N 3   
ALA CA  C    sing N N 4   
ALA CA  CB   sing N N 5   
ALA CA  HA   sing N N 6   
ALA C   O    doub N N 7   
ALA C   OXT  sing N N 8   
ALA CB  HB1  sing N N 9   
ALA CB  HB2  sing N N 10  
ALA CB  HB3  sing N N 11  
ALA OXT HXT  sing N N 12  
ARG N   CA   sing N N 13  
ARG N   H    sing N N 14  
ARG N   H2   sing N N 15  
ARG CA  C    sing N N 16  
ARG CA  CB   sing N N 17  
ARG CA  HA   sing N N 18  
ARG C   O    doub N N 19  
ARG C   OXT  sing N N 20  
ARG CB  CG   sing N N 21  
ARG CB  HB2  sing N N 22  
ARG CB  HB3  sing N N 23  
ARG CG  CD   sing N N 24  
ARG CG  HG2  sing N N 25  
ARG CG  HG3  sing N N 26  
ARG CD  NE   sing N N 27  
ARG CD  HD2  sing N N 28  
ARG CD  HD3  sing N N 29  
ARG NE  CZ   sing N N 30  
ARG NE  HE   sing N N 31  
ARG CZ  NH1  sing N N 32  
ARG CZ  NH2  doub N N 33  
ARG NH1 HH11 sing N N 34  
ARG NH1 HH12 sing N N 35  
ARG NH2 HH21 sing N N 36  
ARG NH2 HH22 sing N N 37  
ARG OXT HXT  sing N N 38  
ASN N   CA   sing N N 39  
ASN N   H    sing N N 40  
ASN N   H2   sing N N 41  
ASN CA  C    sing N N 42  
ASN CA  CB   sing N N 43  
ASN CA  HA   sing N N 44  
ASN C   O    doub N N 45  
ASN C   OXT  sing N N 46  
ASN CB  CG   sing N N 47  
ASN CB  HB2  sing N N 48  
ASN CB  HB3  sing N N 49  
ASN CG  OD1  doub N N 50  
ASN CG  ND2  sing N N 51  
ASN ND2 HD21 sing N N 52  
ASN ND2 HD22 sing N N 53  
ASN OXT HXT  sing N N 54  
ASP N   CA   sing N N 55  
ASP N   H    sing N N 56  
ASP N   H2   sing N N 57  
ASP CA  C    sing N N 58  
ASP CA  CB   sing N N 59  
ASP CA  HA   sing N N 60  
ASP C   O    doub N N 61  
ASP C   OXT  sing N N 62  
ASP CB  CG   sing N N 63  
ASP CB  HB2  sing N N 64  
ASP CB  HB3  sing N N 65  
ASP CG  OD1  doub N N 66  
ASP CG  OD2  sing N N 67  
ASP OD2 HD2  sing N N 68  
ASP OXT HXT  sing N N 69  
CHT C4  C5   sing N N 70  
CHT C4  O6   sing N N 71  
CHT C4  HC41 sing N N 72  
CHT C4  HC42 sing N N 73  
CHT C5  N1   sing N N 74  
CHT C5  HC51 sing N N 75  
CHT C5  HC52 sing N N 76  
CHT C6  N1   sing N N 77  
CHT C6  H61  sing N N 78  
CHT C6  H62  sing N N 79  
CHT C6  H63  sing N N 80  
CHT C7  N1   sing N N 81  
CHT C7  H71  sing N N 82  
CHT C7  H72  sing N N 83  
CHT C7  H73  sing N N 84  
CHT C8  N1   sing N N 85  
CHT C8  H81  sing N N 86  
CHT C8  H82  sing N N 87  
CHT C8  H83  sing N N 88  
CHT O6  HO6  sing N N 89  
GLN N   CA   sing N N 90  
GLN N   H    sing N N 91  
GLN N   H2   sing N N 92  
GLN CA  C    sing N N 93  
GLN CA  CB   sing N N 94  
GLN CA  HA   sing N N 95  
GLN C   O    doub N N 96  
GLN C   OXT  sing N N 97  
GLN CB  CG   sing N N 98  
GLN CB  HB2  sing N N 99  
GLN CB  HB3  sing N N 100 
GLN CG  CD   sing N N 101 
GLN CG  HG2  sing N N 102 
GLN CG  HG3  sing N N 103 
GLN CD  OE1  doub N N 104 
GLN CD  NE2  sing N N 105 
GLN NE2 HE21 sing N N 106 
GLN NE2 HE22 sing N N 107 
GLN OXT HXT  sing N N 108 
GLU N   CA   sing N N 109 
GLU N   H    sing N N 110 
GLU N   H2   sing N N 111 
GLU CA  C    sing N N 112 
GLU CA  CB   sing N N 113 
GLU CA  HA   sing N N 114 
GLU C   O    doub N N 115 
GLU C   OXT  sing N N 116 
GLU CB  CG   sing N N 117 
GLU CB  HB2  sing N N 118 
GLU CB  HB3  sing N N 119 
GLU CG  CD   sing N N 120 
GLU CG  HG2  sing N N 121 
GLU CG  HG3  sing N N 122 
GLU CD  OE1  doub N N 123 
GLU CD  OE2  sing N N 124 
GLU OE2 HE2  sing N N 125 
GLU OXT HXT  sing N N 126 
GLY N   CA   sing N N 127 
GLY N   H    sing N N 128 
GLY N   H2   sing N N 129 
GLY CA  C    sing N N 130 
GLY CA  HA2  sing N N 131 
GLY CA  HA3  sing N N 132 
GLY C   O    doub N N 133 
GLY C   OXT  sing N N 134 
GLY OXT HXT  sing N N 135 
HOH O   H1   sing N N 136 
HOH O   H2   sing N N 137 
ILE N   CA   sing N N 138 
ILE N   H    sing N N 139 
ILE N   H2   sing N N 140 
ILE CA  C    sing N N 141 
ILE CA  CB   sing N N 142 
ILE CA  HA   sing N N 143 
ILE C   O    doub N N 144 
ILE C   OXT  sing N N 145 
ILE CB  CG1  sing N N 146 
ILE CB  CG2  sing N N 147 
ILE CB  HB   sing N N 148 
ILE CG1 CD1  sing N N 149 
ILE CG1 HG12 sing N N 150 
ILE CG1 HG13 sing N N 151 
ILE CG2 HG21 sing N N 152 
ILE CG2 HG22 sing N N 153 
ILE CG2 HG23 sing N N 154 
ILE CD1 HD11 sing N N 155 
ILE CD1 HD12 sing N N 156 
ILE CD1 HD13 sing N N 157 
ILE OXT HXT  sing N N 158 
LEU N   CA   sing N N 159 
LEU N   H    sing N N 160 
LEU N   H2   sing N N 161 
LEU CA  C    sing N N 162 
LEU CA  CB   sing N N 163 
LEU CA  HA   sing N N 164 
LEU C   O    doub N N 165 
LEU C   OXT  sing N N 166 
LEU CB  CG   sing N N 167 
LEU CB  HB2  sing N N 168 
LEU CB  HB3  sing N N 169 
LEU CG  CD1  sing N N 170 
LEU CG  CD2  sing N N 171 
LEU CG  HG   sing N N 172 
LEU CD1 HD11 sing N N 173 
LEU CD1 HD12 sing N N 174 
LEU CD1 HD13 sing N N 175 
LEU CD2 HD21 sing N N 176 
LEU CD2 HD22 sing N N 177 
LEU CD2 HD23 sing N N 178 
LEU OXT HXT  sing N N 179 
LYS N   CA   sing N N 180 
LYS N   H    sing N N 181 
LYS N   H2   sing N N 182 
LYS CA  C    sing N N 183 
LYS CA  CB   sing N N 184 
LYS CA  HA   sing N N 185 
LYS C   O    doub N N 186 
LYS C   OXT  sing N N 187 
LYS CB  CG   sing N N 188 
LYS CB  HB2  sing N N 189 
LYS CB  HB3  sing N N 190 
LYS CG  CD   sing N N 191 
LYS CG  HG2  sing N N 192 
LYS CG  HG3  sing N N 193 
LYS CD  CE   sing N N 194 
LYS CD  HD2  sing N N 195 
LYS CD  HD3  sing N N 196 
LYS CE  NZ   sing N N 197 
LYS CE  HE2  sing N N 198 
LYS CE  HE3  sing N N 199 
LYS NZ  HZ1  sing N N 200 
LYS NZ  HZ2  sing N N 201 
LYS NZ  HZ3  sing N N 202 
LYS OXT HXT  sing N N 203 
MET N   CA   sing N N 204 
MET N   H    sing N N 205 
MET N   H2   sing N N 206 
MET CA  C    sing N N 207 
MET CA  CB   sing N N 208 
MET CA  HA   sing N N 209 
MET C   O    doub N N 210 
MET C   OXT  sing N N 211 
MET CB  CG   sing N N 212 
MET CB  HB2  sing N N 213 
MET CB  HB3  sing N N 214 
MET CG  SD   sing N N 215 
MET CG  HG2  sing N N 216 
MET CG  HG3  sing N N 217 
MET SD  CE   sing N N 218 
MET CE  HE1  sing N N 219 
MET CE  HE2  sing N N 220 
MET CE  HE3  sing N N 221 
MET OXT HXT  sing N N 222 
MSE N   CA   sing N N 223 
MSE N   H    sing N N 224 
MSE N   H2   sing N N 225 
MSE CA  C    sing N N 226 
MSE CA  CB   sing N N 227 
MSE CA  HA   sing N N 228 
MSE C   O    doub N N 229 
MSE C   OXT  sing N N 230 
MSE OXT HXT  sing N N 231 
MSE CB  CG   sing N N 232 
MSE CB  HB2  sing N N 233 
MSE CB  HB3  sing N N 234 
MSE CG  SE   sing N N 235 
MSE CG  HG2  sing N N 236 
MSE CG  HG3  sing N N 237 
MSE SE  CE   sing N N 238 
MSE CE  HE1  sing N N 239 
MSE CE  HE2  sing N N 240 
MSE CE  HE3  sing N N 241 
PHE N   CA   sing N N 242 
PHE N   H    sing N N 243 
PHE N   H2   sing N N 244 
PHE CA  C    sing N N 245 
PHE CA  CB   sing N N 246 
PHE CA  HA   sing N N 247 
PHE C   O    doub N N 248 
PHE C   OXT  sing N N 249 
PHE CB  CG   sing N N 250 
PHE CB  HB2  sing N N 251 
PHE CB  HB3  sing N N 252 
PHE CG  CD1  doub Y N 253 
PHE CG  CD2  sing Y N 254 
PHE CD1 CE1  sing Y N 255 
PHE CD1 HD1  sing N N 256 
PHE CD2 CE2  doub Y N 257 
PHE CD2 HD2  sing N N 258 
PHE CE1 CZ   doub Y N 259 
PHE CE1 HE1  sing N N 260 
PHE CE2 CZ   sing Y N 261 
PHE CE2 HE2  sing N N 262 
PHE CZ  HZ   sing N N 263 
PHE OXT HXT  sing N N 264 
PRO N   CA   sing N N 265 
PRO N   CD   sing N N 266 
PRO N   H    sing N N 267 
PRO CA  C    sing N N 268 
PRO CA  CB   sing N N 269 
PRO CA  HA   sing N N 270 
PRO C   O    doub N N 271 
PRO C   OXT  sing N N 272 
PRO CB  CG   sing N N 273 
PRO CB  HB2  sing N N 274 
PRO CB  HB3  sing N N 275 
PRO CG  CD   sing N N 276 
PRO CG  HG2  sing N N 277 
PRO CG  HG3  sing N N 278 
PRO CD  HD2  sing N N 279 
PRO CD  HD3  sing N N 280 
PRO OXT HXT  sing N N 281 
SER N   CA   sing N N 282 
SER N   H    sing N N 283 
SER N   H2   sing N N 284 
SER CA  C    sing N N 285 
SER CA  CB   sing N N 286 
SER CA  HA   sing N N 287 
SER C   O    doub N N 288 
SER C   OXT  sing N N 289 
SER CB  OG   sing N N 290 
SER CB  HB2  sing N N 291 
SER CB  HB3  sing N N 292 
SER OG  HG   sing N N 293 
SER OXT HXT  sing N N 294 
THR N   CA   sing N N 295 
THR N   H    sing N N 296 
THR N   H2   sing N N 297 
THR CA  C    sing N N 298 
THR CA  CB   sing N N 299 
THR CA  HA   sing N N 300 
THR C   O    doub N N 301 
THR C   OXT  sing N N 302 
THR CB  OG1  sing N N 303 
THR CB  CG2  sing N N 304 
THR CB  HB   sing N N 305 
THR OG1 HG1  sing N N 306 
THR CG2 HG21 sing N N 307 
THR CG2 HG22 sing N N 308 
THR CG2 HG23 sing N N 309 
THR OXT HXT  sing N N 310 
TRP N   CA   sing N N 311 
TRP N   H    sing N N 312 
TRP N   H2   sing N N 313 
TRP CA  C    sing N N 314 
TRP CA  CB   sing N N 315 
TRP CA  HA   sing N N 316 
TRP C   O    doub N N 317 
TRP C   OXT  sing N N 318 
TRP CB  CG   sing N N 319 
TRP CB  HB2  sing N N 320 
TRP CB  HB3  sing N N 321 
TRP CG  CD1  doub Y N 322 
TRP CG  CD2  sing Y N 323 
TRP CD1 NE1  sing Y N 324 
TRP CD1 HD1  sing N N 325 
TRP CD2 CE2  doub Y N 326 
TRP CD2 CE3  sing Y N 327 
TRP NE1 CE2  sing Y N 328 
TRP NE1 HE1  sing N N 329 
TRP CE2 CZ2  sing Y N 330 
TRP CE3 CZ3  doub Y N 331 
TRP CE3 HE3  sing N N 332 
TRP CZ2 CH2  doub Y N 333 
TRP CZ2 HZ2  sing N N 334 
TRP CZ3 CH2  sing Y N 335 
TRP CZ3 HZ3  sing N N 336 
TRP CH2 HH2  sing N N 337 
TRP OXT HXT  sing N N 338 
TYR N   CA   sing N N 339 
TYR N   H    sing N N 340 
TYR N   H2   sing N N 341 
TYR CA  C    sing N N 342 
TYR CA  CB   sing N N 343 
TYR CA  HA   sing N N 344 
TYR C   O    doub N N 345 
TYR C   OXT  sing N N 346 
TYR CB  CG   sing N N 347 
TYR CB  HB2  sing N N 348 
TYR CB  HB3  sing N N 349 
TYR CG  CD1  doub Y N 350 
TYR CG  CD2  sing Y N 351 
TYR CD1 CE1  sing Y N 352 
TYR CD1 HD1  sing N N 353 
TYR CD2 CE2  doub Y N 354 
TYR CD2 HD2  sing N N 355 
TYR CE1 CZ   doub Y N 356 
TYR CE1 HE1  sing N N 357 
TYR CE2 CZ   sing Y N 358 
TYR CE2 HE2  sing N N 359 
TYR CZ  OH   sing N N 360 
TYR OH  HH   sing N N 361 
TYR OXT HXT  sing N N 362 
VAL N   CA   sing N N 363 
VAL N   H    sing N N 364 
VAL N   H2   sing N N 365 
VAL CA  C    sing N N 366 
VAL CA  CB   sing N N 367 
VAL CA  HA   sing N N 368 
VAL C   O    doub N N 369 
VAL C   OXT  sing N N 370 
VAL CB  CG1  sing N N 371 
VAL CB  CG2  sing N N 372 
VAL CB  HB   sing N N 373 
VAL CG1 HG11 sing N N 374 
VAL CG1 HG12 sing N N 375 
VAL CG1 HG13 sing N N 376 
VAL CG2 HG21 sing N N 377 
VAL CG2 HG22 sing N N 378 
VAL CG2 HG23 sing N N 379 
VAL OXT HXT  sing N N 380 
# 
_atom_sites.entry_id                    1H8G 
_atom_sites.fract_transf_matrix[1][1]   0.00698365 
_atom_sites.fract_transf_matrix[1][2]   0.00569833 
_atom_sites.fract_transf_matrix[1][3]   -0.00487849 
_atom_sites.fract_transf_matrix[2][1]   0.00721378 
_atom_sites.fract_transf_matrix[2][2]   -0.00692958 
_atom_sites.fract_transf_matrix[2][3]   0.00223256 
_atom_sites.fract_transf_matrix[3][1]   -0.00293091 
_atom_sites.fract_transf_matrix[3][2]   -0.00705951 
_atom_sites.fract_transf_matrix[3][3]   -0.01244152 
_atom_sites.fract_transf_vector[1]      0.752590 
_atom_sites.fract_transf_vector[2]      0.645289 
_atom_sites.fract_transf_vector[3]      0.306651 
# 
loop_
_atom_type.symbol 
C  
N  
O  
SE 
# 
loop_
_atom_site.group_PDB 
_atom_site.id 
_atom_site.type_symbol 
_atom_site.label_atom_id 
_atom_site.label_alt_id 
_atom_site.label_comp_id 
_atom_site.label_asym_id 
_atom_site.label_entity_id 
_atom_site.label_seq_id 
_atom_site.pdbx_PDB_ins_code 
_atom_site.Cartn_x 
_atom_site.Cartn_y 
_atom_site.Cartn_z 
_atom_site.occupancy 
_atom_site.B_iso_or_equiv 
_atom_site.pdbx_formal_charge 
_atom_site.auth_seq_id 
_atom_site.auth_comp_id 
_atom_site.auth_asym_id 
_atom_site.auth_atom_id 
_atom_site.pdbx_PDB_model_num 
ATOM   1    N  N   . THR A 1 1  ? 15.419  9.194   -0.773  1.00 73.30 ? 224  THR A N   1 
ATOM   2    C  CA  . THR A 1 1  ? 16.030  8.938   0.565   1.00 72.78 ? 224  THR A CA  1 
ATOM   3    C  C   . THR A 1 1  ? 15.291  7.789   1.260   1.00 72.08 ? 224  THR A C   1 
ATOM   4    O  O   . THR A 1 1  ? 14.765  6.875   0.615   1.00 71.60 ? 224  THR A O   1 
ATOM   5    C  CB  . THR A 1 1  ? 15.934  10.189  1.481   1.00 72.81 ? 224  THR A CB  1 
ATOM   6    O  OG1 . THR A 1 1  ? 15.992  11.380  0.686   1.00 74.06 ? 224  THR A OG1 1 
ATOM   7    C  CG2 . THR A 1 1  ? 17.085  10.203  2.484   1.00 72.55 ? 224  THR A CG2 1 
ATOM   8    N  N   . ASP A 1 2  ? 15.265  7.851   2.588   1.00 70.41 ? 225  ASP A N   1 
ATOM   9    C  CA  . ASP A 1 2  ? 14.588  6.858   3.402   1.00 67.36 ? 225  ASP A CA  1 
ATOM   10   C  C   . ASP A 1 2  ? 13.701  7.656   4.351   1.00 64.53 ? 225  ASP A C   1 
ATOM   11   O  O   . ASP A 1 2  ? 13.989  8.818   4.645   1.00 63.96 ? 225  ASP A O   1 
ATOM   12   C  CB  . ASP A 1 2  ? 15.606  6.037   4.189   1.00 69.20 ? 225  ASP A CB  1 
ATOM   13   C  CG  . ASP A 1 2  ? 15.250  4.573   4.240   1.00 71.19 ? 225  ASP A CG  1 
ATOM   14   O  OD1 . ASP A 1 2  ? 15.163  3.956   3.155   1.00 71.95 ? 225  ASP A OD1 1 
ATOM   15   O  OD2 . ASP A 1 2  ? 15.058  4.040   5.357   1.00 72.11 ? 225  ASP A OD2 1 
ATOM   16   N  N   . GLY A 1 3  ? 12.621  7.046   4.823   1.00 61.08 ? 226  GLY A N   1 
ATOM   17   C  CA  . GLY A 1 3  ? 11.729  7.760   5.713   1.00 57.15 ? 226  GLY A CA  1 
ATOM   18   C  C   . GLY A 1 3  ? 10.593  6.904   6.220   1.00 54.04 ? 226  GLY A C   1 
ATOM   19   O  O   . GLY A 1 3  ? 10.712  5.684   6.286   1.00 53.38 ? 226  GLY A O   1 
ATOM   20   N  N   . ASN A 1 4  ? 9.480   7.545   6.561   1.00 51.25 ? 227  ASN A N   1 
ATOM   21   C  CA  . ASN A 1 4  ? 8.330   6.840   7.095   1.00 49.51 ? 227  ASN A CA  1 
ATOM   22   C  C   . ASN A 1 4  ? 6.995   7.464   6.697   1.00 48.51 ? 227  ASN A C   1 
ATOM   23   O  O   . ASN A 1 4  ? 6.918   8.658   6.407   1.00 50.29 ? 227  ASN A O   1 
ATOM   24   C  CB  . ASN A 1 4  ? 8.442   6.795   8.623   1.00 50.04 ? 227  ASN A CB  1 
ATOM   25   C  CG  . ASN A 1 4  ? 9.561   5.884   9.097   1.00 51.65 ? 227  ASN A CG  1 
ATOM   26   O  OD1 . ASN A 1 4  ? 9.427   4.657   9.083   1.00 52.31 ? 227  ASN A OD1 1 
ATOM   27   N  ND2 . ASN A 1 4  ? 10.676  6.477   9.506   1.00 51.82 ? 227  ASN A ND2 1 
ATOM   28   N  N   . TRP A 1 5  ? 5.948   6.644   6.690   1.00 44.34 ? 228  TRP A N   1 
ATOM   29   C  CA  . TRP A 1 5  ? 4.609   7.106   6.357   1.00 41.40 ? 228  TRP A CA  1 
ATOM   30   C  C   . TRP A 1 5  ? 3.900   7.566   7.613   1.00 40.28 ? 228  TRP A C   1 
ATOM   31   O  O   . TRP A 1 5  ? 4.127   7.023   8.684   1.00 40.72 ? 228  TRP A O   1 
ATOM   32   C  CB  . TRP A 1 5  ? 3.784   5.983   5.734   1.00 39.00 ? 228  TRP A CB  1 
ATOM   33   C  CG  . TRP A 1 5  ? 4.120   5.703   4.320   1.00 38.42 ? 228  TRP A CG  1 
ATOM   34   C  CD1 . TRP A 1 5  ? 4.991   4.763   3.850   1.00 36.58 ? 228  TRP A CD1 1 
ATOM   35   C  CD2 . TRP A 1 5  ? 3.598   6.381   3.176   1.00 36.07 ? 228  TRP A CD2 1 
ATOM   36   N  NE1 . TRP A 1 5  ? 5.041   4.816   2.478   1.00 38.41 ? 228  TRP A NE1 1 
ATOM   37   C  CE2 . TRP A 1 5  ? 4.196   5.800   2.038   1.00 34.90 ? 228  TRP A CE2 1 
ATOM   38   C  CE3 . TRP A 1 5  ? 2.680   7.425   3.001   1.00 35.05 ? 228  TRP A CE3 1 
ATOM   39   C  CZ2 . TRP A 1 5  ? 3.908   6.225   0.741   1.00 36.07 ? 228  TRP A CZ2 1 
ATOM   40   C  CZ3 . TRP A 1 5  ? 2.392   7.849   1.711   1.00 33.68 ? 228  TRP A CZ3 1 
ATOM   41   C  CH2 . TRP A 1 5  ? 3.006   7.248   0.596   1.00 33.67 ? 228  TRP A CH2 1 
ATOM   42   N  N   . TYR A 1 6  ? 3.038   8.565   7.477   1.00 39.86 ? 229  TYR A N   1 
ATOM   43   C  CA  . TYR A 1 6  ? 2.272   9.083   8.607   1.00 38.71 ? 229  TYR A CA  1 
ATOM   44   C  C   . TYR A 1 6  ? 0.863   9.366   8.130   1.00 37.59 ? 229  TYR A C   1 
ATOM   45   O  O   . TYR A 1 6  ? 0.626   9.485   6.933   1.00 38.61 ? 229  TYR A O   1 
ATOM   46   C  CB  . TYR A 1 6  ? 2.872   10.387  9.140   1.00 37.85 ? 229  TYR A CB  1 
ATOM   47   C  CG  . TYR A 1 6  ? 4.281   10.263  9.641   1.00 38.29 ? 229  TYR A CG  1 
ATOM   48   C  CD1 . TYR A 1 6  ? 5.338   10.092  8.756   1.00 39.52 ? 229  TYR A CD1 1 
ATOM   49   C  CD2 . TYR A 1 6  ? 4.561   10.313  11.005  1.00 39.60 ? 229  TYR A CD2 1 
ATOM   50   C  CE1 . TYR A 1 6  ? 6.645   9.971   9.211   1.00 41.09 ? 229  TYR A CE1 1 
ATOM   51   C  CE2 . TYR A 1 6  ? 5.866   10.194  11.476  1.00 40.59 ? 229  TYR A CE2 1 
ATOM   52   C  CZ  . TYR A 1 6  ? 6.903   10.023  10.571  1.00 41.00 ? 229  TYR A CZ  1 
ATOM   53   O  OH  . TYR A 1 6  ? 8.197   9.902   11.014  1.00 40.86 ? 229  TYR A OH  1 
ATOM   54   N  N   . TRP A 1 7  ? -0.068  9.481   9.066   1.00 37.40 ? 230  TRP A N   1 
ATOM   55   C  CA  . TRP A 1 7  ? -1.446  9.773   8.723   1.00 39.79 ? 230  TRP A CA  1 
ATOM   56   C  C   . TRP A 1 7  ? -2.009  10.795  9.686   1.00 42.01 ? 230  TRP A C   1 
ATOM   57   O  O   . TRP A 1 7  ? -1.990  10.591  10.897  1.00 42.00 ? 230  TRP A O   1 
ATOM   58   C  CB  . TRP A 1 7  ? -2.296  8.501   8.753   1.00 39.75 ? 230  TRP A CB  1 
ATOM   59   C  CG  . TRP A 1 7  ? -3.786  8.764   8.799   1.00 42.93 ? 230  TRP A CG  1 
ATOM   60   C  CD1 . TRP A 1 7  ? -4.517  9.193   9.882   1.00 43.91 ? 230  TRP A CD1 1 
ATOM   61   C  CD2 . TRP A 1 7  ? -4.718  8.619   7.724   1.00 42.95 ? 230  TRP A CD2 1 
ATOM   62   N  NE1 . TRP A 1 7  ? -5.841  9.319   9.542   1.00 44.69 ? 230  TRP A NE1 1 
ATOM   63   C  CE2 . TRP A 1 7  ? -5.992  8.973   8.224   1.00 45.19 ? 230  TRP A CE2 1 
ATOM   64   C  CE3 . TRP A 1 7  ? -4.603  8.225   6.387   1.00 43.63 ? 230  TRP A CE3 1 
ATOM   65   C  CZ2 . TRP A 1 7  ? -7.143  8.943   7.429   1.00 46.03 ? 230  TRP A CZ2 1 
ATOM   66   C  CZ3 . TRP A 1 7  ? -5.744  8.194   5.594   1.00 45.46 ? 230  TRP A CZ3 1 
ATOM   67   C  CH2 . TRP A 1 7  ? -6.999  8.552   6.118   1.00 47.08 ? 230  TRP A CH2 1 
ATOM   68   N  N   . PHE A 1 8  ? -2.485  11.911  9.140   1.00 44.13 ? 231  PHE A N   1 
ATOM   69   C  CA  . PHE A 1 8  ? -3.093  12.964  9.944   1.00 46.44 ? 231  PHE A CA  1 
ATOM   70   C  C   . PHE A 1 8  ? -4.530  13.072  9.506   1.00 49.59 ? 231  PHE A C   1 
ATOM   71   O  O   . PHE A 1 8  ? -4.812  13.111  8.311   1.00 49.68 ? 231  PHE A O   1 
ATOM   72   C  CB  . PHE A 1 8  ? -2.420  14.313  9.715   1.00 44.30 ? 231  PHE A CB  1 
ATOM   73   C  CG  . PHE A 1 8  ? -1.031  14.398  10.254  1.00 44.26 ? 231  PHE A CG  1 
ATOM   74   C  CD1 . PHE A 1 8  ? 0.025   13.784  9.591   1.00 43.12 ? 231  PHE A CD1 1 
ATOM   75   C  CD2 . PHE A 1 8  ? -0.772  15.112  11.416  1.00 42.92 ? 231  PHE A CD2 1 
ATOM   76   C  CE1 . PHE A 1 8  ? 1.326   13.884  10.076  1.00 42.77 ? 231  PHE A CE1 1 
ATOM   77   C  CE2 . PHE A 1 8  ? 0.525   15.218  11.908  1.00 42.52 ? 231  PHE A CE2 1 
ATOM   78   C  CZ  . PHE A 1 8  ? 1.577   14.603  11.233  1.00 42.37 ? 231  PHE A CZ  1 
ATOM   79   N  N   . ASP A 1 9  ? -5.442  13.114  10.468  1.00 54.47 ? 232  ASP A N   1 
ATOM   80   C  CA  . ASP A 1 9  ? -6.851  13.228  10.135  1.00 58.88 ? 232  ASP A CA  1 
ATOM   81   C  C   . ASP A 1 9  ? -7.083  14.654  9.648   1.00 60.90 ? 232  ASP A C   1 
ATOM   82   O  O   . ASP A 1 9  ? -6.201  15.513  9.757   1.00 60.74 ? 232  ASP A O   1 
ATOM   83   C  CB  . ASP A 1 9  ? -7.724  12.930  11.358  1.00 61.04 ? 232  ASP A CB  1 
ATOM   84   C  CG  . ASP A 1 9  ? -8.204  14.190  12.053  1.00 63.90 ? 232  ASP A CG  1 
ATOM   85   O  OD1 . ASP A 1 9  ? -7.364  14.916  12.638  1.00 64.82 ? 232  ASP A OD1 1 
ATOM   86   O  OD2 . ASP A 1 9  ? -9.427  14.456  12.001  1.00 65.51 ? 232  ASP A OD2 1 
ATOM   87   N  N   . ASN A 1 10 ? -8.268  14.899  9.104   1.00 62.83 ? 233  ASN A N   1 
ATOM   88   C  CA  . ASN A 1 10 ? -8.614  16.216  8.594   1.00 65.76 ? 233  ASN A CA  1 
ATOM   89   C  C   . ASN A 1 10 ? -8.551  17.283  9.693   1.00 67.04 ? 233  ASN A C   1 
ATOM   90   O  O   . ASN A 1 10 ? -8.435  18.478  9.407   1.00 68.09 ? 233  ASN A O   1 
ATOM   91   C  CB  . ASN A 1 10 ? -10.010 16.151  7.966   1.00 67.66 ? 233  ASN A CB  1 
ATOM   92   C  CG  . ASN A 1 10 ? -10.049 15.263  6.727   1.00 68.87 ? 233  ASN A CG  1 
ATOM   93   O  OD1 . ASN A 1 10 ? -11.095 14.712  6.367   1.00 69.46 ? 233  ASN A OD1 1 
ATOM   94   N  ND2 . ASN A 1 10 ? -8.905  15.132  6.060   1.00 68.05 ? 233  ASN A ND2 1 
ATOM   95   N  N   . SER A 1 11 ? -8.610  16.843  10.949  1.00 66.89 ? 234  SER A N   1 
ATOM   96   C  CA  . SER A 1 11 ? -8.554  17.744  12.097  1.00 65.64 ? 234  SER A CA  1 
ATOM   97   C  C   . SER A 1 11 ? -7.114  18.138  12.412  1.00 65.04 ? 234  SER A C   1 
ATOM   98   O  O   . SER A 1 11 ? -6.865  19.131  13.096  1.00 65.07 ? 234  SER A O   1 
ATOM   99   C  CB  . SER A 1 11 ? -9.174  17.073  13.328  1.00 66.19 ? 234  SER A CB  1 
ATOM   100  O  OG  . SER A 1 11 ? -10.472 16.581  13.048  1.00 66.83 ? 234  SER A OG  1 
ATOM   101  N  N   . GLY A 1 12 ? -6.167  17.351  11.922  1.00 63.79 ? 235  GLY A N   1 
ATOM   102  C  CA  . GLY A 1 12 ? -4.770  17.655  12.169  1.00 63.03 ? 235  GLY A CA  1 
ATOM   103  C  C   . GLY A 1 12 ? -4.121  16.733  13.184  1.00 62.25 ? 235  GLY A C   1 
ATOM   104  O  O   . GLY A 1 12 ? -2.930  16.854  13.472  1.00 61.59 ? 235  GLY A O   1 
ATOM   105  N  N   . GLU A 1 13 ? -4.899  15.802  13.725  1.00 61.89 ? 236  GLU A N   1 
ATOM   106  C  CA  . GLU A 1 13 ? -4.380  14.870  14.716  1.00 62.04 ? 236  GLU A CA  1 
ATOM   107  C  C   . GLU A 1 13 ? -3.588  13.732  14.089  1.00 59.06 ? 236  GLU A C   1 
ATOM   108  O  O   . GLU A 1 13 ? -4.096  13.001  13.248  1.00 58.50 ? 236  GLU A O   1 
ATOM   109  C  CB  . GLU A 1 13 ? -5.524  14.308  15.560  1.00 65.80 ? 236  GLU A CB  1 
ATOM   110  C  CG  . GLU A 1 13 ? -6.157  15.347  16.471  1.00 72.78 ? 236  GLU A CG  1 
ATOM   111  C  CD  . GLU A 1 13 ? -7.276  14.781  17.320  1.00 76.32 ? 236  GLU A CD  1 
ATOM   112  O  OE1 . GLU A 1 13 ? -8.291  14.324  16.743  1.00 77.93 ? 236  GLU A OE1 1 
ATOM   113  O  OE2 . GLU A 1 13 ? -7.138  14.794  18.565  1.00 78.41 ? 236  GLU A OE2 1 
HETATM 114  N  N   . MSE A 1 14 ? -2.338  13.595  14.515  1.00 55.31 ? 237  MSE A N   1 
HETATM 115  C  CA  . MSE A 1 14 ? -1.462  12.559  14.004  1.00 53.68 ? 237  MSE A CA  1 
HETATM 116  C  C   . MSE A 1 14 ? -1.875  11.194  14.543  1.00 53.11 ? 237  MSE A C   1 
HETATM 117  O  O   . MSE A 1 14 ? -2.026  11.013  15.752  1.00 52.70 ? 237  MSE A O   1 
HETATM 118  C  CB  . MSE A 1 14 ? -0.011  12.859  14.395  1.00 53.08 ? 237  MSE A CB  1 
HETATM 119  C  CG  . MSE A 1 14 ? 0.963   11.834  13.892  1.00 54.37 ? 237  MSE A CG  1 
HETATM 120  SE SE  . MSE A 1 14 ? 2.806   12.313  14.139  1.00 60.79 ? 237  MSE A SE  1 
HETATM 121  C  CE  . MSE A 1 14 ? 3.118   11.437  15.841  1.00 56.46 ? 237  MSE A CE  1 
ATOM   122  N  N   . ALA A 1 15 ? -2.064  10.240  13.634  1.00 51.49 ? 238  ALA A N   1 
ATOM   123  C  CA  . ALA A 1 15 ? -2.448  8.889   14.008  1.00 49.63 ? 238  ALA A CA  1 
ATOM   124  C  C   . ALA A 1 15 ? -1.304  8.253   14.781  1.00 49.44 ? 238  ALA A C   1 
ATOM   125  O  O   . ALA A 1 15 ? -0.135  8.415   14.433  1.00 48.00 ? 238  ALA A O   1 
ATOM   126  C  CB  . ALA A 1 15 ? -2.764  8.071   12.770  1.00 48.22 ? 238  ALA A CB  1 
ATOM   127  N  N   . THR A 1 16 ? -1.648  7.540   15.844  1.00 49.80 ? 239  THR A N   1 
ATOM   128  C  CA  . THR A 1 16 ? -0.651  6.887   16.683  1.00 50.65 ? 239  THR A CA  1 
ATOM   129  C  C   . THR A 1 16 ? -1.293  5.600   17.200  1.00 50.40 ? 239  THR A C   1 
ATOM   130  O  O   . THR A 1 16 ? -2.502  5.568   17.459  1.00 50.20 ? 239  THR A O   1 
ATOM   131  C  CB  . THR A 1 16 ? -0.240  7.829   17.855  1.00 52.05 ? 239  THR A CB  1 
ATOM   132  O  OG1 . THR A 1 16 ? 1.132   7.598   18.195  1.00 53.12 ? 239  THR A OG1 1 
ATOM   133  C  CG2 . THR A 1 16 ? -1.133  7.605   19.085  1.00 50.80 ? 239  THR A CG2 1 
ATOM   134  N  N   . GLY A 1 17 ? -0.499  4.539   17.329  1.00 50.83 ? 240  GLY A N   1 
ATOM   135  C  CA  . GLY A 1 17 ? -1.038  3.269   17.792  1.00 50.99 ? 240  GLY A CA  1 
ATOM   136  C  C   . GLY A 1 17 ? -1.853  2.611   16.693  1.00 51.65 ? 240  GLY A C   1 
ATOM   137  O  O   . GLY A 1 17 ? -1.524  2.773   15.521  1.00 53.08 ? 240  GLY A O   1 
ATOM   138  N  N   . TRP A 1 18 ? -2.908  1.877   17.048  1.00 51.34 ? 241  TRP A N   1 
ATOM   139  C  CA  . TRP A 1 18 ? -3.738  1.221   16.041  1.00 50.65 ? 241  TRP A CA  1 
ATOM   140  C  C   . TRP A 1 18 ? -4.690  2.211   15.416  1.00 50.67 ? 241  TRP A C   1 
ATOM   141  O  O   . TRP A 1 18 ? -5.205  3.096   16.088  1.00 52.01 ? 241  TRP A O   1 
ATOM   142  C  CB  . TRP A 1 18 ? -4.542  0.053   16.630  1.00 50.47 ? 241  TRP A CB  1 
ATOM   143  C  CG  . TRP A 1 18 ? -3.718  -1.150  16.923  1.00 50.12 ? 241  TRP A CG  1 
ATOM   144  C  CD1 . TRP A 1 18 ? -3.240  -1.538  18.138  1.00 50.53 ? 241  TRP A CD1 1 
ATOM   145  C  CD2 . TRP A 1 18 ? -3.205  -2.091  15.973  1.00 50.48 ? 241  TRP A CD2 1 
ATOM   146  N  NE1 . TRP A 1 18 ? -2.457  -2.658  18.007  1.00 47.73 ? 241  TRP A NE1 1 
ATOM   147  C  CE2 . TRP A 1 18 ? -2.417  -3.020  16.689  1.00 49.95 ? 241  TRP A CE2 1 
ATOM   148  C  CE3 . TRP A 1 18 ? -3.331  -2.237  14.585  1.00 49.04 ? 241  TRP A CE3 1 
ATOM   149  C  CZ2 . TRP A 1 18 ? -1.755  -4.082  16.063  1.00 49.80 ? 241  TRP A CZ2 1 
ATOM   150  C  CZ3 . TRP A 1 18 ? -2.677  -3.285  13.966  1.00 49.56 ? 241  TRP A CZ3 1 
ATOM   151  C  CH2 . TRP A 1 18 ? -1.896  -4.198  14.707  1.00 50.01 ? 241  TRP A CH2 1 
ATOM   152  N  N   . LYS A 1 19 ? -4.931  2.042   14.124  1.00 51.24 ? 242  LYS A N   1 
ATOM   153  C  CA  . LYS A 1 19 ? -5.807  2.932   13.385  1.00 51.39 ? 242  LYS A CA  1 
ATOM   154  C  C   . LYS A 1 19 ? -6.380  2.180   12.198  1.00 51.08 ? 242  LYS A C   1 
ATOM   155  O  O   . LYS A 1 19 ? -5.637  1.526   11.466  1.00 52.14 ? 242  LYS A O   1 
ATOM   156  C  CB  . LYS A 1 19 ? -4.998  4.134   12.885  1.00 53.11 ? 242  LYS A CB  1 
ATOM   157  C  CG  . LYS A 1 19 ? -5.792  5.176   12.128  1.00 54.25 ? 242  LYS A CG  1 
ATOM   158  C  CD  . LYS A 1 19 ? -6.669  5.985   13.063  1.00 57.04 ? 242  LYS A CD  1 
ATOM   159  C  CE  . LYS A 1 19 ? -7.348  7.141   12.331  1.00 59.18 ? 242  LYS A CE  1 
ATOM   160  N  NZ  . LYS A 1 19 ? -8.177  7.973   13.254  1.00 60.09 ? 242  LYS A NZ  1 
ATOM   161  N  N   . LYS A 1 20 ? -7.691  2.267   12.007  1.00 50.15 ? 243  LYS A N   1 
ATOM   162  C  CA  . LYS A 1 20 ? -8.331  1.596   10.881  1.00 51.44 ? 243  LYS A CA  1 
ATOM   163  C  C   . LYS A 1 20 ? -8.617  2.600   9.773   1.00 51.72 ? 243  LYS A C   1 
ATOM   164  O  O   . LYS A 1 20 ? -9.464  3.478   9.928   1.00 52.68 ? 243  LYS A O   1 
ATOM   165  C  CB  . LYS A 1 20 ? -9.638  0.935   11.318  1.00 53.42 ? 243  LYS A CB  1 
ATOM   166  C  CG  . LYS A 1 20 ? -10.332 0.177   10.198  1.00 56.33 ? 243  LYS A CG  1 
ATOM   167  C  CD  . LYS A 1 20 ? -11.451 -0.699  10.726  1.00 58.31 ? 243  LYS A CD  1 
ATOM   168  C  CE  . LYS A 1 20 ? -12.009 -1.588  9.627   1.00 61.72 ? 243  LYS A CE  1 
ATOM   169  N  NZ  . LYS A 1 20 ? -13.019 -2.557  10.147  1.00 63.92 ? 243  LYS A NZ  1 
ATOM   170  N  N   . ILE A 1 21 ? -7.909  2.467   8.654   1.00 50.34 ? 244  ILE A N   1 
ATOM   171  C  CA  . ILE A 1 21 ? -8.077  3.374   7.524   1.00 49.43 ? 244  ILE A CA  1 
ATOM   172  C  C   . ILE A 1 21 ? -8.604  2.643   6.290   1.00 49.83 ? 244  ILE A C   1 
ATOM   173  O  O   . ILE A 1 21 ? -8.061  1.621   5.885   1.00 49.92 ? 244  ILE A O   1 
ATOM   174  C  CB  . ILE A 1 21 ? -6.729  4.051   7.166   1.00 49.59 ? 244  ILE A CB  1 
ATOM   175  C  CG1 . ILE A 1 21 ? -6.169  4.768   8.399   1.00 48.43 ? 244  ILE A CG1 1 
ATOM   176  C  CG2 . ILE A 1 21 ? -6.918  5.020   6.007   1.00 48.12 ? 244  ILE A CG2 1 
ATOM   177  C  CD1 . ILE A 1 21 ? -4.715  5.170   8.277   1.00 46.70 ? 244  ILE A CD1 1 
ATOM   178  N  N   . ALA A 1 22 ? -9.668  3.170   5.697   1.00 50.22 ? 245  ALA A N   1 
ATOM   179  C  CA  . ALA A 1 22 ? -10.251 2.559   4.511   1.00 51.61 ? 245  ALA A CA  1 
ATOM   180  C  C   . ALA A 1 22 ? -10.438 1.042   4.628   1.00 54.51 ? 245  ALA A C   1 
ATOM   181  O  O   . ALA A 1 22 ? -10.155 0.294   3.687   1.00 55.41 ? 245  ALA A O   1 
ATOM   182  C  CB  . ALA A 1 22 ? -9.398  2.882   3.298   1.00 51.48 ? 245  ALA A CB  1 
ATOM   183  N  N   . ASP A 1 23 ? -10.896 0.589   5.789   1.00 56.13 ? 246  ASP A N   1 
ATOM   184  C  CA  . ASP A 1 23 ? -11.170 -0.829  6.021   1.00 57.64 ? 246  ASP A CA  1 
ATOM   185  C  C   . ASP A 1 23 ? -9.974  -1.759  6.197   1.00 55.46 ? 246  ASP A C   1 
ATOM   186  O  O   . ASP A 1 23 ? -10.074 -2.960  5.942   1.00 55.74 ? 246  ASP A O   1 
ATOM   187  C  CB  . ASP A 1 23 ? -12.064 -1.376  4.905   1.00 61.30 ? 246  ASP A CB  1 
ATOM   188  C  CG  . ASP A 1 23 ? -12.761 -2.662  5.300   1.00 65.73 ? 246  ASP A CG  1 
ATOM   189  O  OD1 . ASP A 1 23 ? -13.406 -3.282  4.425   1.00 67.66 ? 246  ASP A OD1 1 
ATOM   190  O  OD2 . ASP A 1 23 ? -12.669 -3.052  6.490   1.00 68.32 ? 246  ASP A OD2 1 
ATOM   191  N  N   . LYS A 1 24 ? -8.847  -1.211  6.622   1.00 52.82 ? 247  LYS A N   1 
ATOM   192  C  CA  . LYS A 1 24 ? -7.658  -2.015  6.865   1.00 49.70 ? 247  LYS A CA  1 
ATOM   193  C  C   . LYS A 1 24 ? -7.054  -1.492  8.145   1.00 48.10 ? 247  LYS A C   1 
ATOM   194  O  O   . LYS A 1 24 ? -7.240  -0.325  8.481   1.00 46.20 ? 247  LYS A O   1 
ATOM   195  C  CB  . LYS A 1 24 ? -6.650  -1.873  5.735   1.00 51.35 ? 247  LYS A CB  1 
ATOM   196  C  CG  . LYS A 1 24 ? -7.051  -2.548  4.440   1.00 54.98 ? 247  LYS A CG  1 
ATOM   197  C  CD  . LYS A 1 24 ? -5.903  -2.489  3.444   1.00 56.35 ? 247  LYS A CD  1 
ATOM   198  C  CE  . LYS A 1 24 ? -6.262  -3.159  2.128   1.00 58.23 ? 247  LYS A CE  1 
ATOM   199  N  NZ  . LYS A 1 24 ? -5.119  -3.080  1.170   1.00 60.23 ? 247  LYS A NZ  1 
ATOM   200  N  N   . TRP A 1 25 ? -6.340  -2.347  8.867   1.00 45.19 ? 248  TRP A N   1 
ATOM   201  C  CA  . TRP A 1 25 ? -5.727  -1.910  10.111  1.00 42.85 ? 248  TRP A CA  1 
ATOM   202  C  C   . TRP A 1 25 ? -4.241  -1.615  9.983   1.00 42.64 ? 248  TRP A C   1 
ATOM   203  O  O   . TRP A 1 25 ? -3.492  -2.356  9.345   1.00 41.07 ? 248  TRP A O   1 
ATOM   204  C  CB  . TRP A 1 25 ? -5.952  -2.946  11.222  1.00 43.04 ? 248  TRP A CB  1 
ATOM   205  C  CG  . TRP A 1 25 ? -7.359  -2.926  11.780  1.00 42.85 ? 248  TRP A CG  1 
ATOM   206  C  CD1 . TRP A 1 25 ? -8.411  -3.696  11.382  1.00 40.94 ? 248  TRP A CD1 1 
ATOM   207  C  CD2 . TRP A 1 25 ? -7.863  -2.056  12.803  1.00 41.97 ? 248  TRP A CD2 1 
ATOM   208  N  NE1 . TRP A 1 25 ? -9.539  -3.360  12.089  1.00 43.82 ? 248  TRP A NE1 1 
ATOM   209  C  CE2 . TRP A 1 25 ? -9.230  -2.357  12.970  1.00 42.98 ? 248  TRP A CE2 1 
ATOM   210  C  CE3 . TRP A 1 25 ? -7.289  -1.049  13.596  1.00 41.83 ? 248  TRP A CE3 1 
ATOM   211  C  CZ2 . TRP A 1 25 ? -10.038 -1.689  13.897  1.00 42.83 ? 248  TRP A CZ2 1 
ATOM   212  C  CZ3 . TRP A 1 25 ? -8.092  -0.384  14.520  1.00 42.36 ? 248  TRP A CZ3 1 
ATOM   213  C  CH2 . TRP A 1 25 ? -9.452  -0.708  14.660  1.00 43.10 ? 248  TRP A CH2 1 
ATOM   214  N  N   . TYR A 1 26 ? -3.825  -0.515  10.594  1.00 40.97 ? 249  TYR A N   1 
ATOM   215  C  CA  . TYR A 1 26 ? -2.433  -0.124  10.579  1.00 40.83 ? 249  TYR A CA  1 
ATOM   216  C  C   . TYR A 1 26 ? -2.006  0.185   11.995  1.00 41.53 ? 249  TYR A C   1 
ATOM   217  O  O   . TYR A 1 26 ? -2.833  0.485   12.852  1.00 40.73 ? 249  TYR A O   1 
ATOM   218  C  CB  . TYR A 1 26 ? -2.220  1.119   9.712   1.00 40.23 ? 249  TYR A CB  1 
ATOM   219  C  CG  . TYR A 1 26 ? -2.620  0.936   8.272   1.00 38.64 ? 249  TYR A CG  1 
ATOM   220  C  CD1 . TYR A 1 26 ? -3.951  1.086   7.869   1.00 37.97 ? 249  TYR A CD1 1 
ATOM   221  C  CD2 . TYR A 1 26 ? -1.670  0.601   7.311   1.00 36.61 ? 249  TYR A CD2 1 
ATOM   222  C  CE1 . TYR A 1 26 ? -4.322  0.909   6.538   1.00 38.12 ? 249  TYR A CE1 1 
ATOM   223  C  CE2 . TYR A 1 26 ? -2.032  0.416   5.979   1.00 36.94 ? 249  TYR A CE2 1 
ATOM   224  C  CZ  . TYR A 1 26 ? -3.352  0.571   5.602   1.00 37.37 ? 249  TYR A CZ  1 
ATOM   225  O  OH  . TYR A 1 26 ? -3.697  0.375   4.291   1.00 38.82 ? 249  TYR A OH  1 
ATOM   226  N  N   . TYR A 1 27 ? -0.706  0.111   12.237  1.00 42.55 ? 250  TYR A N   1 
ATOM   227  C  CA  . TYR A 1 27 ? -0.179  0.407   13.552  1.00 43.69 ? 250  TYR A CA  1 
ATOM   228  C  C   . TYR A 1 27 ? 0.946   1.417   13.439  1.00 45.11 ? 250  TYR A C   1 
ATOM   229  O  O   . TYR A 1 27 ? 1.951   1.176   12.765  1.00 44.61 ? 250  TYR A O   1 
ATOM   230  C  CB  . TYR A 1 27 ? 0.347   -0.859  14.219  1.00 45.54 ? 250  TYR A CB  1 
ATOM   231  C  CG  . TYR A 1 27 ? 0.918   -0.601  15.592  1.00 45.65 ? 250  TYR A CG  1 
ATOM   232  C  CD1 . TYR A 1 27 ? 0.081   -0.395  16.691  1.00 45.48 ? 250  TYR A CD1 1 
ATOM   233  C  CD2 . TYR A 1 27 ? 2.295   -0.515  15.783  1.00 45.31 ? 250  TYR A CD2 1 
ATOM   234  C  CE1 . TYR A 1 27 ? 0.610   -0.103  17.945  1.00 47.68 ? 250  TYR A CE1 1 
ATOM   235  C  CE2 . TYR A 1 27 ? 2.831   -0.228  17.027  1.00 46.07 ? 250  TYR A CE2 1 
ATOM   236  C  CZ  . TYR A 1 27 ? 1.989   -0.022  18.101  1.00 47.71 ? 250  TYR A CZ  1 
ATOM   237  O  OH  . TYR A 1 27 ? 2.531   0.278   19.327  1.00 49.60 ? 250  TYR A OH  1 
ATOM   238  N  N   . PHE A 1 28 ? 0.763   2.553   14.101  1.00 45.55 ? 251  PHE A N   1 
ATOM   239  C  CA  . PHE A 1 28 ? 1.756   3.618   14.103  1.00 45.49 ? 251  PHE A CA  1 
ATOM   240  C  C   . PHE A 1 28 ? 2.435   3.635   15.477  1.00 47.60 ? 251  PHE A C   1 
ATOM   241  O  O   . PHE A 1 28 ? 1.771   3.456   16.509  1.00 46.71 ? 251  PHE A O   1 
ATOM   242  C  CB  . PHE A 1 28 ? 1.069   4.960   13.847  1.00 43.82 ? 251  PHE A CB  1 
ATOM   243  C  CG  . PHE A 1 28 ? 0.272   5.005   12.566  1.00 42.34 ? 251  PHE A CG  1 
ATOM   244  C  CD1 . PHE A 1 28 ? 0.867   5.407   11.371  1.00 40.60 ? 251  PHE A CD1 1 
ATOM   245  C  CD2 . PHE A 1 28 ? -1.073  4.649   12.560  1.00 39.71 ? 251  PHE A CD2 1 
ATOM   246  C  CE1 . PHE A 1 28 ? 0.128   5.457   10.182  1.00 42.27 ? 251  PHE A CE1 1 
ATOM   247  C  CE2 . PHE A 1 28 ? -1.822  4.691   11.386  1.00 39.49 ? 251  PHE A CE2 1 
ATOM   248  C  CZ  . PHE A 1 28 ? -1.221  5.099   10.190  1.00 41.42 ? 251  PHE A CZ  1 
ATOM   249  N  N   . ASN A 1 29 ? 3.752   3.833   15.499  1.00 48.34 ? 252  ASN A N   1 
ATOM   250  C  CA  . ASN A 1 29 ? 4.465   3.879   16.767  1.00 49.62 ? 252  ASN A CA  1 
ATOM   251  C  C   . ASN A 1 29 ? 4.111   5.181   17.480  1.00 52.48 ? 252  ASN A C   1 
ATOM   252  O  O   . ASN A 1 29 ? 3.198   5.897   17.051  1.00 53.24 ? 252  ASN A O   1 
ATOM   253  C  CB  . ASN A 1 29 ? 5.981   3.756   16.551  1.00 46.84 ? 252  ASN A CB  1 
ATOM   254  C  CG  . ASN A 1 29 ? 6.578   4.938   15.813  1.00 46.71 ? 252  ASN A CG  1 
ATOM   255  O  OD1 . ASN A 1 29 ? 7.704   4.863   15.325  1.00 44.82 ? 252  ASN A OD1 1 
ATOM   256  N  ND2 . ASN A 1 29 ? 5.838   6.036   15.737  1.00 45.28 ? 252  ASN A ND2 1 
ATOM   257  N  N   . GLU A 1 30 ? 4.826   5.486   18.562  1.00 55.46 ? 253  GLU A N   1 
ATOM   258  C  CA  . GLU A 1 30 ? 4.573   6.694   19.355  1.00 57.51 ? 253  GLU A CA  1 
ATOM   259  C  C   . GLU A 1 30 ? 4.870   7.996   18.617  1.00 56.62 ? 253  GLU A C   1 
ATOM   260  O  O   . GLU A 1 30 ? 4.330   9.052   18.958  1.00 55.09 ? 253  GLU A O   1 
ATOM   261  C  CB  . GLU A 1 30 ? 5.386   6.639   20.647  1.00 59.98 ? 253  GLU A CB  1 
ATOM   262  C  CG  . GLU A 1 30 ? 4.918   5.550   21.595  1.00 65.10 ? 253  GLU A CG  1 
ATOM   263  C  CD  . GLU A 1 30 ? 5.918   5.270   22.703  1.00 67.22 ? 253  GLU A CD  1 
ATOM   264  O  OE1 . GLU A 1 30 ? 6.314   6.225   23.409  1.00 67.74 ? 253  GLU A OE1 1 
ATOM   265  O  OE2 . GLU A 1 30 ? 6.306   4.091   22.862  1.00 68.59 ? 253  GLU A OE2 1 
ATOM   266  N  N   . GLU A 1 31 ? 5.724   7.903   17.603  1.00 56.47 ? 254  GLU A N   1 
ATOM   267  C  CA  . GLU A 1 31 ? 6.104   9.049   16.792  1.00 56.44 ? 254  GLU A CA  1 
ATOM   268  C  C   . GLU A 1 31 ? 5.260   9.158   15.520  1.00 54.67 ? 254  GLU A C   1 
ATOM   269  O  O   . GLU A 1 31 ? 5.589   9.931   14.624  1.00 54.77 ? 254  GLU A O   1 
ATOM   270  C  CB  . GLU A 1 31 ? 7.576   8.940   16.408  1.00 58.92 ? 254  GLU A CB  1 
ATOM   271  C  CG  . GLU A 1 31 ? 8.531   8.985   17.579  1.00 63.51 ? 254  GLU A CG  1 
ATOM   272  C  CD  . GLU A 1 31 ? 9.608   7.920   17.473  1.00 68.40 ? 254  GLU A CD  1 
ATOM   273  O  OE1 . GLU A 1 31 ? 9.352   6.765   17.902  1.00 67.91 ? 254  GLU A OE1 1 
ATOM   274  O  OE2 . GLU A 1 31 ? 10.703  8.237   16.946  1.00 70.70 ? 254  GLU A OE2 1 
ATOM   275  N  N   . GLY A 1 32 ? 4.185   8.376   15.441  1.00 52.33 ? 255  GLY A N   1 
ATOM   276  C  CA  . GLY A 1 32 ? 3.314   8.411   14.276  1.00 48.95 ? 255  GLY A CA  1 
ATOM   277  C  C   . GLY A 1 32 ? 3.818   7.679   13.044  1.00 47.53 ? 255  GLY A C   1 
ATOM   278  O  O   . GLY A 1 32 ? 3.121   7.626   12.037  1.00 47.66 ? 255  GLY A O   1 
ATOM   279  N  N   . ALA A 1 33 ? 5.019   7.115   13.121  1.00 45.31 ? 256  ALA A N   1 
ATOM   280  C  CA  . ALA A 1 33 ? 5.607   6.386   11.999  1.00 46.16 ? 256  ALA A CA  1 
ATOM   281  C  C   . ALA A 1 33 ? 4.957   5.011   11.814  1.00 46.16 ? 256  ALA A C   1 
ATOM   282  O  O   . ALA A 1 33 ? 4.944   4.195   12.735  1.00 47.07 ? 256  ALA A O   1 
ATOM   283  C  CB  . ALA A 1 33 ? 7.121   6.232   12.216  1.00 42.83 ? 256  ALA A CB  1 
HETATM 284  N  N   . MSE A 1 34 ? 4.438   4.753   10.617  1.00 46.35 ? 257  MSE A N   1 
HETATM 285  C  CA  . MSE A 1 34 ? 3.766   3.490   10.314  1.00 45.07 ? 257  MSE A CA  1 
HETATM 286  C  C   . MSE A 1 34 ? 4.739   2.328   10.437  1.00 46.76 ? 257  MSE A C   1 
HETATM 287  O  O   . MSE A 1 34 ? 5.830   2.352   9.859   1.00 46.40 ? 257  MSE A O   1 
HETATM 288  C  CB  . MSE A 1 34 ? 3.177   3.524   8.896   1.00 44.90 ? 257  MSE A CB  1 
HETATM 289  C  CG  . MSE A 1 34 ? 2.298   2.313   8.539   1.00 42.60 ? 257  MSE A CG  1 
HETATM 290  SE SE  . MSE A 1 34 ? 1.879   2.107   6.629   1.00 42.67 ? 257  MSE A SE  1 
HETATM 291  C  CE  . MSE A 1 34 ? 3.628   1.548   6.056   1.00 32.18 ? 257  MSE A CE  1 
ATOM   292  N  N   . LYS A 1 35 ? 4.338   1.306   11.191  1.00 46.66 ? 258  LYS A N   1 
ATOM   293  C  CA  . LYS A 1 35 ? 5.178   0.134   11.394  1.00 47.16 ? 258  LYS A CA  1 
ATOM   294  C  C   . LYS A 1 35 ? 4.892   -0.978  10.396  1.00 47.33 ? 258  LYS A C   1 
ATOM   295  O  O   . LYS A 1 35 ? 3.770   -1.127  9.916   1.00 47.37 ? 258  LYS A O   1 
ATOM   296  C  CB  . LYS A 1 35 ? 4.985   -0.415  12.810  1.00 49.44 ? 258  LYS A CB  1 
ATOM   297  C  CG  . LYS A 1 35 ? 5.374   0.541   13.928  1.00 51.09 ? 258  LYS A CG  1 
ATOM   298  C  CD  . LYS A 1 35 ? 6.844   0.929   13.842  1.00 54.28 ? 258  LYS A CD  1 
ATOM   299  C  CE  . LYS A 1 35 ? 7.758   -0.293  13.914  1.00 56.39 ? 258  LYS A CE  1 
ATOM   300  N  NZ  . LYS A 1 35 ? 9.196   0.100   13.799  1.00 56.36 ? 258  LYS A NZ  1 
ATOM   301  N  N   . THR A 1 36 ? 5.920   -1.747  10.070  1.00 47.01 ? 259  THR A N   1 
ATOM   302  C  CA  . THR A 1 36 ? 5.762   -2.876  9.168   1.00 48.58 ? 259  THR A CA  1 
ATOM   303  C  C   . THR A 1 36 ? 6.459   -4.056  9.835   1.00 48.02 ? 259  THR A C   1 
ATOM   304  O  O   . THR A 1 36 ? 7.301   -3.868  10.714  1.00 46.69 ? 259  THR A O   1 
ATOM   305  C  CB  . THR A 1 36 ? 6.385   -2.608  7.782   1.00 48.40 ? 259  THR A CB  1 
ATOM   306  O  OG1 . THR A 1 36 ? 7.803   -2.478  7.903   1.00 49.39 ? 259  THR A OG1 1 
ATOM   307  C  CG2 . THR A 1 36 ? 5.819   -1.337  7.187   1.00 48.86 ? 259  THR A CG2 1 
ATOM   308  N  N   . GLY A 1 37 ? 6.099   -5.270  9.435   1.00 49.97 ? 260  GLY A N   1 
ATOM   309  C  CA  . GLY A 1 37 ? 6.700   -6.449  10.038  1.00 49.74 ? 260  GLY A CA  1 
ATOM   310  C  C   . GLY A 1 37 ? 6.079   -6.760  11.393  1.00 50.68 ? 260  GLY A C   1 
ATOM   311  O  O   . GLY A 1 37 ? 4.971   -6.302  11.708  1.00 49.13 ? 260  GLY A O   1 
ATOM   312  N  N   . TRP A 1 38 ? 6.793   -7.534  12.204  1.00 51.84 ? 261  TRP A N   1 
ATOM   313  C  CA  . TRP A 1 38 ? 6.305   -7.919  13.525  1.00 51.56 ? 261  TRP A CA  1 
ATOM   314  C  C   . TRP A 1 38 ? 6.215   -6.753  14.489  1.00 53.29 ? 261  TRP A C   1 
ATOM   315  O  O   . TRP A 1 38 ? 7.106   -5.910  14.548  1.00 54.54 ? 261  TRP A O   1 
ATOM   316  C  CB  . TRP A 1 38 ? 7.200   -9.006  14.126  1.00 49.75 ? 261  TRP A CB  1 
ATOM   317  C  CG  . TRP A 1 38 ? 7.083   -10.316 13.422  1.00 47.40 ? 261  TRP A CG  1 
ATOM   318  C  CD1 . TRP A 1 38 ? 7.941   -10.837 12.497  1.00 47.52 ? 261  TRP A CD1 1 
ATOM   319  C  CD2 . TRP A 1 38 ? 5.992   -11.236 13.520  1.00 45.34 ? 261  TRP A CD2 1 
ATOM   320  N  NE1 . TRP A 1 38 ? 7.448   -12.024 12.005  1.00 47.03 ? 261  TRP A NE1 1 
ATOM   321  C  CE2 . TRP A 1 38 ? 6.251   -12.291 12.618  1.00 45.71 ? 261  TRP A CE2 1 
ATOM   322  C  CE3 . TRP A 1 38 ? 4.819   -11.268 14.278  1.00 43.85 ? 261  TRP A CE3 1 
ATOM   323  C  CZ2 . TRP A 1 38 ? 5.378   -13.364 12.455  1.00 44.84 ? 261  TRP A CZ2 1 
ATOM   324  C  CZ3 . TRP A 1 38 ? 3.953   -12.334 14.113  1.00 44.79 ? 261  TRP A CZ3 1 
ATOM   325  C  CH2 . TRP A 1 38 ? 4.237   -13.366 13.209  1.00 44.05 ? 261  TRP A CH2 1 
ATOM   326  N  N   . VAL A 1 39 ? 5.126   -6.707  15.245  1.00 54.39 ? 262  VAL A N   1 
ATOM   327  C  CA  . VAL A 1 39 ? 4.928   -5.658  16.228  1.00 56.26 ? 262  VAL A CA  1 
ATOM   328  C  C   . VAL A 1 39 ? 4.289   -6.264  17.473  1.00 58.74 ? 262  VAL A C   1 
ATOM   329  O  O   . VAL A 1 39 ? 3.274   -6.958  17.386  1.00 58.78 ? 262  VAL A O   1 
ATOM   330  C  CB  . VAL A 1 39 ? 4.008   -4.542  15.682  1.00 56.77 ? 262  VAL A CB  1 
ATOM   331  C  CG1 . VAL A 1 39 ? 2.642   -5.109  15.349  1.00 56.30 ? 262  VAL A CG1 1 
ATOM   332  C  CG2 . VAL A 1 39 ? 3.871   -3.429  16.707  1.00 54.88 ? 262  VAL A CG2 1 
ATOM   333  N  N   . LYS A 1 40 ? 4.888   -6.023  18.634  1.00 61.07 ? 263  LYS A N   1 
ATOM   334  C  CA  . LYS A 1 40 ? 4.322   -6.561  19.862  1.00 64.21 ? 263  LYS A CA  1 
ATOM   335  C  C   . LYS A 1 40 ? 3.448   -5.495  20.493  1.00 64.83 ? 263  LYS A C   1 
ATOM   336  O  O   . LYS A 1 40 ? 3.904   -4.394  20.783  1.00 64.54 ? 263  LYS A O   1 
ATOM   337  C  CB  . LYS A 1 40 ? 5.422   -6.986  20.838  1.00 67.63 ? 263  LYS A CB  1 
ATOM   338  C  CG  . LYS A 1 40 ? 4.904   -7.817  22.012  1.00 70.23 ? 263  LYS A CG  1 
ATOM   339  C  CD  . LYS A 1 40 ? 6.029   -8.205  22.960  1.00 73.58 ? 263  LYS A CD  1 
ATOM   340  C  CE  . LYS A 1 40 ? 5.506   -8.990  24.162  1.00 75.14 ? 263  LYS A CE  1 
ATOM   341  N  NZ  . LYS A 1 40 ? 4.906   -10.295 23.761  1.00 76.64 ? 263  LYS A NZ  1 
ATOM   342  N  N   . TYR A 1 41 ? 2.182   -5.829  20.690  1.00 66.19 ? 264  TYR A N   1 
ATOM   343  C  CA  . TYR A 1 41 ? 1.235   -4.906  21.278  1.00 67.97 ? 264  TYR A CA  1 
ATOM   344  C  C   . TYR A 1 41 ? 0.672   -5.504  22.562  1.00 70.74 ? 264  TYR A C   1 
ATOM   345  O  O   . TYR A 1 41 ? -0.292  -6.276  22.531  1.00 70.71 ? 264  TYR A O   1 
ATOM   346  C  CB  . TYR A 1 41 ? 0.111   -4.635  20.282  1.00 67.38 ? 264  TYR A CB  1 
ATOM   347  C  CG  . TYR A 1 41 ? -1.019  -3.767  20.798  1.00 66.11 ? 264  TYR A CG  1 
ATOM   348  C  CD1 . TYR A 1 41 ? -0.818  -2.416  21.101  1.00 65.11 ? 264  TYR A CD1 1 
ATOM   349  C  CD2 . TYR A 1 41 ? -2.308  -4.292  20.941  1.00 64.40 ? 264  TYR A CD2 1 
ATOM   350  C  CE1 . TYR A 1 41 ? -1.877  -1.611  21.532  1.00 64.53 ? 264  TYR A CE1 1 
ATOM   351  C  CE2 . TYR A 1 41 ? -3.364  -3.500  21.369  1.00 64.66 ? 264  TYR A CE2 1 
ATOM   352  C  CZ  . TYR A 1 41 ? -3.145  -2.164  21.661  1.00 64.58 ? 264  TYR A CZ  1 
ATOM   353  O  OH  . TYR A 1 41 ? -4.204  -1.390  22.070  1.00 66.12 ? 264  TYR A OH  1 
ATOM   354  N  N   . LYS A 1 42 ? 1.298   -5.153  23.685  1.00 72.96 ? 265  LYS A N   1 
ATOM   355  C  CA  . LYS A 1 42 ? 0.876   -5.628  24.998  1.00 74.15 ? 265  LYS A CA  1 
ATOM   356  C  C   . LYS A 1 42 ? 0.756   -7.153  25.084  1.00 75.30 ? 265  LYS A C   1 
ATOM   357  O  O   . LYS A 1 42 ? -0.352  -7.706  25.049  1.00 76.09 ? 265  LYS A O   1 
ATOM   358  C  CB  . LYS A 1 42 ? -0.466  -4.989  25.367  1.00 74.66 ? 265  LYS A CB  1 
ATOM   359  C  CG  . LYS A 1 42 ? -0.525  -3.496  25.080  1.00 76.09 ? 265  LYS A CG  1 
ATOM   360  C  CD  . LYS A 1 42 ? -1.963  -3.003  24.948  1.00 76.82 ? 265  LYS A CD  1 
ATOM   361  C  CE  . LYS A 1 42 ? -2.614  -2.757  26.294  1.00 77.84 ? 265  LYS A CE  1 
ATOM   362  N  NZ  . LYS A 1 42 ? -2.029  -1.559  26.965  1.00 79.17 ? 265  LYS A NZ  1 
ATOM   363  N  N   . ASP A 1 43 ? 1.903   -7.826  25.171  1.00 75.78 ? 266  ASP A N   1 
ATOM   364  C  CA  . ASP A 1 43 ? 1.962   -9.286  25.308  1.00 76.61 ? 266  ASP A CA  1 
ATOM   365  C  C   . ASP A 1 43 ? 1.681   -10.126 24.051  1.00 76.22 ? 266  ASP A C   1 
ATOM   366  O  O   . ASP A 1 43 ? 2.092   -11.288 23.981  1.00 76.79 ? 266  ASP A O   1 
ATOM   367  C  CB  . ASP A 1 43 ? 1.012   -9.740  26.429  1.00 77.62 ? 266  ASP A CB  1 
ATOM   368  C  CG  . ASP A 1 43 ? 1.529   -10.961 27.184  1.00 79.16 ? 266  ASP A CG  1 
ATOM   369  O  OD1 . ASP A 1 43 ? 0.746   -11.554 27.961  1.00 79.52 ? 266  ASP A OD1 1 
ATOM   370  O  OD2 . ASP A 1 43 ? 2.716   -11.321 27.009  1.00 80.06 ? 266  ASP A OD2 1 
ATOM   371  N  N   . THR A 1 44 ? 0.991   -9.558  23.067  1.00 74.04 ? 267  THR A N   1 
ATOM   372  C  CA  . THR A 1 44 ? 0.673   -10.303 21.851  1.00 71.18 ? 267  THR A CA  1 
ATOM   373  C  C   . THR A 1 44 ? 1.411   -9.782  20.623  1.00 68.22 ? 267  THR A C   1 
ATOM   374  O  O   . THR A 1 44 ? 1.738   -8.600  20.541  1.00 69.25 ? 267  THR A O   1 
ATOM   375  C  CB  . THR A 1 44 ? -0.829  -10.246 21.551  1.00 71.75 ? 267  THR A CB  1 
ATOM   376  O  OG1 . THR A 1 44 ? -1.564  -10.545 22.744  1.00 73.86 ? 267  THR A OG1 1 
ATOM   377  C  CG2 . THR A 1 44 ? -1.188  -11.249 20.472  1.00 71.50 ? 267  THR A CG2 1 
ATOM   378  N  N   . TRP A 1 45 ? 1.659   -10.664 19.662  1.00 63.93 ? 268  TRP A N   1 
ATOM   379  C  CA  . TRP A 1 45 ? 2.348   -10.274 18.442  1.00 59.79 ? 268  TRP A CA  1 
ATOM   380  C  C   . TRP A 1 45 ? 1.398   -10.145 17.258  1.00 57.16 ? 268  TRP A C   1 
ATOM   381  O  O   . TRP A 1 45 ? 0.395   -10.851 17.172  1.00 55.82 ? 268  TRP A O   1 
ATOM   382  C  CB  . TRP A 1 45 ? 3.448   -11.281 18.088  1.00 60.92 ? 268  TRP A CB  1 
ATOM   383  C  CG  . TRP A 1 45 ? 4.689   -11.173 18.930  1.00 63.26 ? 268  TRP A CG  1 
ATOM   384  C  CD1 . TRP A 1 45 ? 4.944   -11.817 20.108  1.00 63.94 ? 268  TRP A CD1 1 
ATOM   385  C  CD2 . TRP A 1 45 ? 5.841   -10.362 18.659  1.00 64.63 ? 268  TRP A CD2 1 
ATOM   386  N  NE1 . TRP A 1 45 ? 6.183   -11.461 20.584  1.00 64.17 ? 268  TRP A NE1 1 
ATOM   387  C  CE2 . TRP A 1 45 ? 6.755   -10.568 19.717  1.00 65.33 ? 268  TRP A CE2 1 
ATOM   388  C  CE3 . TRP A 1 45 ? 6.190   -9.478  17.627  1.00 64.65 ? 268  TRP A CE3 1 
ATOM   389  C  CZ2 . TRP A 1 45 ? 7.999   -9.922  19.774  1.00 66.30 ? 268  TRP A CZ2 1 
ATOM   390  C  CZ3 . TRP A 1 45 ? 7.424   -8.838  17.683  1.00 66.01 ? 268  TRP A CZ3 1 
ATOM   391  C  CH2 . TRP A 1 45 ? 8.314   -9.065  18.752  1.00 65.95 ? 268  TRP A CH2 1 
ATOM   392  N  N   . TYR A 1 46 ? 1.728   -9.229  16.351  1.00 54.23 ? 269  TYR A N   1 
ATOM   393  C  CA  . TYR A 1 46 ? 0.943   -8.996  15.143  1.00 50.68 ? 269  TYR A CA  1 
ATOM   394  C  C   . TYR A 1 46 ? 1.896   -8.867  13.971  1.00 49.38 ? 269  TYR A C   1 
ATOM   395  O  O   . TYR A 1 46 ? 3.101   -8.707  14.153  1.00 48.51 ? 269  TYR A O   1 
ATOM   396  C  CB  . TYR A 1 46 ? 0.144   -7.698  15.230  1.00 48.30 ? 269  TYR A CB  1 
ATOM   397  C  CG  . TYR A 1 46 ? -0.993  -7.696  16.217  1.00 48.09 ? 269  TYR A CG  1 
ATOM   398  C  CD1 . TYR A 1 46 ? -0.766  -7.454  17.573  1.00 47.35 ? 269  TYR A CD1 1 
ATOM   399  C  CD2 . TYR A 1 46 ? -2.310  -7.883  15.786  1.00 46.74 ? 269  TYR A CD2 1 
ATOM   400  C  CE1 . TYR A 1 46 ? -1.826  -7.387  18.481  1.00 47.49 ? 269  TYR A CE1 1 
ATOM   401  C  CE2 . TYR A 1 46 ? -3.373  -7.822  16.679  1.00 48.24 ? 269  TYR A CE2 1 
ATOM   402  C  CZ  . TYR A 1 46 ? -3.123  -7.570  18.027  1.00 48.08 ? 269  TYR A CZ  1 
ATOM   403  O  OH  . TYR A 1 46 ? -4.171  -7.488  18.908  1.00 46.51 ? 269  TYR A OH  1 
ATOM   404  N  N   . TYR A 1 47 ? 1.363   -8.940  12.762  1.00 47.36 ? 270  TYR A N   1 
ATOM   405  C  CA  . TYR A 1 47 ? 2.219   -8.786  11.611  1.00 47.77 ? 270  TYR A CA  1 
ATOM   406  C  C   . TYR A 1 47 ? 1.616   -7.827  10.614  1.00 46.87 ? 270  TYR A C   1 
ATOM   407  O  O   . TYR A 1 47 ? 0.496   -8.014  10.149  1.00 47.62 ? 270  TYR A O   1 
ATOM   408  C  CB  . TYR A 1 47 ? 2.507   -10.123 10.936  1.00 47.56 ? 270  TYR A CB  1 
ATOM   409  C  CG  . TYR A 1 47 ? 3.496   -9.984  9.801   1.00 46.54 ? 270  TYR A CG  1 
ATOM   410  C  CD1 . TYR A 1 47 ? 3.065   -9.903  8.479   1.00 45.66 ? 270  TYR A CD1 1 
ATOM   411  C  CD2 . TYR A 1 47 ? 4.866   -9.910  10.053  1.00 46.68 ? 270  TYR A CD2 1 
ATOM   412  C  CE1 . TYR A 1 47 ? 3.972   -9.752  7.439   1.00 44.61 ? 270  TYR A CE1 1 
ATOM   413  C  CE2 . TYR A 1 47 ? 5.784   -9.760  9.021   1.00 44.66 ? 270  TYR A CE2 1 
ATOM   414  C  CZ  . TYR A 1 47 ? 5.331   -9.682  7.719   1.00 45.67 ? 270  TYR A CZ  1 
ATOM   415  O  OH  . TYR A 1 47 ? 6.238   -9.525  6.695   1.00 47.95 ? 270  TYR A OH  1 
ATOM   416  N  N   . LEU A 1 48 ? 2.370   -6.786  10.303  1.00 46.04 ? 271  LEU A N   1 
ATOM   417  C  CA  . LEU A 1 48 ? 1.927   -5.780  9.360   1.00 45.54 ? 271  LEU A CA  1 
ATOM   418  C  C   . LEU A 1 48 ? 2.643   -6.020  8.045   1.00 46.13 ? 271  LEU A C   1 
ATOM   419  O  O   . LEU A 1 48 ? 3.863   -6.201  8.022   1.00 44.82 ? 271  LEU A O   1 
ATOM   420  C  CB  . LEU A 1 48 ? 2.252   -4.395  9.911   1.00 44.56 ? 271  LEU A CB  1 
ATOM   421  C  CG  . LEU A 1 48 ? 1.544   -4.130  11.243  1.00 44.40 ? 271  LEU A CG  1 
ATOM   422  C  CD1 . LEU A 1 48 ? 2.213   -2.978  11.955  1.00 45.13 ? 271  LEU A CD1 1 
ATOM   423  C  CD2 . LEU A 1 48 ? 0.062   -3.853  11.002  1.00 44.97 ? 271  LEU A CD2 1 
ATOM   424  N  N   . ASP A 1 49 ? 1.879   -6.041  6.955   1.00 46.32 ? 272  ASP A N   1 
ATOM   425  C  CA  . ASP A 1 49 ? 2.439   -6.266  5.627   1.00 46.80 ? 272  ASP A CA  1 
ATOM   426  C  C   . ASP A 1 49 ? 3.707   -5.430  5.457   1.00 47.04 ? 272  ASP A C   1 
ATOM   427  O  O   . ASP A 1 49 ? 3.671   -4.201  5.511   1.00 45.64 ? 272  ASP A O   1 
ATOM   428  C  CB  . ASP A 1 49 ? 1.392   -5.909  4.573   1.00 49.21 ? 272  ASP A CB  1 
ATOM   429  C  CG  . ASP A 1 49 ? 1.842   -6.226  3.170   1.00 52.00 ? 272  ASP A CG  1 
ATOM   430  O  OD1 . ASP A 1 49 ? 1.011   -6.123  2.244   1.00 57.06 ? 272  ASP A OD1 1 
ATOM   431  O  OD2 . ASP A 1 49 ? 3.023   -6.571  2.983   1.00 53.63 ? 272  ASP A OD2 1 
ATOM   432  N  N   . ALA A 1 50 ? 4.832   -6.110  5.260   1.00 48.27 ? 273  ALA A N   1 
ATOM   433  C  CA  . ALA A 1 50 ? 6.126   -5.450  5.123   1.00 50.35 ? 273  ALA A CA  1 
ATOM   434  C  C   . ALA A 1 50 ? 6.186   -4.396  4.019   1.00 52.65 ? 273  ALA A C   1 
ATOM   435  O  O   . ALA A 1 50 ? 6.959   -3.437  4.105   1.00 51.92 ? 273  ALA A O   1 
ATOM   436  C  CB  . ALA A 1 50 ? 7.215   -6.499  4.900   1.00 50.45 ? 273  ALA A CB  1 
ATOM   437  N  N   . LYS A 1 51 ? 5.370   -4.571  2.987   1.00 54.12 ? 274  LYS A N   1 
ATOM   438  C  CA  . LYS A 1 51 ? 5.363   -3.640  1.873   1.00 56.47 ? 274  LYS A CA  1 
ATOM   439  C  C   . LYS A 1 51 ? 4.243   -2.599  1.916   1.00 56.88 ? 274  LYS A C   1 
ATOM   440  O  O   . LYS A 1 51 ? 4.425   -1.479  1.432   1.00 58.76 ? 274  LYS A O   1 
ATOM   441  C  CB  . LYS A 1 51 ? 5.278   -4.412  0.555   1.00 59.12 ? 274  LYS A CB  1 
ATOM   442  C  CG  . LYS A 1 51 ? 4.005   -5.235  0.395   1.00 62.62 ? 274  LYS A CG  1 
ATOM   443  C  CD  . LYS A 1 51 ? 3.822   -5.714  -1.044  1.00 64.86 ? 274  LYS A CD  1 
ATOM   444  C  CE  . LYS A 1 51 ? 2.564   -6.567  -1.188  1.00 66.34 ? 274  LYS A CE  1 
ATOM   445  N  NZ  . LYS A 1 51 ? 2.645   -7.810  -0.367  1.00 67.26 ? 274  LYS A NZ  1 
ATOM   446  N  N   . GLU A 1 52 ? 3.090   -2.946  2.484   1.00 54.95 ? 275  GLU A N   1 
ATOM   447  C  CA  . GLU A 1 52 ? 1.985   -1.992  2.519   1.00 52.04 ? 275  GLU A CA  1 
ATOM   448  C  C   . GLU A 1 52 ? 1.476   -1.578  3.890   1.00 48.75 ? 275  GLU A C   1 
ATOM   449  O  O   . GLU A 1 52 ? 0.611   -0.712  3.985   1.00 48.62 ? 275  GLU A O   1 
ATOM   450  C  CB  . GLU A 1 52 ? 0.833   -2.504  1.662   1.00 54.22 ? 275  GLU A CB  1 
ATOM   451  C  CG  . GLU A 1 52 ? 1.258   -2.755  0.233   1.00 59.41 ? 275  GLU A CG  1 
ATOM   452  C  CD  . GLU A 1 52 ? 0.117   -3.197  -0.648  1.00 63.30 ? 275  GLU A CD  1 
ATOM   453  O  OE1 . GLU A 1 52 ? -0.703  -4.029  -0.193  1.00 66.39 ? 275  GLU A OE1 1 
ATOM   454  O  OE2 . GLU A 1 52 ? 0.048   -2.724  -1.803  1.00 65.61 ? 275  GLU A OE2 1 
ATOM   455  N  N   . GLY A 1 53 ? 1.995   -2.200  4.943   1.00 45.40 ? 276  GLY A N   1 
ATOM   456  C  CA  . GLY A 1 53 ? 1.610   -1.825  6.296   1.00 42.46 ? 276  GLY A CA  1 
ATOM   457  C  C   . GLY A 1 53 ? 0.330   -2.364  6.912   1.00 41.52 ? 276  GLY A C   1 
ATOM   458  O  O   . GLY A 1 53 ? 0.170   -2.311  8.129   1.00 40.91 ? 276  GLY A O   1 
ATOM   459  N  N   . ALA A 1 54 ? -0.593  -2.871  6.104   1.00 38.81 ? 277  ALA A N   1 
ATOM   460  C  CA  . ALA A 1 54 ? -1.835  -3.379  6.661   1.00 38.12 ? 277  ALA A CA  1 
ATOM   461  C  C   . ALA A 1 54 ? -1.650  -4.700  7.419   1.00 39.51 ? 277  ALA A C   1 
ATOM   462  O  O   . ALA A 1 54 ? -0.908  -5.594  7.000   1.00 38.38 ? 277  ALA A O   1 
ATOM   463  C  CB  . ALA A 1 54 ? -2.870  -3.539  5.566   1.00 35.39 ? 277  ALA A CB  1 
HETATM 464  N  N   . MSE A 1 55 ? -2.338  -4.803  8.547   1.00 39.67 ? 278  MSE A N   1 
HETATM 465  C  CA  . MSE A 1 55 ? -2.285  -5.986  9.394   1.00 40.65 ? 278  MSE A CA  1 
HETATM 466  C  C   . MSE A 1 55 ? -2.786  -7.245  8.679   1.00 39.80 ? 278  MSE A C   1 
HETATM 467  O  O   . MSE A 1 55 ? -3.870  -7.256  8.088   1.00 38.94 ? 278  MSE A O   1 
HETATM 468  C  CB  . MSE A 1 55 ? -3.124  -5.740  10.645  1.00 41.26 ? 278  MSE A CB  1 
HETATM 469  C  CG  . MSE A 1 55 ? -3.255  -6.938  11.569  1.00 44.48 ? 278  MSE A CG  1 
HETATM 470  SE SE  . MSE A 1 55 ? -4.562  -6.597  12.943  1.00 45.67 ? 278  MSE A SE  1 
HETATM 471  C  CE  . MSE A 1 55 ? -6.114  -7.321  12.082  1.00 38.20 ? 278  MSE A CE  1 
ATOM   472  N  N   . VAL A 1 56 ? -1.983  -8.302  8.735   1.00 38.07 ? 279  VAL A N   1 
ATOM   473  C  CA  . VAL A 1 56 ? -2.343  -9.570  8.125   1.00 36.68 ? 279  VAL A CA  1 
ATOM   474  C  C   . VAL A 1 56 ? -3.187  -10.333 9.146   1.00 36.81 ? 279  VAL A C   1 
ATOM   475  O  O   . VAL A 1 56 ? -2.924  -10.271 10.356  1.00 34.78 ? 279  VAL A O   1 
ATOM   476  C  CB  . VAL A 1 56 ? -1.087  -10.378 7.782   1.00 37.77 ? 279  VAL A CB  1 
ATOM   477  C  CG1 . VAL A 1 56 ? -1.463  -11.726 7.203   1.00 39.95 ? 279  VAL A CG1 1 
ATOM   478  C  CG2 . VAL A 1 56 ? -0.241  -9.605  6.802   1.00 38.16 ? 279  VAL A CG2 1 
ATOM   479  N  N   . SER A 1 57 ? -4.204  -11.040 8.665   1.00 37.79 ? 280  SER A N   1 
ATOM   480  C  CA  . SER A 1 57 ? -5.086  -11.810 9.546   1.00 40.66 ? 280  SER A CA  1 
ATOM   481  C  C   . SER A 1 57 ? -5.510  -13.127 8.888   1.00 41.01 ? 280  SER A C   1 
ATOM   482  O  O   . SER A 1 57 ? -5.583  -13.215 7.664   1.00 41.50 ? 280  SER A O   1 
ATOM   483  C  CB  . SER A 1 57 ? -6.333  -10.997 9.891   1.00 39.66 ? 280  SER A CB  1 
ATOM   484  O  OG  . SER A 1 57 ? -7.273  -11.074 8.838   1.00 43.73 ? 280  SER A OG  1 
ATOM   485  N  N   . ASN A 1 58 ? -5.801  -14.134 9.712   1.00 42.02 ? 281  ASN A N   1 
ATOM   486  C  CA  . ASN A 1 58 ? -6.206  -15.454 9.234   1.00 41.41 ? 281  ASN A CA  1 
ATOM   487  C  C   . ASN A 1 58 ? -5.306  -15.890 8.092   1.00 41.95 ? 281  ASN A C   1 
ATOM   488  O  O   . ASN A 1 58 ? -5.768  -16.174 6.989   1.00 42.26 ? 281  ASN A O   1 
ATOM   489  C  CB  . ASN A 1 58 ? -7.649  -15.437 8.741   1.00 41.19 ? 281  ASN A CB  1 
ATOM   490  C  CG  . ASN A 1 58 ? -8.130  -16.816 8.310   1.00 44.41 ? 281  ASN A CG  1 
ATOM   491  O  OD1 . ASN A 1 58 ? -8.889  -16.948 7.351   1.00 45.32 ? 281  ASN A OD1 1 
ATOM   492  N  ND2 . ASN A 1 58 ? -7.695  -17.846 9.024   1.00 41.92 ? 281  ASN A ND2 1 
ATOM   493  N  N   . ALA A 1 59 ? -4.014  -15.937 8.357   1.00 42.45 ? 282  ALA A N   1 
ATOM   494  C  CA  . ALA A 1 59 ? -3.076  -16.320 7.326   1.00 43.69 ? 282  ALA A CA  1 
ATOM   495  C  C   . ALA A 1 59 ? -1.883  -17.006 7.951   1.00 43.87 ? 282  ALA A C   1 
ATOM   496  O  O   . ALA A 1 59 ? -1.556  -16.748 9.104   1.00 43.17 ? 282  ALA A O   1 
ATOM   497  C  CB  . ALA A 1 59 ? -2.624  -15.084 6.568   1.00 44.44 ? 282  ALA A CB  1 
ATOM   498  N  N   . PHE A 1 60 ? -1.260  -17.906 7.194   1.00 45.54 ? 283  PHE A N   1 
ATOM   499  C  CA  . PHE A 1 60 ? -0.067  -18.600 7.653   1.00 47.70 ? 283  PHE A CA  1 
ATOM   500  C  C   . PHE A 1 60 ? 1.038   -17.901 6.895   1.00 49.86 ? 283  PHE A C   1 
ATOM   501  O  O   . PHE A 1 60 ? 0.942   -17.744 5.682   1.00 51.25 ? 283  PHE A O   1 
ATOM   502  C  CB  . PHE A 1 60 ? -0.054  -20.079 7.238   1.00 46.62 ? 283  PHE A CB  1 
ATOM   503  C  CG  . PHE A 1 60 ? -1.087  -20.929 7.921   1.00 44.90 ? 283  PHE A CG  1 
ATOM   504  C  CD1 . PHE A 1 60 ? -2.374  -21.043 7.400   1.00 43.66 ? 283  PHE A CD1 1 
ATOM   505  C  CD2 . PHE A 1 60 ? -0.765  -21.635 9.077   1.00 43.19 ? 283  PHE A CD2 1 
ATOM   506  C  CE1 . PHE A 1 60 ? -3.332  -21.853 8.020   1.00 44.12 ? 283  PHE A CE1 1 
ATOM   507  C  CE2 . PHE A 1 60 ? -1.714  -22.447 9.708   1.00 43.14 ? 283  PHE A CE2 1 
ATOM   508  C  CZ  . PHE A 1 60 ? -2.999  -22.556 9.179   1.00 41.26 ? 283  PHE A CZ  1 
ATOM   509  N  N   . ILE A 1 61 ? 2.077   -17.468 7.591   1.00 52.56 ? 284  ILE A N   1 
ATOM   510  C  CA  . ILE A 1 61 ? 3.178   -16.812 6.904   1.00 54.99 ? 284  ILE A CA  1 
ATOM   511  C  C   . ILE A 1 61 ? 4.443   -17.573 7.234   1.00 58.22 ? 284  ILE A C   1 
ATOM   512  O  O   . ILE A 1 61 ? 4.648   -17.979 8.377   1.00 57.95 ? 284  ILE A O   1 
ATOM   513  C  CB  . ILE A 1 61 ? 3.330   -15.335 7.333   1.00 55.55 ? 284  ILE A CB  1 
ATOM   514  C  CG1 . ILE A 1 61 ? 3.680   -15.252 8.814   1.00 52.56 ? 284  ILE A CG1 1 
ATOM   515  C  CG2 . ILE A 1 61 ? 2.036   -14.574 7.048   1.00 54.96 ? 284  ILE A CG2 1 
ATOM   516  C  CD1 . ILE A 1 61 ? 3.967   -13.858 9.271   1.00 54.06 ? 284  ILE A CD1 1 
ATOM   517  N  N   . GLN A 1 62 ? 5.285   -17.776 6.226   1.00 60.94 ? 285  GLN A N   1 
ATOM   518  C  CA  . GLN A 1 62 ? 6.521   -18.511 6.414   1.00 63.76 ? 285  GLN A CA  1 
ATOM   519  C  C   . GLN A 1 62 ? 7.393   -17.821 7.444   1.00 65.02 ? 285  GLN A C   1 
ATOM   520  O  O   . GLN A 1 62 ? 7.347   -16.607 7.594   1.00 64.38 ? 285  GLN A O   1 
ATOM   521  C  CB  . GLN A 1 62 ? 7.268   -18.643 5.085   1.00 64.41 ? 285  GLN A CB  1 
ATOM   522  C  CG  . GLN A 1 62 ? 7.887   -20.018 4.868   1.00 66.70 ? 285  GLN A CG  1 
ATOM   523  C  CD  . GLN A 1 62 ? 7.697   -20.526 3.443   1.00 68.48 ? 285  GLN A CD  1 
ATOM   524  O  OE1 . GLN A 1 62 ? 7.944   -21.699 3.148   1.00 67.08 ? 285  GLN A OE1 1 
ATOM   525  N  NE2 . GLN A 1 62 ? 7.258   -19.642 2.553   1.00 69.39 ? 285  GLN A NE2 1 
ATOM   526  N  N   . SER A 1 63 ? 8.169   -18.614 8.170   1.00 67.57 ? 286  SER A N   1 
ATOM   527  C  CA  . SER A 1 63 ? 9.063   -18.083 9.185   1.00 69.94 ? 286  SER A CA  1 
ATOM   528  C  C   . SER A 1 63 ? 10.233  -17.432 8.469   1.00 71.82 ? 286  SER A C   1 
ATOM   529  O  O   . SER A 1 63 ? 10.479  -17.710 7.291   1.00 71.25 ? 286  SER A O   1 
ATOM   530  C  CB  . SER A 1 63 ? 9.571   -19.213 10.082  1.00 69.64 ? 286  SER A CB  1 
ATOM   531  O  OG  . SER A 1 63 ? 10.437  -18.716 11.084  1.00 71.85 ? 286  SER A OG  1 
ATOM   532  N  N   . ALA A 1 64 ? 10.950  -16.565 9.180   1.00 73.55 ? 287  ALA A N   1 
ATOM   533  C  CA  . ALA A 1 64 ? 12.103  -15.881 8.610   1.00 74.87 ? 287  ALA A CA  1 
ATOM   534  C  C   . ALA A 1 64 ? 13.132  -16.905 8.134   1.00 76.47 ? 287  ALA A C   1 
ATOM   535  O  O   . ALA A 1 64 ? 13.568  -16.866 6.980   1.00 77.35 ? 287  ALA A O   1 
ATOM   536  C  CB  . ALA A 1 64 ? 12.726  -14.954 9.649   1.00 74.75 ? 287  ALA A CB  1 
ATOM   537  N  N   . ASP A 1 65 ? 13.510  -17.824 9.023   1.00 76.67 ? 288  ASP A N   1 
ATOM   538  C  CA  . ASP A 1 65 ? 14.489  -18.858 8.697   1.00 76.33 ? 288  ASP A CA  1 
ATOM   539  C  C   . ASP A 1 65 ? 13.943  -19.931 7.754   1.00 75.31 ? 288  ASP A C   1 
ATOM   540  O  O   . ASP A 1 65 ? 14.695  -20.780 7.278   1.00 75.55 ? 288  ASP A O   1 
ATOM   541  C  CB  . ASP A 1 65 ? 15.010  -19.517 9.979   1.00 78.60 ? 288  ASP A CB  1 
ATOM   542  C  CG  . ASP A 1 65 ? 13.892  -20.023 10.878  1.00 81.99 ? 288  ASP A CG  1 
ATOM   543  O  OD1 . ASP A 1 65 ? 12.926  -20.619 10.350  1.00 82.66 ? 288  ASP A OD1 1 
ATOM   544  O  OD2 . ASP A 1 65 ? 13.984  -19.833 12.114  1.00 82.78 ? 288  ASP A OD2 1 
ATOM   545  N  N   . GLY A 1 66 ? 12.636  -19.890 7.496   1.00 74.15 ? 289  GLY A N   1 
ATOM   546  C  CA  . GLY A 1 66 ? 12.004  -20.852 6.604   1.00 71.43 ? 289  GLY A CA  1 
ATOM   547  C  C   . GLY A 1 66 ? 11.775  -22.232 7.196   1.00 69.77 ? 289  GLY A C   1 
ATOM   548  O  O   . GLY A 1 66 ? 11.282  -23.133 6.511   1.00 68.57 ? 289  GLY A O   1 
ATOM   549  N  N   . THR A 1 67 ? 12.125  -22.391 8.473   1.00 68.09 ? 290  THR A N   1 
ATOM   550  C  CA  . THR A 1 67 ? 11.985  -23.663 9.184   1.00 66.29 ? 290  THR A CA  1 
ATOM   551  C  C   . THR A 1 67 ? 10.540  -24.049 9.508   1.00 65.52 ? 290  THR A C   1 
ATOM   552  O  O   . THR A 1 67 ? 10.221  -25.235 9.665   1.00 65.87 ? 290  THR A O   1 
ATOM   553  C  CB  . THR A 1 67 ? 12.777  -23.649 10.511  1.00 65.39 ? 290  THR A CB  1 
ATOM   554  O  OG1 . THR A 1 67 ? 12.192  -22.700 11.413  1.00 62.19 ? 290  THR A OG1 1 
ATOM   555  C  CG2 . THR A 1 67 ? 14.234  -23.278 10.255  1.00 65.23 ? 290  THR A CG2 1 
ATOM   556  N  N   . GLY A 1 68 ? 9.672   -23.052 9.620   1.00 63.14 ? 291  GLY A N   1 
ATOM   557  C  CA  . GLY A 1 68 ? 8.282   -23.328 9.916   1.00 60.81 ? 291  GLY A CA  1 
ATOM   558  C  C   . GLY A 1 68 ? 7.372   -22.194 9.504   1.00 59.62 ? 291  GLY A C   1 
ATOM   559  O  O   . GLY A 1 68 ? 7.786   -21.270 8.809   1.00 60.53 ? 291  GLY A O   1 
ATOM   560  N  N   . TRP A 1 69 ? 6.117   -22.270 9.921   1.00 57.92 ? 292  TRP A N   1 
ATOM   561  C  CA  . TRP A 1 69 ? 5.160   -21.227 9.602   1.00 56.98 ? 292  TRP A CA  1 
ATOM   562  C  C   . TRP A 1 69 ? 4.610   -20.645 10.893  1.00 55.98 ? 292  TRP A C   1 
ATOM   563  O  O   . TRP A 1 69 ? 4.834   -21.179 11.977  1.00 57.83 ? 292  TRP A O   1 
ATOM   564  C  CB  . TRP A 1 69 ? 3.994   -21.787 8.789   1.00 57.25 ? 292  TRP A CB  1 
ATOM   565  C  CG  . TRP A 1 69 ? 4.342   -22.300 7.439   1.00 58.58 ? 292  TRP A CG  1 
ATOM   566  C  CD1 . TRP A 1 69 ? 5.042   -23.433 7.148   1.00 59.25 ? 292  TRP A CD1 1 
ATOM   567  C  CD2 . TRP A 1 69 ? 3.966   -21.723 6.180   1.00 59.07 ? 292  TRP A CD2 1 
ATOM   568  N  NE1 . TRP A 1 69 ? 5.122   -23.603 5.785   1.00 59.85 ? 292  TRP A NE1 1 
ATOM   569  C  CE2 . TRP A 1 69 ? 4.470   -22.567 5.167   1.00 59.23 ? 292  TRP A CE2 1 
ATOM   570  C  CE3 . TRP A 1 69 ? 3.250   -20.573 5.808   1.00 60.26 ? 292  TRP A CE3 1 
ATOM   571  C  CZ2 . TRP A 1 69 ? 4.281   -22.299 3.802   1.00 59.88 ? 292  TRP A CZ2 1 
ATOM   572  C  CZ3 . TRP A 1 69 ? 3.061   -20.304 4.444   1.00 59.15 ? 292  TRP A CZ3 1 
ATOM   573  C  CH2 . TRP A 1 69 ? 3.575   -21.166 3.463   1.00 60.34 ? 292  TRP A CH2 1 
ATOM   574  N  N   . TYR A 1 70 ? 3.898   -19.537 10.769  1.00 54.20 ? 293  TYR A N   1 
ATOM   575  C  CA  . TYR A 1 70 ? 3.262   -18.891 11.908  1.00 51.95 ? 293  TYR A CA  1 
ATOM   576  C  C   . TYR A 1 70 ? 1.833   -18.673 11.456  1.00 50.03 ? 293  TYR A C   1 
ATOM   577  O  O   . TYR A 1 70 ? 1.576   -18.514 10.263  1.00 50.00 ? 293  TYR A O   1 
ATOM   578  C  CB  . TYR A 1 70 ? 3.890   -17.538 12.223  1.00 51.57 ? 293  TYR A CB  1 
ATOM   579  C  CG  . TYR A 1 70 ? 5.181   -17.593 13.001  1.00 53.20 ? 293  TYR A CG  1 
ATOM   580  C  CD1 . TYR A 1 70 ? 6.418   -17.588 12.352  1.00 54.44 ? 293  TYR A CD1 1 
ATOM   581  C  CD2 . TYR A 1 70 ? 5.171   -17.618 14.394  1.00 53.67 ? 293  TYR A CD2 1 
ATOM   582  C  CE1 . TYR A 1 70 ? 7.611   -17.602 13.079  1.00 52.98 ? 293  TYR A CE1 1 
ATOM   583  C  CE2 . TYR A 1 70 ? 6.355   -17.634 15.126  1.00 53.46 ? 293  TYR A CE2 1 
ATOM   584  C  CZ  . TYR A 1 70 ? 7.569   -17.625 14.464  1.00 52.93 ? 293  TYR A CZ  1 
ATOM   585  O  OH  . TYR A 1 70 ? 8.737   -17.643 15.193  1.00 55.22 ? 293  TYR A OH  1 
ATOM   586  N  N   . TYR A 1 71 ? 0.895   -18.687 12.388  1.00 47.76 ? 294  TYR A N   1 
ATOM   587  C  CA  . TYR A 1 71 ? -0.484  -18.453 12.003  1.00 45.44 ? 294  TYR A CA  1 
ATOM   588  C  C   . TYR A 1 71 ? -1.045  -17.235 12.713  1.00 45.89 ? 294  TYR A C   1 
ATOM   589  O  O   . TYR A 1 71 ? -0.905  -17.071 13.927  1.00 47.50 ? 294  TYR A O   1 
ATOM   590  C  CB  . TYR A 1 71 ? -1.362  -19.662 12.296  1.00 40.54 ? 294  TYR A CB  1 
ATOM   591  C  CG  . TYR A 1 71 ? -2.816  -19.390 11.994  1.00 38.88 ? 294  TYR A CG  1 
ATOM   592  C  CD1 . TYR A 1 71 ? -3.269  -19.270 10.681  1.00 35.56 ? 294  TYR A CD1 1 
ATOM   593  C  CD2 . TYR A 1 71 ? -3.739  -19.208 13.027  1.00 38.83 ? 294  TYR A CD2 1 
ATOM   594  C  CE1 . TYR A 1 71 ? -4.610  -18.970 10.404  1.00 36.74 ? 294  TYR A CE1 1 
ATOM   595  C  CE2 . TYR A 1 71 ? -5.079  -18.910 12.759  1.00 35.99 ? 294  TYR A CE2 1 
ATOM   596  C  CZ  . TYR A 1 71 ? -5.506  -18.791 11.451  1.00 36.91 ? 294  TYR A CZ  1 
ATOM   597  O  OH  . TYR A 1 71 ? -6.827  -18.486 11.197  1.00 37.45 ? 294  TYR A OH  1 
ATOM   598  N  N   . LEU A 1 72 ? -1.673  -16.371 11.931  1.00 45.74 ? 295  LEU A N   1 
ATOM   599  C  CA  . LEU A 1 72 ? -2.280  -15.166 12.466  1.00 45.24 ? 295  LEU A CA  1 
ATOM   600  C  C   . LEU A 1 72 ? -3.770  -15.395 12.429  1.00 45.15 ? 295  LEU A C   1 
ATOM   601  O  O   . LEU A 1 72 ? -4.335  -15.695 11.375  1.00 45.83 ? 295  LEU A O   1 
ATOM   602  C  CB  . LEU A 1 72 ? -1.864  -13.966 11.620  1.00 42.23 ? 295  LEU A CB  1 
ATOM   603  C  CG  . LEU A 1 72 ? -0.351  -13.824 11.813  1.00 41.39 ? 295  LEU A CG  1 
ATOM   604  C  CD1 . LEU A 1 72 ? 0.318   -13.349 10.549  1.00 41.44 ? 295  LEU A CD1 1 
ATOM   605  C  CD2 . LEU A 1 72 ? -0.092  -12.904 12.990  1.00 38.43 ? 295  LEU A CD2 1 
ATOM   606  N  N   . LYS A 1 73 ? -4.392  -15.295 13.598  1.00 46.40 ? 296  LYS A N   1 
ATOM   607  C  CA  . LYS A 1 73 ? -5.826  -15.512 13.721  1.00 48.42 ? 296  LYS A CA  1 
ATOM   608  C  C   . LYS A 1 73 ? -6.585  -14.415 12.989  1.00 48.99 ? 296  LYS A C   1 
ATOM   609  O  O   . LYS A 1 73 ? -6.007  -13.399 12.600  1.00 46.84 ? 296  LYS A O   1 
ATOM   610  C  CB  . LYS A 1 73 ? -6.219  -15.553 15.199  1.00 48.93 ? 296  LYS A CB  1 
ATOM   611  C  CG  . LYS A 1 73 ? -5.444  -16.601 15.995  1.00 52.15 ? 296  LYS A CG  1 
ATOM   612  C  CD  . LYS A 1 73 ? -6.026  -16.810 17.394  1.00 55.12 ? 296  LYS A CD  1 
ATOM   613  C  CE  . LYS A 1 73 ? -5.843  -15.593 18.277  1.00 56.03 ? 296  LYS A CE  1 
ATOM   614  N  NZ  . LYS A 1 73 ? -6.517  -15.752 19.589  1.00 55.38 ? 296  LYS A NZ  1 
ATOM   615  N  N   . PRO A 1 74 ? -7.891  -14.617 12.773  1.00 50.23 ? 297  PRO A N   1 
ATOM   616  C  CA  . PRO A 1 74 ? -8.698  -13.615 12.069  1.00 50.66 ? 297  PRO A CA  1 
ATOM   617  C  C   . PRO A 1 74 ? -8.753  -12.243 12.728  1.00 51.00 ? 297  PRO A C   1 
ATOM   618  O  O   . PRO A 1 74 ? -9.191  -11.269 12.106  1.00 52.34 ? 297  PRO A O   1 
ATOM   619  C  CB  . PRO A 1 74 ? -10.069 -14.287 11.951  1.00 50.95 ? 297  PRO A CB  1 
ATOM   620  C  CG  . PRO A 1 74 ? -10.066 -15.309 13.055  1.00 52.50 ? 297  PRO A CG  1 
ATOM   621  C  CD  . PRO A 1 74 ? -8.669  -15.839 13.028  1.00 49.89 ? 297  PRO A CD  1 
ATOM   622  N  N   . ASP A 1 75 ? -8.299  -12.162 13.973  1.00 49.92 ? 298  ASP A N   1 
ATOM   623  C  CA  . ASP A 1 75 ? -8.289  -10.895 14.693  1.00 49.36 ? 298  ASP A CA  1 
ATOM   624  C  C   . ASP A 1 75 ? -6.877  -10.298 14.674  1.00 48.20 ? 298  ASP A C   1 
ATOM   625  O  O   . ASP A 1 75 ? -6.589  -9.329  15.374  1.00 47.84 ? 298  ASP A O   1 
ATOM   626  C  CB  . ASP A 1 75 ? -8.779  -11.096 16.135  1.00 50.01 ? 298  ASP A CB  1 
ATOM   627  C  CG  . ASP A 1 75 ? -7.787  -11.851 16.993  1.00 52.42 ? 298  ASP A CG  1 
ATOM   628  O  OD1 . ASP A 1 75 ? -7.100  -12.734 16.447  1.00 54.34 ? 298  ASP A OD1 1 
ATOM   629  O  OD2 . ASP A 1 75 ? -7.697  -11.578 18.212  1.00 53.46 ? 298  ASP A OD2 1 
ATOM   630  N  N   . GLY A 1 76 ? -6.001  -10.892 13.865  1.00 47.23 ? 299  GLY A N   1 
ATOM   631  C  CA  . GLY A 1 76 ? -4.641  -10.398 13.741  1.00 44.73 ? 299  GLY A CA  1 
ATOM   632  C  C   . GLY A 1 76 ? -3.609  -10.944 14.711  1.00 44.26 ? 299  GLY A C   1 
ATOM   633  O  O   . GLY A 1 76 ? -2.421  -10.995 14.388  1.00 44.78 ? 299  GLY A O   1 
ATOM   634  N  N   . THR A 1 77 ? -4.045  -11.351 15.898  1.00 43.37 ? 300  THR A N   1 
ATOM   635  C  CA  . THR A 1 77 ? -3.125  -11.876 16.907  1.00 43.19 ? 300  THR A CA  1 
ATOM   636  C  C   . THR A 1 77 ? -2.402  -13.156 16.503  1.00 42.16 ? 300  THR A C   1 
ATOM   637  O  O   . THR A 1 77 ? -2.952  -14.006 15.800  1.00 40.26 ? 300  THR A O   1 
ATOM   638  C  CB  . THR A 1 77 ? -3.853  -12.120 18.243  1.00 44.88 ? 300  THR A CB  1 
ATOM   639  O  OG1 . THR A 1 77 ? -5.083  -12.815 18.002  1.00 44.19 ? 300  THR A OG1 1 
ATOM   640  C  CG2 . THR A 1 77 ? -4.154  -10.797 18.922  1.00 45.17 ? 300  THR A CG2 1 
ATOM   641  N  N   . LEU A 1 78 ? -1.153  -13.271 16.941  1.00 42.65 ? 301  LEU A N   1 
ATOM   642  C  CA  . LEU A 1 78 ? -0.344  -14.444 16.641  1.00 45.59 ? 301  LEU A CA  1 
ATOM   643  C  C   . LEU A 1 78 ? -0.648  -15.576 17.607  1.00 46.37 ? 301  LEU A C   1 
ATOM   644  O  O   . LEU A 1 78 ? -0.530  -15.415 18.819  1.00 46.29 ? 301  LEU A O   1 
ATOM   645  C  CB  . LEU A 1 78 ? 1.149   -14.127 16.730  1.00 45.50 ? 301  LEU A CB  1 
ATOM   646  C  CG  . LEU A 1 78 ? 2.016   -15.388 16.647  1.00 45.33 ? 301  LEU A CG  1 
ATOM   647  C  CD1 . LEU A 1 78 ? 1.850   -16.024 15.269  1.00 45.53 ? 301  LEU A CD1 1 
ATOM   648  C  CD2 . LEU A 1 78 ? 3.476   -15.043 16.918  1.00 46.93 ? 301  LEU A CD2 1 
ATOM   649  N  N   . ALA A 1 79 ? -1.020  -16.726 17.061  1.00 48.42 ? 302  ALA A N   1 
ATOM   650  C  CA  . ALA A 1 79 ? -1.337  -17.889 17.880  1.00 49.18 ? 302  ALA A CA  1 
ATOM   651  C  C   . ALA A 1 79 ? -0.075  -18.512 18.460  1.00 50.19 ? 302  ALA A C   1 
ATOM   652  O  O   . ALA A 1 79 ? 0.838   -18.876 17.713  1.00 50.98 ? 302  ALA A O   1 
ATOM   653  C  CB  . ALA A 1 79 ? -2.082  -18.918 17.041  1.00 46.56 ? 302  ALA A CB  1 
ATOM   654  N  N   . ASP A 1 80 ? -0.004  -18.617 19.788  1.00 51.76 ? 303  ASP A N   1 
ATOM   655  C  CA  . ASP A 1 80 ? 1.150   -19.257 20.413  1.00 51.31 ? 303  ASP A CA  1 
ATOM   656  C  C   . ASP A 1 80 ? 0.767   -20.694 20.774  1.00 49.56 ? 303  ASP A C   1 
ATOM   657  O  O   . ASP A 1 80 ? -0.416  -21.043 20.806  1.00 46.51 ? 303  ASP A O   1 
ATOM   658  C  CB  . ASP A 1 80 ? 1.627   -18.490 21.649  1.00 54.60 ? 303  ASP A CB  1 
ATOM   659  C  CG  . ASP A 1 80 ? 0.492   -18.021 22.526  1.00 57.50 ? 303  ASP A CG  1 
ATOM   660  O  OD1 . ASP A 1 80 ? -0.463  -18.796 22.743  1.00 59.18 ? 303  ASP A OD1 1 
ATOM   661  O  OD2 . ASP A 1 80 ? 0.570   -16.871 23.012  1.00 60.37 ? 303  ASP A OD2 1 
ATOM   662  N  N   . ARG A 1 81 ? 1.771   -21.519 21.043  1.00 49.08 ? 304  ARG A N   1 
ATOM   663  C  CA  . ARG A 1 81 ? 1.556   -22.937 21.340  1.00 48.86 ? 304  ARG A CA  1 
ATOM   664  C  C   . ARG A 1 81 ? 0.272   -23.328 22.075  1.00 47.92 ? 304  ARG A C   1 
ATOM   665  O  O   . ARG A 1 81 ? -0.520  -24.116 21.564  1.00 49.06 ? 304  ARG A O   1 
ATOM   666  C  CB  . ARG A 1 81 ? 2.764   -23.506 22.087  1.00 47.59 ? 304  ARG A CB  1 
ATOM   667  C  CG  . ARG A 1 81 ? 2.716   -25.012 22.250  1.00 49.54 ? 304  ARG A CG  1 
ATOM   668  C  CD  . ARG A 1 81 ? 3.877   -25.506 23.086  1.00 50.63 ? 304  ARG A CD  1 
ATOM   669  N  NE  . ARG A 1 81 ? 3.626   -26.833 23.646  1.00 52.78 ? 304  ARG A NE  1 
ATOM   670  C  CZ  . ARG A 1 81 ? 3.665   -27.961 22.951  1.00 51.84 ? 304  ARG A CZ  1 
ATOM   671  N  NH1 . ARG A 1 81 ? 3.951   -27.937 21.660  1.00 54.93 ? 304  ARG A NH1 1 
ATOM   672  N  NH2 . ARG A 1 81 ? 3.402   -29.110 23.543  1.00 50.56 ? 304  ARG A NH2 1 
ATOM   673  N  N   . PRO A 1 82 ? 0.040   -22.774 23.271  1.00 47.08 ? 305  PRO A N   1 
ATOM   674  C  CA  . PRO A 1 82 ? -1.161  -23.102 24.048  1.00 46.91 ? 305  PRO A CA  1 
ATOM   675  C  C   . PRO A 1 82 ? -2.478  -23.073 23.275  1.00 45.57 ? 305  PRO A C   1 
ATOM   676  O  O   . PRO A 1 82 ? -3.423  -23.767 23.631  1.00 46.39 ? 305  PRO A O   1 
ATOM   677  C  CB  . PRO A 1 82 ? -1.135  -22.070 25.178  1.00 47.57 ? 305  PRO A CB  1 
ATOM   678  C  CG  . PRO A 1 82 ? 0.334   -21.825 25.361  1.00 47.62 ? 305  PRO A CG  1 
ATOM   679  C  CD  . PRO A 1 82 ? 0.818   -21.717 23.939  1.00 47.11 ? 305  PRO A CD  1 
ATOM   680  N  N   . GLU A 1 83 ? -2.544  -22.273 22.221  1.00 44.34 ? 306  GLU A N   1 
ATOM   681  C  CA  . GLU A 1 83 ? -3.771  -22.162 21.443  1.00 42.06 ? 306  GLU A CA  1 
ATOM   682  C  C   . GLU A 1 83 ? -3.934  -23.223 20.362  1.00 39.70 ? 306  GLU A C   1 
ATOM   683  O  O   . GLU A 1 83 ? -4.989  -23.327 19.747  1.00 38.52 ? 306  GLU A O   1 
ATOM   684  C  CB  . GLU A 1 83 ? -3.849  -20.776 20.819  1.00 43.93 ? 306  GLU A CB  1 
ATOM   685  C  CG  . GLU A 1 83 ? -3.886  -19.671 21.853  1.00 46.77 ? 306  GLU A CG  1 
ATOM   686  C  CD  . GLU A 1 83 ? -3.852  -18.299 21.233  1.00 48.69 ? 306  GLU A CD  1 
ATOM   687  O  OE1 . GLU A 1 83 ? -4.812  -17.947 20.508  1.00 46.70 ? 306  GLU A OE1 1 
ATOM   688  O  OE2 . GLU A 1 83 ? -2.857  -17.579 21.473  1.00 51.53 ? 306  GLU A OE2 1 
ATOM   689  N  N   . PHE A 1 84 ? -2.892  -24.004 20.122  1.00 36.96 ? 307  PHE A N   1 
ATOM   690  C  CA  . PHE A 1 84 ? -2.968  -25.039 19.104  1.00 37.49 ? 307  PHE A CA  1 
ATOM   691  C  C   . PHE A 1 84 ? -3.459  -26.378 19.637  1.00 36.32 ? 307  PHE A C   1 
ATOM   692  O  O   . PHE A 1 84 ? -3.157  -26.772 20.760  1.00 35.72 ? 307  PHE A O   1 
ATOM   693  C  CB  . PHE A 1 84 ? -1.595  -25.283 18.457  1.00 37.66 ? 307  PHE A CB  1 
ATOM   694  C  CG  . PHE A 1 84 ? -1.174  -24.230 17.476  1.00 38.27 ? 307  PHE A CG  1 
ATOM   695  C  CD1 . PHE A 1 84 ? -0.524  -23.073 17.907  1.00 39.00 ? 307  PHE A CD1 1 
ATOM   696  C  CD2 . PHE A 1 84 ? -1.410  -24.402 16.113  1.00 37.37 ? 307  PHE A CD2 1 
ATOM   697  C  CE1 . PHE A 1 84 ? -0.116  -22.103 17.000  1.00 37.13 ? 307  PHE A CE1 1 
ATOM   698  C  CE2 . PHE A 1 84 ? -1.009  -23.441 15.195  1.00 37.24 ? 307  PHE A CE2 1 
ATOM   699  C  CZ  . PHE A 1 84 ? -0.360  -22.287 15.639  1.00 38.16 ? 307  PHE A CZ  1 
ATOM   700  N  N   . THR A 1 85 ? -4.225  -27.066 18.807  1.00 37.45 ? 308  THR A N   1 
ATOM   701  C  CA  . THR A 1 85 ? -4.706  -28.402 19.107  1.00 37.33 ? 308  THR A CA  1 
ATOM   702  C  C   . THR A 1 85 ? -4.596  -29.100 17.756  1.00 37.21 ? 308  THR A C   1 
ATOM   703  O  O   . THR A 1 85 ? -5.435  -28.917 16.876  1.00 36.42 ? 308  THR A O   1 
ATOM   704  C  CB  . THR A 1 85 ? -6.173  -28.427 19.600  1.00 36.63 ? 308  THR A CB  1 
ATOM   705  O  OG1 . THR A 1 85 ? -6.284  -27.678 20.814  1.00 38.34 ? 308  THR A OG1 1 
ATOM   706  C  CG2 . THR A 1 85 ? -6.613  -29.860 19.890  1.00 35.81 ? 308  THR A CG2 1 
ATOM   707  N  N   . VAL A 1 86 ? -3.520  -29.859 17.586  1.00 37.89 ? 309  VAL A N   1 
ATOM   708  C  CA  . VAL A 1 86 ? -3.275  -30.589 16.348  1.00 36.70 ? 309  VAL A CA  1 
ATOM   709  C  C   . VAL A 1 86 ? -3.867  -31.989 16.488  1.00 36.21 ? 309  VAL A C   1 
ATOM   710  O  O   . VAL A 1 86 ? -3.327  -32.828 17.203  1.00 33.33 ? 309  VAL A O   1 
ATOM   711  C  CB  . VAL A 1 86 ? -1.754  -30.668 16.065  1.00 36.18 ? 309  VAL A CB  1 
ATOM   712  C  CG1 . VAL A 1 86 ? -1.494  -31.331 14.725  1.00 35.40 ? 309  VAL A CG1 1 
ATOM   713  C  CG2 . VAL A 1 86 ? -1.163  -29.265 16.082  1.00 36.01 ? 309  VAL A CG2 1 
ATOM   714  N  N   . GLU A 1 87 ? -4.988  -32.224 15.806  1.00 37.42 ? 310  GLU A N   1 
ATOM   715  C  CA  . GLU A 1 87 ? -5.673  -33.514 15.854  1.00 36.67 ? 310  GLU A CA  1 
ATOM   716  C  C   . GLU A 1 87 ? -4.802  -34.626 15.277  1.00 37.06 ? 310  GLU A C   1 
ATOM   717  O  O   . GLU A 1 87 ? -3.942  -34.372 14.439  1.00 35.47 ? 310  GLU A O   1 
ATOM   718  C  CB  . GLU A 1 87 ? -7.001  -33.417 15.113  1.00 38.37 ? 310  GLU A CB  1 
ATOM   719  C  CG  . GLU A 1 87 ? -7.904  -32.297 15.633  1.00 38.69 ? 310  GLU A CG  1 
ATOM   720  C  CD  . GLU A 1 87 ? -8.269  -32.467 17.102  1.00 41.95 ? 310  GLU A CD  1 
ATOM   721  O  OE1 . GLU A 1 87 ? -7.988  -33.538 17.678  1.00 43.30 ? 310  GLU A OE1 1 
ATOM   722  O  OE2 . GLU A 1 87 ? -8.849  -31.531 17.685  1.00 45.86 ? 310  GLU A OE2 1 
ATOM   723  N  N   . PRO A 1 88 ? -5.029  -35.883 15.711  1.00 37.23 ? 311  PRO A N   1 
ATOM   724  C  CA  . PRO A 1 88 ? -4.272  -37.066 15.279  1.00 37.38 ? 311  PRO A CA  1 
ATOM   725  C  C   . PRO A 1 88 ? -4.065  -37.319 13.792  1.00 38.91 ? 311  PRO A C   1 
ATOM   726  O  O   . PRO A 1 88 ? -3.037  -37.869 13.402  1.00 39.06 ? 311  PRO A O   1 
ATOM   727  C  CB  . PRO A 1 88 ? -5.000  -38.214 15.979  1.00 37.11 ? 311  PRO A CB  1 
ATOM   728  C  CG  . PRO A 1 88 ? -6.394  -37.724 16.044  1.00 36.74 ? 311  PRO A CG  1 
ATOM   729  C  CD  . PRO A 1 88 ? -6.231  -36.289 16.459  1.00 33.65 ? 311  PRO A CD  1 
ATOM   730  N  N   . ASP A 1 89 ? -5.024  -36.929 12.957  1.00 40.42 ? 312  ASP A N   1 
ATOM   731  C  CA  . ASP A 1 89 ? -4.883  -37.145 11.518  1.00 39.75 ? 312  ASP A CA  1 
ATOM   732  C  C   . ASP A 1 89 ? -4.151  -35.976 10.882  1.00 37.75 ? 312  ASP A C   1 
ATOM   733  O  O   . ASP A 1 89 ? -3.924  -35.962 9.671   1.00 36.22 ? 312  ASP A O   1 
ATOM   734  C  CB  . ASP A 1 89 ? -6.253  -37.325 10.858  1.00 41.26 ? 312  ASP A CB  1 
ATOM   735  C  CG  . ASP A 1 89 ? -7.082  -36.061 10.889  1.00 44.59 ? 312  ASP A CG  1 
ATOM   736  O  OD1 . ASP A 1 89 ? -6.808  -35.197 11.753  1.00 44.09 ? 312  ASP A OD1 1 
ATOM   737  O  OD2 . ASP A 1 89 ? -8.012  -35.939 10.060  1.00 45.09 ? 312  ASP A OD2 1 
ATOM   738  N  N   . GLY A 1 90 ? -3.776  -35.004 11.709  1.00 35.95 ? 313  GLY A N   1 
ATOM   739  C  CA  . GLY A 1 90 ? -3.063  -33.844 11.217  1.00 35.15 ? 313  GLY A CA  1 
ATOM   740  C  C   . GLY A 1 90 ? -3.883  -32.568 11.171  1.00 36.44 ? 313  GLY A C   1 
ATOM   741  O  O   . GLY A 1 90 ? -3.350  -31.513 10.840  1.00 35.64 ? 313  GLY A O   1 
ATOM   742  N  N   . LEU A 1 91 ? -5.172  -32.643 11.494  1.00 36.92 ? 314  LEU A N   1 
ATOM   743  C  CA  . LEU A 1 91 ? -6.007  -31.441 11.459  1.00 39.49 ? 314  LEU A CA  1 
ATOM   744  C  C   . LEU A 1 91 ? -5.576  -30.427 12.517  1.00 39.75 ? 314  LEU A C   1 
ATOM   745  O  O   . LEU A 1 91 ? -5.666  -30.686 13.716  1.00 40.42 ? 314  LEU A O   1 
ATOM   746  C  CB  . LEU A 1 91 ? -7.476  -31.805 11.659  1.00 40.87 ? 314  LEU A CB  1 
ATOM   747  C  CG  . LEU A 1 91 ? -8.497  -30.665 11.658  1.00 42.24 ? 314  LEU A CG  1 
ATOM   748  C  CD1 . LEU A 1 91 ? -8.472  -29.925 10.347  1.00 41.36 ? 314  LEU A CD1 1 
ATOM   749  C  CD2 . LEU A 1 91 ? -9.871  -31.247 11.907  1.00 43.44 ? 314  LEU A CD2 1 
ATOM   750  N  N   . ILE A 1 92 ? -5.103  -29.276 12.055  1.00 38.22 ? 315  ILE A N   1 
ATOM   751  C  CA  . ILE A 1 92 ? -4.639  -28.194 12.915  1.00 39.21 ? 315  ILE A CA  1 
ATOM   752  C  C   . ILE A 1 92 ? -5.814  -27.302 13.330  1.00 42.60 ? 315  ILE A C   1 
ATOM   753  O  O   . ILE A 1 92 ? -6.491  -26.726 12.474  1.00 43.24 ? 315  ILE A O   1 
ATOM   754  C  CB  . ILE A 1 92 ? -3.618  -27.305 12.158  1.00 38.77 ? 315  ILE A CB  1 
ATOM   755  C  CG1 . ILE A 1 92 ? -2.483  -28.167 11.597  1.00 40.99 ? 315  ILE A CG1 1 
ATOM   756  C  CG2 . ILE A 1 92 ? -3.062  -26.222 13.072  1.00 34.76 ? 315  ILE A CG2 1 
ATOM   757  C  CD1 . ILE A 1 92 ? -1.529  -27.407 10.659  1.00 40.67 ? 315  ILE A CD1 1 
ATOM   758  N  N   . THR A 1 93 ? -6.073  -27.195 14.632  1.00 42.76 ? 316  THR A N   1 
ATOM   759  C  CA  . THR A 1 93 ? -7.149  -26.330 15.107  1.00 43.29 ? 316  THR A CA  1 
ATOM   760  C  C   . THR A 1 93 ? -6.581  -25.271 16.043  1.00 43.87 ? 316  THR A C   1 
ATOM   761  O  O   . THR A 1 93 ? -5.671  -25.541 16.838  1.00 44.83 ? 316  THR A O   1 
ATOM   762  C  CB  . THR A 1 93 ? -8.245  -27.102 15.849  1.00 42.93 ? 316  THR A CB  1 
ATOM   763  O  OG1 . THR A 1 93 ? -7.688  -27.744 17.001  1.00 43.64 ? 316  THR A OG1 1 
ATOM   764  C  CG2 . THR A 1 93 ? -8.874  -28.138 14.932  1.00 43.62 ? 316  THR A CG2 1 
ATOM   765  N  N   . VAL A 1 94 ? -7.112  -24.060 15.930  1.00 43.77 ? 317  VAL A N   1 
ATOM   766  C  CA  . VAL A 1 94 ? -6.665  -22.951 16.754  1.00 44.14 ? 317  VAL A CA  1 
ATOM   767  C  C   . VAL A 1 94 ? -7.865  -22.367 17.457  1.00 45.49 ? 317  VAL A C   1 
ATOM   768  O  O   . VAL A 1 94 ? -8.961  -22.334 16.899  1.00 46.28 ? 317  VAL A O   1 
ATOM   769  C  CB  . VAL A 1 94 ? -6.013  -21.853 15.897  1.00 43.86 ? 317  VAL A CB  1 
ATOM   770  C  CG1 . VAL A 1 94 ? -5.677  -20.639 16.757  1.00 42.81 ? 317  VAL A CG1 1 
ATOM   771  C  CG2 . VAL A 1 94 ? -4.757  -22.398 15.240  1.00 43.60 ? 317  VAL A CG2 1 
ATOM   772  N  N   . LYS A 1 95 ? -7.668  -21.920 18.690  1.00 46.68 ? 318  LYS A N   1 
ATOM   773  C  CA  . LYS A 1 95 ? -8.759  -21.321 19.437  1.00 49.50 ? 318  LYS A CA  1 
ATOM   774  C  C   . LYS A 1 95 ? -8.280  -20.032 20.084  1.00 50.14 ? 318  LYS A C   1 
ATOM   775  O  O   . LYS A 1 95 ? -9.129  -19.139 20.295  1.00 52.21 ? 318  LYS A O   1 
ATOM   776  C  CB  . LYS A 1 95 ? -9.295  -22.300 20.484  1.00 50.39 ? 318  LYS A CB  1 
ATOM   777  C  CG  . LYS A 1 95 ? -8.388  -22.544 21.674  1.00 54.97 ? 318  LYS A CG  1 
ATOM   778  C  CD  . LYS A 1 95 ? -8.626  -23.936 22.270  1.00 58.67 ? 318  LYS A CD  1 
ATOM   779  C  CE  . LYS A 1 95 ? -10.105 -24.347 22.225  1.00 61.14 ? 318  LYS A CE  1 
ATOM   780  N  NZ  . LYS A 1 95 ? -10.319 -25.777 22.621  1.00 62.30 ? 318  LYS A NZ  1 
ATOM   781  O  OXT . LYS A 1 95 ? -7.063  -19.932 20.362  1.00 49.59 ? 318  LYS A OXT 1 
ATOM   782  N  N   . ASP B 1 2  ? -11.901 11.427  8.721   1.00 66.02 ? 225  ASP B N   1 
ATOM   783  C  CA  . ASP B 1 2  ? -10.949 10.958  7.671   1.00 64.62 ? 225  ASP B CA  1 
ATOM   784  C  C   . ASP B 1 2  ? -9.686  11.818  7.664   1.00 63.22 ? 225  ASP B C   1 
ATOM   785  O  O   . ASP B 1 2  ? -9.538  12.741  8.473   1.00 63.59 ? 225  ASP B O   1 
ATOM   786  C  CB  . ASP B 1 2  ? -11.621 10.998  6.291   1.00 65.08 ? 225  ASP B CB  1 
ATOM   787  N  N   . GLY B 1 3  ? -8.780  11.505  6.745   1.00 60.46 ? 226  GLY B N   1 
ATOM   788  C  CA  . GLY B 1 3  ? -7.537  12.244  6.640   1.00 56.53 ? 226  GLY B CA  1 
ATOM   789  C  C   . GLY B 1 3  ? -6.743  11.780  5.439   1.00 53.22 ? 226  GLY B C   1 
ATOM   790  O  O   . GLY B 1 3  ? -7.315  11.301  4.460   1.00 53.45 ? 226  GLY B O   1 
ATOM   791  N  N   . ASN B 1 4  ? -5.424  11.908  5.514   1.00 50.48 ? 227  ASN B N   1 
ATOM   792  C  CA  . ASN B 1 4  ? -4.571  11.498  4.418   1.00 46.21 ? 227  ASN B CA  1 
ATOM   793  C  C   . ASN B 1 4  ? -3.254  10.936  4.905   1.00 44.97 ? 227  ASN B C   1 
ATOM   794  O  O   . ASN B 1 4  ? -2.919  11.009  6.088   1.00 45.02 ? 227  ASN B O   1 
ATOM   795  C  CB  . ASN B 1 4  ? -4.267  12.687  3.504   1.00 47.65 ? 227  ASN B CB  1 
ATOM   796  C  CG  . ASN B 1 4  ? -5.488  13.512  3.205   1.00 44.58 ? 227  ASN B CG  1 
ATOM   797  O  OD1 . ASN B 1 4  ? -5.852  14.398  3.978   1.00 45.19 ? 227  ASN B OD1 1 
ATOM   798  N  ND2 . ASN B 1 4  ? -6.144  13.218  2.089   1.00 42.94 ? 227  ASN B ND2 1 
ATOM   799  N  N   . TRP B 1 5  ? -2.505  10.383  3.966   1.00 40.73 ? 228  TRP B N   1 
ATOM   800  C  CA  . TRP B 1 5  ? -1.204  9.830   4.255   1.00 39.96 ? 228  TRP B CA  1 
ATOM   801  C  C   . TRP B 1 5  ? -0.171  10.881  3.907   1.00 39.23 ? 228  TRP B C   1 
ATOM   802  O  O   . TRP B 1 5  ? -0.356  11.643  2.968   1.00 39.35 ? 228  TRP B O   1 
ATOM   803  C  CB  . TRP B 1 5  ? -0.953  8.590   3.405   1.00 38.30 ? 228  TRP B CB  1 
ATOM   804  C  CG  . TRP B 1 5  ? -1.785  7.420   3.783   1.00 39.29 ? 228  TRP B CG  1 
ATOM   805  C  CD1 . TRP B 1 5  ? -3.005  7.076   3.278   1.00 36.25 ? 228  TRP B CD1 1 
ATOM   806  C  CD2 . TRP B 1 5  ? -1.438  6.406   4.734   1.00 38.20 ? 228  TRP B CD2 1 
ATOM   807  N  NE1 . TRP B 1 5  ? -3.436  5.902   3.848   1.00 37.99 ? 228  TRP B NE1 1 
ATOM   808  C  CE2 . TRP B 1 5  ? -2.495  5.470   4.748   1.00 36.85 ? 228  TRP B CE2 1 
ATOM   809  C  CE3 . TRP B 1 5  ? -0.334  6.196   5.574   1.00 37.54 ? 228  TRP B CE3 1 
ATOM   810  C  CZ2 . TRP B 1 5  ? -2.481  4.337   5.570   1.00 38.48 ? 228  TRP B CZ2 1 
ATOM   811  C  CZ3 . TRP B 1 5  ? -0.317  5.064   6.395   1.00 37.46 ? 228  TRP B CZ3 1 
ATOM   812  C  CH2 . TRP B 1 5  ? -1.385  4.150   6.385   1.00 36.95 ? 228  TRP B CH2 1 
ATOM   813  N  N   . TYR B 1 6  ? 0.911   10.920  4.672   1.00 37.59 ? 229  TYR B N   1 
ATOM   814  C  CA  . TYR B 1 6  ? 1.998   11.855  4.435   1.00 37.29 ? 229  TYR B CA  1 
ATOM   815  C  C   . TYR B 1 6  ? 3.279   11.064  4.506   1.00 38.79 ? 229  TYR B C   1 
ATOM   816  O  O   . TYR B 1 6  ? 3.286   9.911   4.948   1.00 38.80 ? 229  TYR B O   1 
ATOM   817  C  CB  . TYR B 1 6  ? 2.044   12.944  5.514   1.00 37.08 ? 229  TYR B CB  1 
ATOM   818  C  CG  . TYR B 1 6  ? 0.838   13.838  5.519   1.00 37.28 ? 229  TYR B CG  1 
ATOM   819  C  CD1 . TYR B 1 6  ? -0.390  13.371  5.990   1.00 36.00 ? 229  TYR B CD1 1 
ATOM   820  C  CD2 . TYR B 1 6  ? 0.902   15.133  4.999   1.00 37.07 ? 229  TYR B CD2 1 
ATOM   821  C  CE1 . TYR B 1 6  ? -1.522  14.154  5.946   1.00 35.64 ? 229  TYR B CE1 1 
ATOM   822  C  CE2 . TYR B 1 6  ? -0.246  15.940  4.946   1.00 39.33 ? 229  TYR B CE2 1 
ATOM   823  C  CZ  . TYR B 1 6  ? -1.452  15.434  5.425   1.00 37.55 ? 229  TYR B CZ  1 
ATOM   824  O  OH  . TYR B 1 6  ? -2.592  16.193  5.383   1.00 37.20 ? 229  TYR B OH  1 
ATOM   825  N  N   . TRP B 1 7  ? 4.372   11.682  4.081   1.00 39.16 ? 230  TRP B N   1 
ATOM   826  C  CA  . TRP B 1 7  ? 5.651   11.011  4.146   1.00 39.91 ? 230  TRP B CA  1 
ATOM   827  C  C   . TRP B 1 7  ? 6.743   11.997  4.539   1.00 41.72 ? 230  TRP B C   1 
ATOM   828  O  O   . TRP B 1 7  ? 6.809   13.107  4.016   1.00 42.06 ? 230  TRP B O   1 
ATOM   829  C  CB  . TRP B 1 7  ? 5.980   10.379  2.803   1.00 40.12 ? 230  TRP B CB  1 
ATOM   830  C  CG  . TRP B 1 7  ? 7.030   9.327   2.900   1.00 42.27 ? 230  TRP B CG  1 
ATOM   831  C  CD1 . TRP B 1 7  ? 6.871   8.039   3.345   1.00 41.08 ? 230  TRP B CD1 1 
ATOM   832  C  CD2 . TRP B 1 7  ? 8.408   9.467   2.561   1.00 41.96 ? 230  TRP B CD2 1 
ATOM   833  N  NE1 . TRP B 1 7  ? 8.066   7.372   3.297   1.00 40.72 ? 230  TRP B NE1 1 
ATOM   834  C  CE2 . TRP B 1 7  ? 9.028   8.223   2.820   1.00 41.99 ? 230  TRP B CE2 1 
ATOM   835  C  CE3 . TRP B 1 7  ? 9.181   10.524  2.061   1.00 42.85 ? 230  TRP B CE3 1 
ATOM   836  C  CZ2 . TRP B 1 7  ? 10.388  8.005   2.597   1.00 41.76 ? 230  TRP B CZ2 1 
ATOM   837  C  CZ3 . TRP B 1 7  ? 10.533  10.311  1.835   1.00 43.32 ? 230  TRP B CZ3 1 
ATOM   838  C  CH2 . TRP B 1 7  ? 11.124  9.057   2.105   1.00 45.81 ? 230  TRP B CH2 1 
ATOM   839  N  N   . PHE B 1 8  ? 7.585   11.599  5.480   1.00 42.75 ? 231  PHE B N   1 
ATOM   840  C  CA  . PHE B 1 8  ? 8.683   12.442  5.919   1.00 44.24 ? 231  PHE B CA  1 
ATOM   841  C  C   . PHE B 1 8  ? 9.953   11.612  5.856   1.00 47.90 ? 231  PHE B C   1 
ATOM   842  O  O   . PHE B 1 8  ? 10.014  10.524  6.434   1.00 48.20 ? 231  PHE B O   1 
ATOM   843  C  CB  . PHE B 1 8  ? 8.471   12.919  7.357   1.00 41.80 ? 231  PHE B CB  1 
ATOM   844  C  CG  . PHE B 1 8  ? 7.345   13.906  7.525   1.00 40.53 ? 231  PHE B CG  1 
ATOM   845  C  CD1 . PHE B 1 8  ? 6.020   13.486  7.518   1.00 40.05 ? 231  PHE B CD1 1 
ATOM   846  C  CD2 . PHE B 1 8  ? 7.613   15.256  7.730   1.00 40.66 ? 231  PHE B CD2 1 
ATOM   847  C  CE1 . PHE B 1 8  ? 4.974   14.396  7.720   1.00 38.70 ? 231  PHE B CE1 1 
ATOM   848  C  CE2 . PHE B 1 8  ? 6.573   16.177  7.932   1.00 40.23 ? 231  PHE B CE2 1 
ATOM   849  C  CZ  . PHE B 1 8  ? 5.253   15.741  7.928   1.00 39.74 ? 231  PHE B CZ  1 
ATOM   850  N  N   . ASP B 1 9  ? 10.967  12.103  5.145   1.00 52.70 ? 232  ASP B N   1 
ATOM   851  C  CA  . ASP B 1 9  ? 12.220  11.358  5.066   1.00 56.50 ? 232  ASP B CA  1 
ATOM   852  C  C   . ASP B 1 9  ? 12.860  11.381  6.447   1.00 57.66 ? 232  ASP B C   1 
ATOM   853  O  O   . ASP B 1 9  ? 12.370  12.062  7.354   1.00 57.64 ? 232  ASP B O   1 
ATOM   854  C  CB  . ASP B 1 9  ? 13.177  11.965  4.025   1.00 58.66 ? 232  ASP B CB  1 
ATOM   855  C  CG  . ASP B 1 9  ? 13.539  13.412  4.322   1.00 61.53 ? 232  ASP B CG  1 
ATOM   856  O  OD1 . ASP B 1 9  ? 13.778  13.742  5.506   1.00 63.17 ? 232  ASP B OD1 1 
ATOM   857  O  OD2 . ASP B 1 9  ? 13.603  14.216  3.366   1.00 61.52 ? 232  ASP B OD2 1 
ATOM   858  N  N   . ASN B 1 10 ? 13.950  10.638  6.611   1.00 59.32 ? 233  ASN B N   1 
ATOM   859  C  CA  . ASN B 1 10 ? 14.631  10.582  7.898   1.00 60.16 ? 233  ASN B CA  1 
ATOM   860  C  C   . ASN B 1 10 ? 15.122  11.942  8.391   1.00 60.08 ? 233  ASN B C   1 
ATOM   861  O  O   . ASN B 1 10 ? 15.341  12.121  9.587   1.00 59.76 ? 233  ASN B O   1 
ATOM   862  C  CB  . ASN B 1 10 ? 15.807  9.609   7.830   1.00 61.86 ? 233  ASN B CB  1 
ATOM   863  C  CG  . ASN B 1 10 ? 15.364  8.171   7.716   1.00 63.11 ? 233  ASN B CG  1 
ATOM   864  O  OD1 . ASN B 1 10 ? 14.564  7.691   8.517   1.00 66.25 ? 233  ASN B OD1 1 
ATOM   865  N  ND2 . ASN B 1 10 ? 15.891  7.468   6.724   1.00 64.59 ? 233  ASN B ND2 1 
ATOM   866  N  N   . SER B 1 11 ? 15.283  12.901  7.481   1.00 59.93 ? 234  SER B N   1 
ATOM   867  C  CA  . SER B 1 11 ? 15.757  14.225  7.867   1.00 58.86 ? 234  SER B CA  1 
ATOM   868  C  C   . SER B 1 11 ? 14.630  15.176  8.239   1.00 58.16 ? 234  SER B C   1 
ATOM   869  O  O   . SER B 1 11 ? 14.862  16.367  8.423   1.00 60.26 ? 234  SER B O   1 
ATOM   870  C  CB  . SER B 1 11 ? 16.582  14.848  6.741   1.00 58.74 ? 234  SER B CB  1 
ATOM   871  O  OG  . SER B 1 11 ? 15.742  15.401  5.745   1.00 61.78 ? 234  SER B OG  1 
ATOM   872  N  N   . GLY B 1 12 ? 13.409  14.661  8.333   1.00 56.51 ? 235  GLY B N   1 
ATOM   873  C  CA  . GLY B 1 12 ? 12.287  15.505  8.704   1.00 54.20 ? 235  GLY B CA  1 
ATOM   874  C  C   . GLY B 1 12 ? 11.613  16.288  7.589   1.00 53.61 ? 235  GLY B C   1 
ATOM   875  O  O   . GLY B 1 12 ? 10.677  17.049  7.854   1.00 51.43 ? 235  GLY B O   1 
ATOM   876  N  N   . GLU B 1 13 ? 12.074  16.116  6.351   1.00 53.63 ? 236  GLU B N   1 
ATOM   877  C  CA  . GLU B 1 13 ? 11.488  16.821  5.210   1.00 53.73 ? 236  GLU B CA  1 
ATOM   878  C  C   . GLU B 1 13 ? 10.194  16.170  4.752   1.00 53.40 ? 236  GLU B C   1 
ATOM   879  O  O   . GLU B 1 13 ? 10.165  14.972  4.459   1.00 53.45 ? 236  GLU B O   1 
ATOM   880  C  CB  . GLU B 1 13 ? 12.458  16.845  4.028   1.00 56.32 ? 236  GLU B CB  1 
ATOM   881  C  CG  . GLU B 1 13 ? 13.442  17.997  4.028   1.00 60.03 ? 236  GLU B CG  1 
ATOM   882  C  CD  . GLU B 1 13 ? 12.790  19.325  3.703   1.00 61.57 ? 236  GLU B CD  1 
ATOM   883  O  OE1 . GLU B 1 13 ? 13.499  20.346  3.764   1.00 63.18 ? 236  GLU B OE1 1 
ATOM   884  O  OE2 . GLU B 1 13 ? 11.579  19.354  3.386   1.00 63.00 ? 236  GLU B OE2 1 
HETATM 885  N  N   . MSE B 1 14 ? 9.126   16.962  4.684   1.00 50.85 ? 237  MSE B N   1 
HETATM 886  C  CA  . MSE B 1 14 ? 7.832   16.457  4.240   1.00 47.91 ? 237  MSE B CA  1 
HETATM 887  C  C   . MSE B 1 14 ? 7.773   16.395  2.718   1.00 46.46 ? 237  MSE B C   1 
HETATM 888  O  O   . MSE B 1 14 ? 8.090   17.362  2.032   1.00 46.66 ? 237  MSE B O   1 
HETATM 889  C  CB  . MSE B 1 14 ? 6.689   17.345  4.747   1.00 48.50 ? 237  MSE B CB  1 
HETATM 890  C  CG  . MSE B 1 14 ? 5.334   16.927  4.211   1.00 46.56 ? 237  MSE B CG  1 
HETATM 891  SE SE  . MSE B 1 14 ? 3.879   17.954  4.901   1.00 50.69 ? 237  MSE B SE  1 
HETATM 892  C  CE  . MSE B 1 14 ? 3.819   19.365  3.576   1.00 49.19 ? 237  MSE B CE  1 
ATOM   893  N  N   . ALA B 1 15 ? 7.355   15.251  2.197   1.00 44.09 ? 238  ALA B N   1 
ATOM   894  C  CA  . ALA B 1 15 ? 7.245   15.067  0.764   1.00 41.03 ? 238  ALA B CA  1 
ATOM   895  C  C   . ALA B 1 15 ? 6.083   15.875  0.188   1.00 40.61 ? 238  ALA B C   1 
ATOM   896  O  O   . ALA B 1 15 ? 5.000   15.923  0.770   1.00 40.84 ? 238  ALA B O   1 
ATOM   897  C  CB  . ALA B 1 15 ? 7.052   13.596  0.460   1.00 38.33 ? 238  ALA B CB  1 
ATOM   898  N  N   . THR B 1 16 ? 6.331   16.529  -0.945  1.00 39.70 ? 239  THR B N   1 
ATOM   899  C  CA  . THR B 1 16 ? 5.320   17.304  -1.670  1.00 37.46 ? 239  THR B CA  1 
ATOM   900  C  C   . THR B 1 16 ? 5.690   17.036  -3.111  1.00 37.96 ? 239  THR B C   1 
ATOM   901  O  O   . THR B 1 16 ? 6.875   16.967  -3.438  1.00 37.29 ? 239  THR B O   1 
ATOM   902  C  CB  . THR B 1 16 ? 5.417   18.816  -1.432  1.00 37.41 ? 239  THR B CB  1 
ATOM   903  O  OG1 . THR B 1 16 ? 6.741   19.260  -1.731  1.00 35.82 ? 239  THR B OG1 1 
ATOM   904  C  CG2 . THR B 1 16 ? 5.058   19.164  -0.005  1.00 38.01 ? 239  THR B CG2 1 
ATOM   905  N  N   . GLY B 1 17 ? 4.693   16.871  -3.974  1.00 37.94 ? 240  GLY B N   1 
ATOM   906  C  CA  . GLY B 1 17 ? 4.994   16.574  -5.362  1.00 36.68 ? 240  GLY B CA  1 
ATOM   907  C  C   . GLY B 1 17 ? 5.333   15.101  -5.524  1.00 37.38 ? 240  GLY B C   1 
ATOM   908  O  O   . GLY B 1 17 ? 4.907   14.269  -4.724  1.00 36.59 ? 240  GLY B O   1 
ATOM   909  N  N   . TRP B 1 18 ? 6.100   14.775  -6.557  1.00 37.84 ? 241  TRP B N   1 
ATOM   910  C  CA  . TRP B 1 18 ? 6.480   13.401  -6.819  1.00 37.58 ? 241  TRP B CA  1 
ATOM   911  C  C   . TRP B 1 18 ? 7.570   12.946  -5.895  1.00 38.24 ? 241  TRP B C   1 
ATOM   912  O  O   . TRP B 1 18 ? 8.444   13.724  -5.560  1.00 40.81 ? 241  TRP B O   1 
ATOM   913  C  CB  . TRP B 1 18 ? 6.936   13.239  -8.263  1.00 37.65 ? 241  TRP B CB  1 
ATOM   914  C  CG  . TRP B 1 18 ? 5.791   13.226  -9.222  1.00 40.46 ? 241  TRP B CG  1 
ATOM   915  C  CD1 . TRP B 1 18 ? 5.420   14.228  -10.076 1.00 40.11 ? 241  TRP B CD1 1 
ATOM   916  C  CD2 . TRP B 1 18 ? 4.859   12.155  -9.428  1.00 40.57 ? 241  TRP B CD2 1 
ATOM   917  N  NE1 . TRP B 1 18 ? 4.315   13.843  -10.804 1.00 40.50 ? 241  TRP B NE1 1 
ATOM   918  C  CE2 . TRP B 1 18 ? 3.951   12.577  -10.428 1.00 40.17 ? 241  TRP B CE2 1 
ATOM   919  C  CE3 . TRP B 1 18 ? 4.706   10.878  -8.868  1.00 39.90 ? 241  TRP B CE3 1 
ATOM   920  C  CZ2 . TRP B 1 18 ? 2.906   11.767  -10.880 1.00 38.41 ? 241  TRP B CZ2 1 
ATOM   921  C  CZ3 . TRP B 1 18 ? 3.664   10.072  -9.321  1.00 38.72 ? 241  TRP B CZ3 1 
ATOM   922  C  CH2 . TRP B 1 18 ? 2.779   10.522  -10.320 1.00 39.76 ? 241  TRP B CH2 1 
ATOM   923  N  N   . LYS B 1 19 ? 7.512   11.683  -5.477  1.00 39.81 ? 242  LYS B N   1 
ATOM   924  C  CA  . LYS B 1 19 ? 8.514   11.128  -4.578  1.00 40.22 ? 242  LYS B CA  1 
ATOM   925  C  C   . LYS B 1 19 ? 8.653   9.630   -4.784  1.00 41.39 ? 242  LYS B C   1 
ATOM   926  O  O   . LYS B 1 19 ? 7.666   8.899   -4.720  1.00 42.12 ? 242  LYS B O   1 
ATOM   927  C  CB  . LYS B 1 19 ? 8.129   11.385  -3.123  1.00 41.57 ? 242  LYS B CB  1 
ATOM   928  C  CG  . LYS B 1 19 ? 9.299   11.265  -2.148  1.00 44.58 ? 242  LYS B CG  1 
ATOM   929  C  CD  . LYS B 1 19 ? 10.246  12.454  -2.307  1.00 47.36 ? 242  LYS B CD  1 
ATOM   930  C  CE  . LYS B 1 19 ? 11.422  12.362  -1.361  1.00 49.34 ? 242  LYS B CE  1 
ATOM   931  N  NZ  . LYS B 1 19 ? 12.175  13.640  -1.302  1.00 51.90 ? 242  LYS B NZ  1 
ATOM   932  N  N   . LYS B 1 20 ? 9.878   9.181   -5.043  1.00 41.33 ? 243  LYS B N   1 
ATOM   933  C  CA  . LYS B 1 20 ? 10.156  7.767   -5.238  1.00 42.73 ? 243  LYS B CA  1 
ATOM   934  C  C   . LYS B 1 20 ? 10.314  7.165   -3.849  1.00 43.31 ? 243  LYS B C   1 
ATOM   935  O  O   . LYS B 1 20 ? 11.223  7.539   -3.109  1.00 42.32 ? 243  LYS B O   1 
ATOM   936  C  CB  . LYS B 1 20 ? 11.447  7.591   -6.028  1.00 44.31 ? 243  LYS B CB  1 
ATOM   937  C  CG  . LYS B 1 20 ? 11.848  6.141   -6.304  1.00 45.72 ? 243  LYS B CG  1 
ATOM   938  C  CD  . LYS B 1 20 ? 13.174  6.114   -7.070  1.00 45.23 ? 243  LYS B CD  1 
ATOM   939  C  CE  . LYS B 1 20 ? 13.676  4.699   -7.324  1.00 45.97 ? 243  LYS B CE  1 
ATOM   940  N  NZ  . LYS B 1 20 ? 13.014  4.018   -8.474  1.00 44.85 ? 243  LYS B NZ  1 
ATOM   941  N  N   . ILE B 1 21 ? 9.425   6.243   -3.497  1.00 43.41 ? 244  ILE B N   1 
ATOM   942  C  CA  . ILE B 1 21 ? 9.464   5.612   -2.188  1.00 43.04 ? 244  ILE B CA  1 
ATOM   943  C  C   . ILE B 1 21 ? 9.516   4.099   -2.257  1.00 44.69 ? 244  ILE B C   1 
ATOM   944  O  O   . ILE B 1 21 ? 8.496   3.431   -2.444  1.00 45.06 ? 244  ILE B O   1 
ATOM   945  C  CB  . ILE B 1 21 ? 8.249   6.019   -1.339  1.00 41.55 ? 244  ILE B CB  1 
ATOM   946  C  CG1 . ILE B 1 21 ? 8.220   7.548   -1.188  1.00 40.59 ? 244  ILE B CG1 1 
ATOM   947  C  CG2 . ILE B 1 21 ? 8.311   5.321   0.014   1.00 39.03 ? 244  ILE B CG2 1 
ATOM   948  C  CD1 . ILE B 1 21 ? 6.998   8.103   -0.463  1.00 37.73 ? 244  ILE B CD1 1 
ATOM   949  N  N   . ALA B 1 22 ? 10.723  3.565   -2.105  1.00 46.91 ? 245  ALA B N   1 
ATOM   950  C  CA  . ALA B 1 22 ? 10.947  2.128   -2.122  1.00 46.37 ? 245  ALA B CA  1 
ATOM   951  C  C   . ALA B 1 22 ? 10.521  1.438   -3.410  1.00 48.46 ? 245  ALA B C   1 
ATOM   952  O  O   . ALA B 1 22 ? 9.718   0.509   -3.367  1.00 48.91 ? 245  ALA B O   1 
ATOM   953  C  CB  . ALA B 1 22 ? 10.231  1.487   -0.949  1.00 45.77 ? 245  ALA B CB  1 
ATOM   954  N  N   . ASP B 1 23 ? 11.044  1.891   -4.544  1.00 47.23 ? 246  ASP B N   1 
ATOM   955  C  CA  . ASP B 1 23 ? 10.736  1.278   -5.838  1.00 48.85 ? 246  ASP B CA  1 
ATOM   956  C  C   . ASP B 1 23 ? 9.361   1.599   -6.439  1.00 46.13 ? 246  ASP B C   1 
ATOM   957  O  O   . ASP B 1 23 ? 8.972   1.018   -7.450  1.00 46.83 ? 246  ASP B O   1 
ATOM   958  C  CB  . ASP B 1 23 ? 10.955  -0.250  -5.758  1.00 51.54 ? 246  ASP B CB  1 
ATOM   959  C  CG  . ASP B 1 23 ? 9.649   -1.046  -5.649  1.00 56.06 ? 246  ASP B CG  1 
ATOM   960  O  OD1 . ASP B 1 23 ? 8.760   -0.678  -4.852  1.00 55.69 ? 246  ASP B OD1 1 
ATOM   961  O  OD2 . ASP B 1 23 ? 9.516   -2.067  -6.364  1.00 59.92 ? 246  ASP B OD2 1 
ATOM   962  N  N   . LYS B 1 24 ? 8.631   2.524   -5.826  1.00 43.48 ? 247  LYS B N   1 
ATOM   963  C  CA  . LYS B 1 24 ? 7.328   2.938   -6.347  1.00 40.67 ? 247  LYS B CA  1 
ATOM   964  C  C   . LYS B 1 24 ? 7.242   4.461   -6.295  1.00 38.99 ? 247  LYS B C   1 
ATOM   965  O  O   . LYS B 1 24 ? 7.998   5.099   -5.560  1.00 38.35 ? 247  LYS B O   1 
ATOM   966  C  CB  . LYS B 1 24 ? 6.200   2.310   -5.537  1.00 39.53 ? 247  LYS B CB  1 
ATOM   967  C  CG  . LYS B 1 24 ? 6.097   0.809   -5.725  1.00 42.62 ? 247  LYS B CG  1 
ATOM   968  C  CD  . LYS B 1 24 ? 4.898   0.241   -5.000  1.00 44.10 ? 247  LYS B CD  1 
ATOM   969  C  CE  . LYS B 1 24 ? 4.650   -1.198  -5.397  1.00 47.13 ? 247  LYS B CE  1 
ATOM   970  N  NZ  . LYS B 1 24 ? 3.337   -1.669  -4.861  1.00 48.95 ? 247  LYS B NZ  1 
ATOM   971  N  N   . TRP B 1 25 ? 6.331   5.047   -7.068  1.00 36.94 ? 248  TRP B N   1 
ATOM   972  C  CA  . TRP B 1 25 ? 6.203   6.500   -7.100  1.00 35.79 ? 248  TRP B CA  1 
ATOM   973  C  C   . TRP B 1 25 ? 4.867   6.993   -6.596  1.00 34.66 ? 248  TRP B C   1 
ATOM   974  O  O   . TRP B 1 25 ? 3.812   6.451   -6.931  1.00 32.13 ? 248  TRP B O   1 
ATOM   975  C  CB  . TRP B 1 25 ? 6.447   7.019   -8.515  1.00 37.88 ? 248  TRP B CB  1 
ATOM   976  C  CG  . TRP B 1 25 ? 7.671   6.432   -9.102  1.00 41.10 ? 248  TRP B CG  1 
ATOM   977  C  CD1 . TRP B 1 25 ? 7.829   5.156   -9.586  1.00 42.19 ? 248  TRP B CD1 1 
ATOM   978  C  CD2 . TRP B 1 25 ? 8.948   7.043   -9.167  1.00 41.05 ? 248  TRP B CD2 1 
ATOM   979  N  NE1 . TRP B 1 25 ? 9.137   4.940   -9.941  1.00 42.25 ? 248  TRP B NE1 1 
ATOM   980  C  CE2 . TRP B 1 25 ? 9.847   6.084   -9.691  1.00 43.22 ? 248  TRP B CE2 1 
ATOM   981  C  CE3 . TRP B 1 25 ? 9.426   8.309   -8.830  1.00 41.68 ? 248  TRP B CE3 1 
ATOM   982  C  CZ2 . TRP B 1 25 ? 11.193  6.354   -9.880  1.00 44.17 ? 248  TRP B CZ2 1 
ATOM   983  C  CZ3 . TRP B 1 25 ? 10.758  8.579   -9.018  1.00 46.01 ? 248  TRP B CZ3 1 
ATOM   984  C  CH2 . TRP B 1 25 ? 11.632  7.607   -9.538  1.00 48.35 ? 248  TRP B CH2 1 
ATOM   985  N  N   . TYR B 1 26 ? 4.932   8.042   -5.790  1.00 34.46 ? 249  TYR B N   1 
ATOM   986  C  CA  . TYR B 1 26 ? 3.747   8.632   -5.195  1.00 35.09 ? 249  TYR B CA  1 
ATOM   987  C  C   . TYR B 1 26 ? 3.724   10.126  -5.440  1.00 34.69 ? 249  TYR B C   1 
ATOM   988  O  O   . TYR B 1 26 ? 4.767   10.772  -5.571  1.00 34.41 ? 249  TYR B O   1 
ATOM   989  C  CB  . TYR B 1 26 ? 3.723   8.371   -3.685  1.00 32.70 ? 249  TYR B CB  1 
ATOM   990  C  CG  . TYR B 1 26 ? 3.841   6.913   -3.333  1.00 31.48 ? 249  TYR B CG  1 
ATOM   991  C  CD1 . TYR B 1 26 ? 5.070   6.258   -3.396  1.00 31.47 ? 249  TYR B CD1 1 
ATOM   992  C  CD2 . TYR B 1 26 ? 2.717   6.175   -2.977  1.00 30.26 ? 249  TYR B CD2 1 
ATOM   993  C  CE1 . TYR B 1 26 ? 5.175   4.897   -3.114  1.00 31.76 ? 249  TYR B CE1 1 
ATOM   994  C  CE2 . TYR B 1 26 ? 2.811   4.822   -2.700  1.00 31.62 ? 249  TYR B CE2 1 
ATOM   995  C  CZ  . TYR B 1 26 ? 4.040   4.190   -2.772  1.00 31.18 ? 249  TYR B CZ  1 
ATOM   996  O  OH  . TYR B 1 26 ? 4.111   2.846   -2.527  1.00 34.65 ? 249  TYR B OH  1 
ATOM   997  N  N   . TYR B 1 27 ? 2.517   10.669  -5.496  1.00 34.21 ? 250  TYR B N   1 
ATOM   998  C  CA  . TYR B 1 27 ? 2.354   12.088  -5.714  1.00 34.52 ? 250  TYR B CA  1 
ATOM   999  C  C   . TYR B 1 27 ? 1.641   12.703  -4.520  1.00 33.88 ? 250  TYR B C   1 
ATOM   1000 O  O   . TYR B 1 27 ? 0.587   12.219  -4.088  1.00 33.98 ? 250  TYR B O   1 
ATOM   1001 C  CB  . TYR B 1 27 ? 1.552   12.342  -6.998  1.00 32.77 ? 250  TYR B CB  1 
ATOM   1002 C  CG  . TYR B 1 27 ? 1.403   13.820  -7.302  1.00 36.05 ? 250  TYR B CG  1 
ATOM   1003 C  CD1 . TYR B 1 27 ? 2.473   14.560  -7.799  1.00 35.15 ? 250  TYR B CD1 1 
ATOM   1004 C  CD2 . TYR B 1 27 ? 0.219   14.494  -7.000  1.00 37.48 ? 250  TYR B CD2 1 
ATOM   1005 C  CE1 . TYR B 1 27 ? 2.372   15.932  -7.977  1.00 39.60 ? 250  TYR B CE1 1 
ATOM   1006 C  CE2 . TYR B 1 27 ? 0.106   15.858  -7.168  1.00 39.01 ? 250  TYR B CE2 1 
ATOM   1007 C  CZ  . TYR B 1 27 ? 1.186   16.576  -7.650  1.00 40.81 ? 250  TYR B CZ  1 
ATOM   1008 O  OH  . TYR B 1 27 ? 1.093   17.941  -7.743  1.00 43.06 ? 250  TYR B OH  1 
ATOM   1009 N  N   . PHE B 1 28 ? 2.233   13.758  -3.979  1.00 34.61 ? 251  PHE B N   1 
ATOM   1010 C  CA  . PHE B 1 28 ? 1.650   14.467  -2.846  1.00 37.36 ? 251  PHE B CA  1 
ATOM   1011 C  C   . PHE B 1 28 ? 1.311   15.886  -3.295  1.00 40.20 ? 251  PHE B C   1 
ATOM   1012 O  O   . PHE B 1 28 ? 2.066   16.492  -4.056  1.00 40.74 ? 251  PHE B O   1 
ATOM   1013 C  CB  . PHE B 1 28 ? 2.641   14.527  -1.675  1.00 37.03 ? 251  PHE B CB  1 
ATOM   1014 C  CG  . PHE B 1 28 ? 3.165   13.181  -1.247  1.00 39.33 ? 251  PHE B CG  1 
ATOM   1015 C  CD1 . PHE B 1 28 ? 4.184   12.555  -1.962  1.00 38.59 ? 251  PHE B CD1 1 
ATOM   1016 C  CD2 . PHE B 1 28 ? 2.628   12.530  -0.137  1.00 38.64 ? 251  PHE B CD2 1 
ATOM   1017 C  CE1 . PHE B 1 28 ? 4.667   11.304  -1.581  1.00 37.66 ? 251  PHE B CE1 1 
ATOM   1018 C  CE2 . PHE B 1 28 ? 3.106   11.274  0.251   1.00 38.48 ? 251  PHE B CE2 1 
ATOM   1019 C  CZ  . PHE B 1 28 ? 4.128   10.663  -0.474  1.00 37.43 ? 251  PHE B CZ  1 
ATOM   1020 N  N   . ASN B 1 29 ? 0.176   16.417  -2.855  1.00 42.06 ? 252  ASN B N   1 
ATOM   1021 C  CA  . ASN B 1 29 ? -0.159  17.777  -3.230  1.00 44.36 ? 252  ASN B CA  1 
ATOM   1022 C  C   . ASN B 1 29 ? 0.774   18.697  -2.443  1.00 47.22 ? 252  ASN B C   1 
ATOM   1023 O  O   . ASN B 1 29 ? 1.605   18.220  -1.663  1.00 45.85 ? 252  ASN B O   1 
ATOM   1024 C  CB  . ASN B 1 29 ? -1.624  18.101  -2.931  1.00 42.91 ? 252  ASN B CB  1 
ATOM   1025 C  CG  . ASN B 1 29 ? -1.945  18.063  -1.464  1.00 42.95 ? 252  ASN B CG  1 
ATOM   1026 O  OD1 . ASN B 1 29 ? -1.066  18.193  -0.619  1.00 43.83 ? 252  ASN B OD1 1 
ATOM   1027 N  ND2 . ASN B 1 29 ? -3.224  17.909  -1.149  1.00 42.35 ? 252  ASN B ND2 1 
ATOM   1028 N  N   . GLU B 1 30 ? 0.636   20.005  -2.644  1.00 49.56 ? 253  GLU B N   1 
ATOM   1029 C  CA  . GLU B 1 30 ? 1.503   20.972  -1.980  1.00 53.10 ? 253  GLU B CA  1 
ATOM   1030 C  C   . GLU B 1 30 ? 1.458   20.984  -0.454  1.00 53.17 ? 253  GLU B C   1 
ATOM   1031 O  O   . GLU B 1 30 ? 2.403   21.437  0.192   1.00 52.40 ? 253  GLU B O   1 
ATOM   1032 C  CB  . GLU B 1 30 ? 1.228   22.377  -2.534  1.00 55.82 ? 253  GLU B CB  1 
ATOM   1033 C  CG  . GLU B 1 30 ? 1.898   22.618  -3.885  1.00 59.87 ? 253  GLU B CG  1 
ATOM   1034 C  CD  . GLU B 1 30 ? 3.423   22.542  -3.802  1.00 63.81 ? 253  GLU B CD  1 
ATOM   1035 O  OE1 . GLU B 1 30 ? 4.062   22.088  -4.784  1.00 65.73 ? 253  GLU B OE1 1 
ATOM   1036 O  OE2 . GLU B 1 30 ? 3.984   22.948  -2.756  1.00 65.29 ? 253  GLU B OE2 1 
ATOM   1037 N  N   . GLU B 1 31 ? 0.371   20.475  0.116   1.00 54.01 ? 254  GLU B N   1 
ATOM   1038 C  CA  . GLU B 1 31 ? 0.216   20.422  1.566   1.00 53.83 ? 254  GLU B CA  1 
ATOM   1039 C  C   . GLU B 1 31 ? 0.755   19.104  2.123   1.00 51.41 ? 254  GLU B C   1 
ATOM   1040 O  O   . GLU B 1 31 ? 0.693   18.865  3.327   1.00 53.19 ? 254  GLU B O   1 
ATOM   1041 C  CB  . GLU B 1 31 ? -1.258  20.566  1.932   1.00 58.07 ? 254  GLU B CB  1 
ATOM   1042 C  CG  . GLU B 1 31 ? -1.997  21.608  1.109   1.00 65.53 ? 254  GLU B CG  1 
ATOM   1043 C  CD  . GLU B 1 31 ? -1.470  23.016  1.332   1.00 70.70 ? 254  GLU B CD  1 
ATOM   1044 O  OE1 . GLU B 1 31 ? -1.580  23.519  2.476   1.00 73.01 ? 254  GLU B OE1 1 
ATOM   1045 O  OE2 . GLU B 1 31 ? -0.943  23.621  0.365   1.00 73.41 ? 254  GLU B OE2 1 
ATOM   1046 N  N   . GLY B 1 32 ? 1.272   18.248  1.243   1.00 48.93 ? 255  GLY B N   1 
ATOM   1047 C  CA  . GLY B 1 32 ? 1.827   16.970  1.671   1.00 45.82 ? 255  GLY B CA  1 
ATOM   1048 C  C   . GLY B 1 32 ? 0.927   15.748  1.541   1.00 44.43 ? 255  GLY B C   1 
ATOM   1049 O  O   . GLY B 1 32 ? 1.416   14.615  1.550   1.00 45.16 ? 255  GLY B O   1 
ATOM   1050 N  N   . ALA B 1 33 ? -0.380  15.972  1.416   1.00 41.40 ? 256  ALA B N   1 
ATOM   1051 C  CA  . ALA B 1 33 ? -1.361  14.902  1.305   1.00 40.51 ? 256  ALA B CA  1 
ATOM   1052 C  C   . ALA B 1 33 ? -1.165  14.051  0.063   1.00 41.13 ? 256  ALA B C   1 
ATOM   1053 O  O   . ALA B 1 33 ? -1.090  14.571  -1.054  1.00 42.33 ? 256  ALA B O   1 
ATOM   1054 C  CB  . ALA B 1 33 ? -2.769  15.487  1.316   1.00 37.83 ? 256  ALA B CB  1 
HETATM 1055 N  N   . MSE B 1 34 ? -1.085  12.737  0.260   1.00 39.23 ? 257  MSE B N   1 
HETATM 1056 C  CA  . MSE B 1 34 ? -0.891  11.812  -0.847  1.00 37.67 ? 257  MSE B CA  1 
HETATM 1057 C  C   . MSE B 1 34 ? -2.169  11.779  -1.663  1.00 38.58 ? 257  MSE B C   1 
HETATM 1058 O  O   . MSE B 1 34 ? -3.267  11.741  -1.107  1.00 38.98 ? 257  MSE B O   1 
HETATM 1059 C  CB  . MSE B 1 34 ? -0.569  10.403  -0.335  1.00 35.35 ? 257  MSE B CB  1 
HETATM 1060 C  CG  . MSE B 1 34 ? -0.262  9.410   -1.431  1.00 32.73 ? 257  MSE B CG  1 
HETATM 1061 SE SE  . MSE B 1 34 ? -0.274  7.553   -0.875  1.00 37.51 ? 257  MSE B SE  1 
HETATM 1062 C  CE  . MSE B 1 34 ? -2.199  7.281   -0.816  1.00 28.43 ? 257  MSE B CE  1 
ATOM   1063 N  N   . LYS B 1 35 ? -2.020  11.807  -2.984  1.00 37.80 ? 258  LYS B N   1 
ATOM   1064 C  CA  . LYS B 1 35 ? -3.163  11.785  -3.885  1.00 35.46 ? 258  LYS B CA  1 
ATOM   1065 C  C   . LYS B 1 35 ? -3.300  10.425  -4.538  1.00 33.80 ? 258  LYS B C   1 
ATOM   1066 O  O   . LYS B 1 35 ? -2.319  9.707   -4.723  1.00 31.24 ? 258  LYS B O   1 
ATOM   1067 C  CB  . LYS B 1 35 ? -2.998  12.849  -4.976  1.00 38.00 ? 258  LYS B CB  1 
ATOM   1068 C  CG  . LYS B 1 35 ? -2.928  14.261  -4.453  1.00 41.57 ? 258  LYS B CG  1 
ATOM   1069 C  CD  . LYS B 1 35 ? -4.305  14.792  -4.104  1.00 48.08 ? 258  LYS B CD  1 
ATOM   1070 C  CE  . LYS B 1 35 ? -5.067  15.177  -5.373  1.00 50.52 ? 258  LYS B CE  1 
ATOM   1071 N  NZ  . LYS B 1 35 ? -4.274  16.161  -6.181  1.00 51.09 ? 258  LYS B NZ  1 
ATOM   1072 N  N   . THR B 1 36 ? -4.536  10.068  -4.864  1.00 33.94 ? 259  THR B N   1 
ATOM   1073 C  CA  . THR B 1 36 ? -4.822  8.812   -5.544  1.00 36.15 ? 259  THR B CA  1 
ATOM   1074 C  C   . THR B 1 36 ? -5.670  9.181   -6.764  1.00 35.62 ? 259  THR B C   1 
ATOM   1075 O  O   . THR B 1 36 ? -6.191  10.289  -6.844  1.00 35.73 ? 259  THR B O   1 
ATOM   1076 C  CB  . THR B 1 36 ? -5.610  7.854   -4.647  1.00 35.14 ? 259  THR B CB  1 
ATOM   1077 O  OG1 . THR B 1 36 ? -6.852  8.463   -4.294  1.00 39.07 ? 259  THR B OG1 1 
ATOM   1078 C  CG2 . THR B 1 36 ? -4.836  7.545   -3.377  1.00 33.59 ? 259  THR B CG2 1 
ATOM   1079 N  N   . GLY B 1 37 ? -5.794  8.270   -7.718  1.00 36.90 ? 260  GLY B N   1 
ATOM   1080 C  CA  . GLY B 1 37 ? -6.584  8.566   -8.898  1.00 37.49 ? 260  GLY B CA  1 
ATOM   1081 C  C   . GLY B 1 37 ? -5.843  9.374   -9.947  1.00 38.03 ? 260  GLY B C   1 
ATOM   1082 O  O   . GLY B 1 37 ? -4.607  9.422   -9.964  1.00 38.56 ? 260  GLY B O   1 
ATOM   1083 N  N   . TRP B 1 38 ? -6.598  10.027  -10.823 1.00 37.08 ? 261  TRP B N   1 
ATOM   1084 C  CA  . TRP B 1 38 ? -5.991  10.809  -11.887 1.00 36.34 ? 261  TRP B CA  1 
ATOM   1085 C  C   . TRP B 1 38 ? -5.372  12.084  -11.361 1.00 36.70 ? 261  TRP B C   1 
ATOM   1086 O  O   . TRP B 1 38 ? -5.945  12.758  -10.508 1.00 36.90 ? 261  TRP B O   1 
ATOM   1087 C  CB  . TRP B 1 38 ? -7.020  11.142  -12.979 1.00 35.32 ? 261  TRP B CB  1 
ATOM   1088 C  CG  . TRP B 1 38 ? -7.371  9.981   -13.859 1.00 34.61 ? 261  TRP B CG  1 
ATOM   1089 C  CD1 . TRP B 1 38 ? -8.491  9.195   -13.785 1.00 33.11 ? 261  TRP B CD1 1 
ATOM   1090 C  CD2 . TRP B 1 38 ? -6.561  9.425   -14.903 1.00 35.33 ? 261  TRP B CD2 1 
ATOM   1091 N  NE1 . TRP B 1 38 ? -8.423  8.181   -14.719 1.00 35.95 ? 261  TRP B NE1 1 
ATOM   1092 C  CE2 . TRP B 1 38 ? -7.249  8.301   -15.417 1.00 34.66 ? 261  TRP B CE2 1 
ATOM   1093 C  CE3 . TRP B 1 38 ? -5.317  9.766   -15.455 1.00 35.14 ? 261  TRP B CE3 1 
ATOM   1094 C  CZ2 . TRP B 1 38 ? -6.735  7.520   -16.450 1.00 35.04 ? 261  TRP B CZ2 1 
ATOM   1095 C  CZ3 . TRP B 1 38 ? -4.807  8.981   -16.486 1.00 31.39 ? 261  TRP B CZ3 1 
ATOM   1096 C  CH2 . TRP B 1 38 ? -5.514  7.875   -16.970 1.00 32.35 ? 261  TRP B CH2 1 
ATOM   1097 N  N   . VAL B 1 39 ? -4.191  12.409  -11.869 1.00 37.26 ? 262  VAL B N   1 
ATOM   1098 C  CA  . VAL B 1 39 ? -3.517  13.622  -11.454 1.00 39.04 ? 262  VAL B CA  1 
ATOM   1099 C  C   . VAL B 1 39 ? -2.882  14.305  -12.657 1.00 38.48 ? 262  VAL B C   1 
ATOM   1100 O  O   . VAL B 1 39 ? -2.234  13.658  -13.479 1.00 38.64 ? 262  VAL B O   1 
ATOM   1101 C  CB  . VAL B 1 39 ? -2.421  13.334  -10.397 1.00 41.56 ? 262  VAL B CB  1 
ATOM   1102 C  CG1 . VAL B 1 39 ? -1.423  12.333  -10.944 1.00 41.24 ? 262  VAL B CG1 1 
ATOM   1103 C  CG2 . VAL B 1 39 ? -1.700  14.633  -10.020 1.00 40.87 ? 262  VAL B CG2 1 
ATOM   1104 N  N   . LYS B 1 40 ? -3.084  15.616  -12.751 1.00 39.25 ? 263  LYS B N   1 
ATOM   1105 C  CA  . LYS B 1 40 ? -2.533  16.407  -13.833 1.00 38.14 ? 263  LYS B CA  1 
ATOM   1106 C  C   . LYS B 1 40 ? -1.396  17.243  -13.286 1.00 38.27 ? 263  LYS B C   1 
ATOM   1107 O  O   . LYS B 1 40 ? -1.602  18.173  -12.502 1.00 41.68 ? 263  LYS B O   1 
ATOM   1108 C  CB  . LYS B 1 40 ? -3.609  17.307  -14.430 1.00 40.05 ? 263  LYS B CB  1 
ATOM   1109 C  CG  . LYS B 1 40 ? -3.136  18.125  -15.618 1.00 40.37 ? 263  LYS B CG  1 
ATOM   1110 C  CD  . LYS B 1 40 ? -4.267  18.928  -16.204 1.00 42.08 ? 263  LYS B CD  1 
ATOM   1111 C  CE  . LYS B 1 40 ? -3.797  19.753  -17.386 1.00 43.47 ? 263  LYS B CE  1 
ATOM   1112 N  NZ  . LYS B 1 40 ? -4.956  20.282  -18.153 1.00 45.89 ? 263  LYS B NZ  1 
ATOM   1113 N  N   . TYR B 1 41 ? -0.189  16.905  -13.710 1.00 39.22 ? 264  TYR B N   1 
ATOM   1114 C  CA  . TYR B 1 41 ? 0.999   17.603  -13.254 1.00 38.00 ? 264  TYR B CA  1 
ATOM   1115 C  C   . TYR B 1 41 ? 1.749   18.276  -14.410 1.00 38.18 ? 264  TYR B C   1 
ATOM   1116 O  O   . TYR B 1 41 ? 2.313   17.601  -15.266 1.00 38.11 ? 264  TYR B O   1 
ATOM   1117 C  CB  . TYR B 1 41 ? 1.902   16.604  -12.545 1.00 36.42 ? 264  TYR B CB  1 
ATOM   1118 C  CG  . TYR B 1 41 ? 3.137   17.219  -11.964 1.00 33.39 ? 264  TYR B CG  1 
ATOM   1119 C  CD1 . TYR B 1 41 ? 4.394   16.919  -12.480 1.00 31.08 ? 264  TYR B CD1 1 
ATOM   1120 C  CD2 . TYR B 1 41 ? 3.048   18.127  -10.909 1.00 32.87 ? 264  TYR B CD2 1 
ATOM   1121 C  CE1 . TYR B 1 41 ? 5.539   17.510  -11.962 1.00 30.96 ? 264  TYR B CE1 1 
ATOM   1122 C  CE2 . TYR B 1 41 ? 4.184   18.722  -10.385 1.00 35.02 ? 264  TYR B CE2 1 
ATOM   1123 C  CZ  . TYR B 1 41 ? 5.426   18.407  -10.923 1.00 33.66 ? 264  TYR B CZ  1 
ATOM   1124 O  OH  . TYR B 1 41 ? 6.540   19.017  -10.428 1.00 37.07 ? 264  TYR B OH  1 
ATOM   1125 N  N   . LYS B 1 42 ? 1.761   19.607  -14.427 1.00 38.56 ? 265  LYS B N   1 
ATOM   1126 C  CA  . LYS B 1 42 ? 2.431   20.363  -15.490 1.00 39.05 ? 265  LYS B CA  1 
ATOM   1127 C  C   . LYS B 1 42 ? 1.956   19.948  -16.873 1.00 40.36 ? 265  LYS B C   1 
ATOM   1128 O  O   . LYS B 1 42 ? 2.765   19.570  -17.727 1.00 40.92 ? 265  LYS B O   1 
ATOM   1129 C  CB  . LYS B 1 42 ? 3.952   20.185  -15.420 1.00 37.76 ? 265  LYS B CB  1 
ATOM   1130 C  CG  . LYS B 1 42 ? 4.593   20.764  -14.171 1.00 35.88 ? 265  LYS B CG  1 
ATOM   1131 C  CD  . LYS B 1 42 ? 6.103   20.587  -14.218 1.00 36.10 ? 265  LYS B CD  1 
ATOM   1132 C  CE  . LYS B 1 42 ? 6.776   21.167  -12.981 1.00 34.19 ? 265  LYS B CE  1 
ATOM   1133 N  NZ  . LYS B 1 42 ? 8.250   21.188  -13.163 1.00 37.27 ? 265  LYS B NZ  1 
ATOM   1134 N  N   . ASP B 1 43 ? 0.641   20.006  -17.077 1.00 40.79 ? 266  ASP B N   1 
ATOM   1135 C  CA  . ASP B 1 43 ? 0.013   19.665  -18.350 1.00 42.30 ? 266  ASP B CA  1 
ATOM   1136 C  C   . ASP B 1 43 ? 0.167   18.202  -18.812 1.00 41.24 ? 266  ASP B C   1 
ATOM   1137 O  O   . ASP B 1 43 ? 0.056   17.907  -20.008 1.00 42.32 ? 266  ASP B O   1 
ATOM   1138 C  CB  . ASP B 1 43 ? 0.528   20.612  -19.451 1.00 45.55 ? 266  ASP B CB  1 
ATOM   1139 C  CG  . ASP B 1 43 ? -0.411  20.679  -20.651 1.00 48.01 ? 266  ASP B CG  1 
ATOM   1140 O  OD1 . ASP B 1 43 ? 0.054   20.529  -21.804 1.00 47.80 ? 266  ASP B OD1 1 
ATOM   1141 O  OD2 . ASP B 1 43 ? -1.624  20.884  -20.430 1.00 51.01 ? 266  ASP B OD2 1 
ATOM   1142 N  N   . THR B 1 44 ? 0.416   17.284  -17.883 1.00 39.54 ? 267  THR B N   1 
ATOM   1143 C  CA  . THR B 1 44 ? 0.557   15.875  -18.249 1.00 37.47 ? 267  THR B CA  1 
ATOM   1144 C  C   . THR B 1 44 ? -0.147  14.973  -17.223 1.00 36.88 ? 267  THR B C   1 
ATOM   1145 O  O   . THR B 1 44 ? -0.070  15.194  -16.010 1.00 36.91 ? 267  THR B O   1 
ATOM   1146 C  CB  . THR B 1 44 ? 2.073   15.514  -18.486 1.00 37.77 ? 267  THR B CB  1 
ATOM   1147 O  OG1 . THR B 1 44 ? 2.331   14.149  -18.137 1.00 38.97 ? 267  THR B OG1 1 
ATOM   1148 C  CG2 . THR B 1 44 ? 2.967   16.436  -17.726 1.00 36.23 ? 267  THR B CG2 1 
ATOM   1149 N  N   . TRP B 1 45 ? -0.874  13.976  -17.721 1.00 37.17 ? 268  TRP B N   1 
ATOM   1150 C  CA  . TRP B 1 45 ? -1.651  13.102  -16.855 1.00 36.60 ? 268  TRP B CA  1 
ATOM   1151 C  C   . TRP B 1 45 ? -1.015  11.801  -16.415 1.00 35.84 ? 268  TRP B C   1 
ATOM   1152 O  O   . TRP B 1 45 ? -0.360  11.120  -17.205 1.00 34.91 ? 268  TRP B O   1 
ATOM   1153 C  CB  . TRP B 1 45 ? -3.000  12.789  -17.499 1.00 38.45 ? 268  TRP B CB  1 
ATOM   1154 C  CG  . TRP B 1 45 ? -3.929  13.962  -17.569 1.00 43.38 ? 268  TRP B CG  1 
ATOM   1155 C  CD1 . TRP B 1 45 ? -4.055  14.851  -18.602 1.00 43.73 ? 268  TRP B CD1 1 
ATOM   1156 C  CD2 . TRP B 1 45 ? -4.857  14.385  -16.559 1.00 43.78 ? 268  TRP B CD2 1 
ATOM   1157 N  NE1 . TRP B 1 45 ? -5.006  15.799  -18.295 1.00 44.51 ? 268  TRP B NE1 1 
ATOM   1158 C  CE2 . TRP B 1 45 ? -5.513  15.537  -17.049 1.00 45.27 ? 268  TRP B CE2 1 
ATOM   1159 C  CE3 . TRP B 1 45 ? -5.195  13.903  -15.287 1.00 43.98 ? 268  TRP B CE3 1 
ATOM   1160 C  CZ2 . TRP B 1 45 ? -6.493  16.216  -16.307 1.00 45.49 ? 268  TRP B CZ2 1 
ATOM   1161 C  CZ3 . TRP B 1 45 ? -6.172  14.581  -14.547 1.00 44.11 ? 268  TRP B CZ3 1 
ATOM   1162 C  CH2 . TRP B 1 45 ? -6.807  15.721  -15.060 1.00 44.13 ? 268  TRP B CH2 1 
ATOM   1163 N  N   . TYR B 1 46 ? -1.229  11.474  -15.138 1.00 33.17 ? 269  TYR B N   1 
ATOM   1164 C  CA  . TYR B 1 46 ? -0.717  10.252  -14.521 1.00 33.98 ? 269  TYR B CA  1 
ATOM   1165 C  C   . TYR B 1 46 ? -1.875  9.596   -13.773 1.00 34.03 ? 269  TYR B C   1 
ATOM   1166 O  O   . TYR B 1 46 ? -2.888  10.245  -13.499 1.00 34.17 ? 269  TYR B O   1 
ATOM   1167 C  CB  . TYR B 1 46 ? 0.392   10.554  -13.495 1.00 32.24 ? 269  TYR B CB  1 
ATOM   1168 C  CG  . TYR B 1 46 ? 1.714   11.048  -14.052 1.00 32.21 ? 269  TYR B CG  1 
ATOM   1169 C  CD1 . TYR B 1 46 ? 1.919   12.407  -14.343 1.00 32.91 ? 269  TYR B CD1 1 
ATOM   1170 C  CD2 . TYR B 1 46 ? 2.775   10.171  -14.247 1.00 29.60 ? 269  TYR B CD2 1 
ATOM   1171 C  CE1 . TYR B 1 46 ? 3.159   12.873  -14.808 1.00 30.70 ? 269  TYR B CE1 1 
ATOM   1172 C  CE2 . TYR B 1 46 ? 4.011   10.620  -14.714 1.00 31.04 ? 269  TYR B CE2 1 
ATOM   1173 C  CZ  . TYR B 1 46 ? 4.199   11.975  -14.990 1.00 32.16 ? 269  TYR B CZ  1 
ATOM   1174 O  OH  . TYR B 1 46 ? 5.428   12.415  -15.438 1.00 27.95 ? 269  TYR B OH  1 
ATOM   1175 N  N   . TYR B 1 47 ? -1.737  8.313   -13.451 1.00 33.08 ? 270  TYR B N   1 
ATOM   1176 C  CA  . TYR B 1 47 ? -2.779  7.639   -12.698 1.00 34.14 ? 270  TYR B CA  1 
ATOM   1177 C  C   . TYR B 1 47 ? -2.206  6.991   -11.444 1.00 34.60 ? 270  TYR B C   1 
ATOM   1178 O  O   . TYR B 1 47 ? -1.352  6.112   -11.528 1.00 33.10 ? 270  TYR B O   1 
ATOM   1179 C  CB  . TYR B 1 47 ? -3.475  6.568   -13.529 1.00 34.34 ? 270  TYR B CB  1 
ATOM   1180 C  CG  . TYR B 1 47 ? -4.634  5.952   -12.780 1.00 35.71 ? 270  TYR B CG  1 
ATOM   1181 C  CD1 . TYR B 1 47 ? -5.821  6.656   -12.605 1.00 35.05 ? 270  TYR B CD1 1 
ATOM   1182 C  CD2 . TYR B 1 47 ? -4.524  4.688   -12.182 1.00 36.26 ? 270  TYR B CD2 1 
ATOM   1183 C  CE1 . TYR B 1 47 ? -6.864  6.130   -11.858 1.00 34.23 ? 270  TYR B CE1 1 
ATOM   1184 C  CE2 . TYR B 1 47 ? -5.572  4.156   -11.433 1.00 34.82 ? 270  TYR B CE2 1 
ATOM   1185 C  CZ  . TYR B 1 47 ? -6.734  4.890   -11.276 1.00 34.89 ? 270  TYR B CZ  1 
ATOM   1186 O  OH  . TYR B 1 47 ? -7.767  4.407   -10.517 1.00 37.44 ? 270  TYR B OH  1 
ATOM   1187 N  N   . LEU B 1 48 ? -2.680  7.431   -10.285 1.00 34.50 ? 271  LEU B N   1 
ATOM   1188 C  CA  . LEU B 1 48 ? -2.209  6.885   -9.017  1.00 36.69 ? 271  LEU B CA  1 
ATOM   1189 C  C   . LEU B 1 48 ? -3.219  5.884   -8.466  1.00 39.12 ? 271  LEU B C   1 
ATOM   1190 O  O   . LEU B 1 48 ? -4.399  6.210   -8.283  1.00 37.20 ? 271  LEU B O   1 
ATOM   1191 C  CB  . LEU B 1 48 ? -1.990  8.022   -8.018  1.00 36.36 ? 271  LEU B CB  1 
ATOM   1192 C  CG  . LEU B 1 48 ? -1.010  9.077   -8.530  1.00 36.29 ? 271  LEU B CG  1 
ATOM   1193 C  CD1 . LEU B 1 48 ? -1.177  10.334  -7.738  1.00 38.93 ? 271  LEU B CD1 1 
ATOM   1194 C  CD2 . LEU B 1 48 ? 0.426   8.555   -8.430  1.00 36.21 ? 271  LEU B CD2 1 
ATOM   1195 N  N   . ASP B 1 49 ? -2.746  4.663   -8.220  1.00 41.36 ? 272  ASP B N   1 
ATOM   1196 C  CA  . ASP B 1 49 ? -3.575  3.579   -7.691  1.00 44.07 ? 272  ASP B CA  1 
ATOM   1197 C  C   . ASP B 1 49 ? -4.496  4.059   -6.564  1.00 44.78 ? 272  ASP B C   1 
ATOM   1198 O  O   . ASP B 1 49 ? -4.036  4.595   -5.557  1.00 43.51 ? 272  ASP B O   1 
ATOM   1199 C  CB  . ASP B 1 49 ? -2.675  2.456   -7.172  1.00 45.20 ? 272  ASP B CB  1 
ATOM   1200 C  CG  . ASP B 1 49 ? -3.456  1.251   -6.701  1.00 46.87 ? 272  ASP B CG  1 
ATOM   1201 O  OD1 . ASP B 1 49 ? -3.964  0.499   -7.551  1.00 48.57 ? 272  ASP B OD1 1 
ATOM   1202 O  OD2 . ASP B 1 49 ? -3.566  1.053   -5.476  1.00 50.71 ? 272  ASP B OD2 1 
ATOM   1203 N  N   . ALA B 1 50 ? -5.797  3.853   -6.733  1.00 46.72 ? 273  ALA B N   1 
ATOM   1204 C  CA  . ALA B 1 50 ? -6.769  4.278   -5.739  1.00 47.43 ? 273  ALA B CA  1 
ATOM   1205 C  C   . ALA B 1 50 ? -6.585  3.548   -4.419  1.00 49.14 ? 273  ALA B C   1 
ATOM   1206 O  O   . ALA B 1 50 ? -6.952  4.060   -3.366  1.00 48.97 ? 273  ALA B O   1 
ATOM   1207 C  CB  . ALA B 1 50 ? -8.169  4.054   -6.263  1.00 47.70 ? 273  ALA B CB  1 
ATOM   1208 N  N   . LYS B 1 51 ? -6.013  2.353   -4.462  1.00 51.16 ? 274  LYS B N   1 
ATOM   1209 C  CA  . LYS B 1 51 ? -5.810  1.615   -3.227  1.00 54.72 ? 274  LYS B CA  1 
ATOM   1210 C  C   . LYS B 1 51 ? -4.571  2.108   -2.481  1.00 55.38 ? 274  LYS B C   1 
ATOM   1211 O  O   . LYS B 1 51 ? -4.692  2.904   -1.551  1.00 57.42 ? 274  LYS B O   1 
ATOM   1212 C  CB  . LYS B 1 51 ? -5.695  0.118   -3.509  1.00 58.67 ? 274  LYS B CB  1 
ATOM   1213 C  CG  . LYS B 1 51 ? -6.569  -0.730  -2.597  1.00 63.09 ? 274  LYS B CG  1 
ATOM   1214 C  CD  . LYS B 1 51 ? -8.058  -0.486  -2.865  1.00 65.29 ? 274  LYS B CD  1 
ATOM   1215 C  CE  . LYS B 1 51 ? -8.526  -1.201  -4.136  1.00 68.14 ? 274  LYS B CE  1 
ATOM   1216 N  NZ  . LYS B 1 51 ? -7.763  -0.796  -5.364  1.00 69.63 ? 274  LYS B NZ  1 
ATOM   1217 N  N   . GLU B 1 52 ? -3.384  1.663   -2.893  1.00 53.47 ? 275  GLU B N   1 
ATOM   1218 C  CA  . GLU B 1 52 ? -2.158  2.078   -2.219  1.00 52.85 ? 275  GLU B CA  1 
ATOM   1219 C  C   . GLU B 1 52 ? -1.467  3.346   -2.725  1.00 49.02 ? 275  GLU B C   1 
ATOM   1220 O  O   . GLU B 1 52 ? -0.339  3.628   -2.332  1.00 47.99 ? 275  GLU B O   1 
ATOM   1221 C  CB  . GLU B 1 52 ? -1.142  0.935   -2.199  1.00 57.25 ? 275  GLU B CB  1 
ATOM   1222 C  CG  . GLU B 1 52 ? -1.595  -0.271  -1.402  1.00 62.24 ? 275  GLU B CG  1 
ATOM   1223 C  CD  . GLU B 1 52 ? -2.314  -1.277  -2.266  1.00 66.24 ? 275  GLU B CD  1 
ATOM   1224 O  OE1 . GLU B 1 52 ? -2.838  -2.273  -1.717  1.00 69.01 ? 275  GLU B OE1 1 
ATOM   1225 O  OE2 . GLU B 1 52 ? -2.347  -1.073  -3.501  1.00 67.94 ? 275  GLU B OE2 1 
ATOM   1226 N  N   . GLY B 1 53 ? -2.136  4.098   -3.590  1.00 45.29 ? 276  GLY B N   1 
ATOM   1227 C  CA  . GLY B 1 53 ? -1.581  5.345   -4.089  1.00 39.66 ? 276  GLY B CA  1 
ATOM   1228 C  C   . GLY B 1 53 ? -0.393  5.335   -5.034  1.00 38.23 ? 276  GLY B C   1 
ATOM   1229 O  O   . GLY B 1 53 ? 0.003   6.387   -5.528  1.00 37.58 ? 276  GLY B O   1 
ATOM   1230 N  N   . ALA B 1 54 ? 0.177   4.169   -5.304  1.00 35.88 ? 277  ALA B N   1 
ATOM   1231 C  CA  . ALA B 1 54 ? 1.332   4.102   -6.184  1.00 34.44 ? 277  ALA B CA  1 
ATOM   1232 C  C   . ALA B 1 54 ? 0.974   4.316   -7.651  1.00 35.57 ? 277  ALA B C   1 
ATOM   1233 O  O   . ALA B 1 54 ? -0.084  3.894   -8.131  1.00 33.45 ? 277  ALA B O   1 
ATOM   1234 C  CB  . ALA B 1 54 ? 2.059   2.768   -6.008  1.00 33.47 ? 277  ALA B CB  1 
HETATM 1235 N  N   . MSE B 1 55 ? 1.877   4.983   -8.357  1.00 34.44 ? 278  MSE B N   1 
HETATM 1236 C  CA  . MSE B 1 55 ? 1.691   5.272   -9.761  1.00 34.41 ? 278  MSE B CA  1 
HETATM 1237 C  C   . MSE B 1 55 ? 1.678   3.989   -10.597 1.00 34.32 ? 278  MSE B C   1 
HETATM 1238 O  O   . MSE B 1 55 ? 2.475   3.075   -10.366 1.00 32.77 ? 278  MSE B O   1 
HETATM 1239 C  CB  . MSE B 1 55 ? 2.820   6.189   -10.230 1.00 35.46 ? 278  MSE B CB  1 
HETATM 1240 C  CG  . MSE B 1 55 ? 2.744   6.548   -11.692 1.00 38.51 ? 278  MSE B CG  1 
HETATM 1241 SE SE  . MSE B 1 55 ? 4.397   7.284   -12.333 1.00 45.74 ? 278  MSE B SE  1 
HETATM 1242 C  CE  . MSE B 1 55 ? 5.170   5.624   -12.851 1.00 32.27 ? 278  MSE B CE  1 
ATOM   1243 N  N   . VAL B 1 56 ? 0.768   3.902   -11.560 1.00 33.54 ? 279  VAL B N   1 
ATOM   1244 C  CA  . VAL B 1 56 ? 0.744   2.716   -12.405 1.00 34.01 ? 279  VAL B CA  1 
ATOM   1245 C  C   . VAL B 1 56 ? 1.435   3.088   -13.708 1.00 32.74 ? 279  VAL B C   1 
ATOM   1246 O  O   . VAL B 1 56 ? 1.328   4.216   -14.174 1.00 30.68 ? 279  VAL B O   1 
ATOM   1247 C  CB  . VAL B 1 56 ? -0.703  2.196   -12.686 1.00 34.66 ? 279  VAL B CB  1 
ATOM   1248 C  CG1 . VAL B 1 56 ? -1.639  2.597   -11.545 1.00 33.16 ? 279  VAL B CG1 1 
ATOM   1249 C  CG2 . VAL B 1 56 ? -1.194  2.695   -14.012 1.00 34.64 ? 279  VAL B CG2 1 
ATOM   1250 N  N   . SER B 1 57 ? 2.170   2.146   -14.277 1.00 33.63 ? 280  SER B N   1 
ATOM   1251 C  CA  . SER B 1 57 ? 2.884   2.396   -15.515 1.00 36.24 ? 280  SER B CA  1 
ATOM   1252 C  C   . SER B 1 57 ? 2.741   1.161   -16.402 1.00 37.80 ? 280  SER B C   1 
ATOM   1253 O  O   . SER B 1 57 ? 2.558   0.058   -15.887 1.00 36.83 ? 280  SER B O   1 
ATOM   1254 C  CB  . SER B 1 57 ? 4.354   2.659   -15.214 1.00 35.95 ? 280  SER B CB  1 
ATOM   1255 O  OG  . SER B 1 57 ? 4.966   1.503   -14.669 1.00 35.51 ? 280  SER B OG  1 
ATOM   1256 N  N   . ASN B 1 58 ? 2.828   1.362   -17.718 1.00 37.33 ? 281  ASN B N   1 
ATOM   1257 C  CA  . ASN B 1 58 ? 2.693   0.294   -18.710 1.00 37.20 ? 281  ASN B CA  1 
ATOM   1258 C  C   . ASN B 1 58 ? 1.459   -0.556  -18.422 1.00 38.37 ? 281  ASN B C   1 
ATOM   1259 O  O   . ASN B 1 58 ? 1.543   -1.781  -18.330 1.00 36.70 ? 281  ASN B O   1 
ATOM   1260 C  CB  . ASN B 1 58 ? 3.931   -0.609  -18.722 1.00 35.45 ? 281  ASN B CB  1 
ATOM   1261 C  CG  . ASN B 1 58 ? 3.917   -1.604  -19.884 1.00 36.33 ? 281  ASN B CG  1 
ATOM   1262 O  OD1 . ASN B 1 58 ? 4.506   -2.683  -19.799 1.00 37.66 ? 281  ASN B OD1 1 
ATOM   1263 N  ND2 . ASN B 1 58 ? 3.252   -1.238  -20.976 1.00 33.64 ? 281  ASN B ND2 1 
ATOM   1264 N  N   . ALA B 1 59 ? 0.313   0.101   -18.300 1.00 38.20 ? 282  ALA B N   1 
ATOM   1265 C  CA  . ALA B 1 59 ? -0.921  -0.598  -17.995 1.00 39.81 ? 282  ALA B CA  1 
ATOM   1266 C  C   . ALA B 1 59 ? -2.131  0.088   -18.599 1.00 39.75 ? 282  ALA B C   1 
ATOM   1267 O  O   . ALA B 1 59 ? -2.088  1.272   -18.924 1.00 40.67 ? 282  ALA B O   1 
ATOM   1268 C  CB  . ALA B 1 59 ? -1.095  -0.691  -16.484 1.00 37.33 ? 282  ALA B CB  1 
ATOM   1269 N  N   . PHE B 1 60 ? -3.211  -0.669  -18.745 1.00 40.25 ? 283  PHE B N   1 
ATOM   1270 C  CA  . PHE B 1 60 ? -4.450  -0.134  -19.278 1.00 41.63 ? 283  PHE B CA  1 
ATOM   1271 C  C   . PHE B 1 60 ? -5.418  0.013   -18.125 1.00 43.70 ? 283  PHE B C   1 
ATOM   1272 O  O   . PHE B 1 60 ? -5.569  -0.910  -17.328 1.00 45.38 ? 283  PHE B O   1 
ATOM   1273 C  CB  . PHE B 1 60 ? -5.062  -1.085  -20.307 1.00 39.81 ? 283  PHE B CB  1 
ATOM   1274 C  CG  . PHE B 1 60 ? -4.246  -1.250  -21.549 1.00 37.95 ? 283  PHE B CG  1 
ATOM   1275 C  CD1 . PHE B 1 60 ? -3.240  -2.208  -21.617 1.00 38.69 ? 283  PHE B CD1 1 
ATOM   1276 C  CD2 . PHE B 1 60 ? -4.475  -0.443  -22.655 1.00 36.56 ? 283  PHE B CD2 1 
ATOM   1277 C  CE1 . PHE B 1 60 ? -2.472  -2.361  -22.774 1.00 35.87 ? 283  PHE B CE1 1 
ATOM   1278 C  CE2 . PHE B 1 60 ? -3.711  -0.588  -23.816 1.00 37.63 ? 283  PHE B CE2 1 
ATOM   1279 C  CZ  . PHE B 1 60 ? -2.709  -1.550  -23.874 1.00 35.73 ? 283  PHE B CZ  1 
ATOM   1280 N  N   . ILE B 1 61 ? -6.063  1.166   -18.011 1.00 45.43 ? 284  ILE B N   1 
ATOM   1281 C  CA  . ILE B 1 61 ? -7.030  1.339   -16.947 1.00 46.53 ? 284  ILE B CA  1 
ATOM   1282 C  C   . ILE B 1 61 ? -8.395  1.770   -17.498 1.00 48.33 ? 284  ILE B C   1 
ATOM   1283 O  O   . ILE B 1 61 ? -8.522  2.757   -18.229 1.00 47.56 ? 284  ILE B O   1 
ATOM   1284 C  CB  . ILE B 1 61 ? -6.536  2.331   -15.861 1.00 47.06 ? 284  ILE B CB  1 
ATOM   1285 C  CG1 . ILE B 1 61 ? -6.618  3.762   -16.356 1.00 45.68 ? 284  ILE B CG1 1 
ATOM   1286 C  CG2 . ILE B 1 61 ? -5.098  2.006   -15.477 1.00 46.34 ? 284  ILE B CG2 1 
ATOM   1287 C  CD1 . ILE B 1 61 ? -6.502  4.737   -15.233 1.00 48.30 ? 284  ILE B CD1 1 
ATOM   1288 N  N   . GLN B 1 62 ? -9.409  0.992   -17.139 1.00 49.92 ? 285  GLN B N   1 
ATOM   1289 C  CA  . GLN B 1 62 ? -10.779 1.207   -17.574 1.00 51.82 ? 285  GLN B CA  1 
ATOM   1290 C  C   . GLN B 1 62 ? -11.321 2.615   -17.354 1.00 51.77 ? 285  GLN B C   1 
ATOM   1291 O  O   . GLN B 1 62 ? -11.165 3.210   -16.287 1.00 52.02 ? 285  GLN B O   1 
ATOM   1292 C  CB  . GLN B 1 62 ? -11.674 0.181   -16.885 1.00 54.08 ? 285  GLN B CB  1 
ATOM   1293 C  CG  . GLN B 1 62 ? -13.142 0.264   -17.224 1.00 58.92 ? 285  GLN B CG  1 
ATOM   1294 C  CD  . GLN B 1 62 ? -13.932 -0.850  -16.566 1.00 61.04 ? 285  GLN B CD  1 
ATOM   1295 O  OE1 . GLN B 1 62 ? -13.696 -2.033  -16.827 1.00 62.95 ? 285  GLN B OE1 1 
ATOM   1296 N  NE2 . GLN B 1 62 ? -14.873 -0.482  -15.703 1.00 61.45 ? 285  GLN B NE2 1 
ATOM   1297 N  N   . SER B 1 63 ? -11.962 3.138   -18.388 1.00 51.35 ? 286  SER B N   1 
ATOM   1298 C  CA  . SER B 1 63 ? -12.559 4.465   -18.350 1.00 53.38 ? 286  SER B CA  1 
ATOM   1299 C  C   . SER B 1 63 ? -13.636 4.544   -17.258 1.00 55.23 ? 286  SER B C   1 
ATOM   1300 O  O   . SER B 1 63 ? -14.117 3.513   -16.771 1.00 54.34 ? 286  SER B O   1 
ATOM   1301 C  CB  . SER B 1 63 ? -13.180 4.775   -19.715 1.00 53.03 ? 286  SER B CB  1 
ATOM   1302 O  OG  . SER B 1 63 ? -13.661 6.100   -19.766 1.00 53.04 ? 286  SER B OG  1 
ATOM   1303 N  N   . ALA B 1 64 ? -14.011 5.766   -16.878 1.00 56.14 ? 287  ALA B N   1 
ATOM   1304 C  CA  . ALA B 1 64 ? -15.028 5.970   -15.845 1.00 57.68 ? 287  ALA B CA  1 
ATOM   1305 C  C   . ALA B 1 64 ? -16.398 5.545   -16.368 1.00 58.22 ? 287  ALA B C   1 
ATOM   1306 O  O   . ALA B 1 64 ? -17.150 4.842   -15.693 1.00 58.91 ? 287  ALA B O   1 
ATOM   1307 C  CB  . ALA B 1 64 ? -15.061 7.433   -15.421 1.00 58.03 ? 287  ALA B CB  1 
ATOM   1308 N  N   . ASP B 1 65 ? -16.708 5.972   -17.585 1.00 57.57 ? 288  ASP B N   1 
ATOM   1309 C  CA  . ASP B 1 65 ? -17.973 5.649   -18.223 1.00 56.32 ? 288  ASP B CA  1 
ATOM   1310 C  C   . ASP B 1 65 ? -17.969 4.207   -18.724 1.00 54.63 ? 288  ASP B C   1 
ATOM   1311 O  O   . ASP B 1 65 ? -18.911 3.766   -19.377 1.00 55.44 ? 288  ASP B O   1 
ATOM   1312 C  CB  . ASP B 1 65 ? -18.197 6.597   -19.394 1.00 57.25 ? 288  ASP B CB  1 
ATOM   1313 C  CG  . ASP B 1 65 ? -17.093 6.500   -20.430 1.00 58.94 ? 288  ASP B CG  1 
ATOM   1314 O  OD1 . ASP B 1 65 ? -17.094 7.317   -21.372 1.00 61.15 ? 288  ASP B OD1 1 
ATOM   1315 O  OD2 . ASP B 1 65 ? -16.226 5.606   -20.306 1.00 56.65 ? 288  ASP B OD2 1 
ATOM   1316 N  N   . GLY B 1 66 ? -16.900 3.484   -18.427 1.00 53.46 ? 289  GLY B N   1 
ATOM   1317 C  CA  . GLY B 1 66 ? -16.799 2.102   -18.859 1.00 52.10 ? 289  GLY B CA  1 
ATOM   1318 C  C   . GLY B 1 66 ? -16.839 1.917   -20.367 1.00 51.04 ? 289  GLY B C   1 
ATOM   1319 O  O   . GLY B 1 66 ? -17.063 0.806   -20.855 1.00 50.13 ? 289  GLY B O   1 
ATOM   1320 N  N   . THR B 1 67 ? -16.605 2.993   -21.114 1.00 49.99 ? 290  THR B N   1 
ATOM   1321 C  CA  . THR B 1 67 ? -16.635 2.917   -22.571 1.00 49.55 ? 290  THR B CA  1 
ATOM   1322 C  C   . THR B 1 67 ? -15.338 2.444   -23.227 1.00 49.09 ? 290  THR B C   1 
ATOM   1323 O  O   . THR B 1 67 ? -15.353 1.986   -24.367 1.00 50.81 ? 290  THR B O   1 
ATOM   1324 C  CB  . THR B 1 67 ? -17.005 4.270   -23.179 1.00 50.94 ? 290  THR B CB  1 
ATOM   1325 O  OG1 . THR B 1 67 ? -16.059 5.257   -22.753 1.00 50.42 ? 290  THR B OG1 1 
ATOM   1326 C  CG2 . THR B 1 67 ? -18.410 4.681   -22.736 1.00 51.66 ? 290  THR B CG2 1 
ATOM   1327 N  N   . GLY B 1 68 ? -14.221 2.556   -22.516 1.00 48.54 ? 291  GLY B N   1 
ATOM   1328 C  CA  . GLY B 1 68 ? -12.948 2.135   -23.076 1.00 47.21 ? 291  GLY B CA  1 
ATOM   1329 C  C   . GLY B 1 68 ? -11.834 2.134   -22.049 1.00 47.35 ? 291  GLY B C   1 
ATOM   1330 O  O   . GLY B 1 68 ? -12.102 2.113   -20.849 1.00 45.73 ? 291  GLY B O   1 
ATOM   1331 N  N   . TRP B 1 69 ? -10.588 2.169   -22.517 1.00 46.66 ? 292  TRP B N   1 
ATOM   1332 C  CA  . TRP B 1 69 ? -9.419  2.147   -21.638 1.00 47.40 ? 292  TRP B CA  1 
ATOM   1333 C  C   . TRP B 1 69 ? -8.392  3.202   -22.000 1.00 46.61 ? 292  TRP B C   1 
ATOM   1334 O  O   . TRP B 1 69 ? -8.260  3.593   -23.151 1.00 47.94 ? 292  TRP B O   1 
ATOM   1335 C  CB  . TRP B 1 69 ? -8.696  0.798   -21.723 1.00 49.30 ? 292  TRP B CB  1 
ATOM   1336 C  CG  . TRP B 1 69 ? -9.526  -0.401  -21.435 1.00 52.56 ? 292  TRP B CG  1 
ATOM   1337 C  CD1 . TRP B 1 69 ? -9.612  -1.082  -20.251 1.00 52.62 ? 292  TRP B CD1 1 
ATOM   1338 C  CD2 . TRP B 1 69 ? -10.381 -1.083  -22.356 1.00 53.99 ? 292  TRP B CD2 1 
ATOM   1339 N  NE1 . TRP B 1 69 ? -10.469 -2.151  -20.382 1.00 53.49 ? 292  TRP B NE1 1 
ATOM   1340 C  CE2 . TRP B 1 69 ? -10.956 -2.173  -21.664 1.00 54.42 ? 292  TRP B CE2 1 
ATOM   1341 C  CE3 . TRP B 1 69 ? -10.719 -0.879  -23.700 1.00 54.86 ? 292  TRP B CE3 1 
ATOM   1342 C  CZ2 . TRP B 1 69 ? -11.854 -3.060  -22.276 1.00 55.66 ? 292  TRP B CZ2 1 
ATOM   1343 C  CZ3 . TRP B 1 69 ? -11.615 -1.763  -24.308 1.00 55.83 ? 292  TRP B CZ3 1 
ATOM   1344 C  CH2 . TRP B 1 69 ? -12.170 -2.839  -23.594 1.00 54.64 ? 292  TRP B CH2 1 
ATOM   1345 N  N   . TYR B 1 70 ? -7.650  3.651   -21.004 1.00 45.36 ? 293  TYR B N   1 
ATOM   1346 C  CA  . TYR B 1 70 ? -6.586  4.607   -21.243 1.00 41.39 ? 293  TYR B CA  1 
ATOM   1347 C  C   . TYR B 1 70 ? -5.273  3.855   -21.017 1.00 40.31 ? 293  TYR B C   1 
ATOM   1348 O  O   . TYR B 1 70 ? -5.194  2.996   -20.133 1.00 40.71 ? 293  TYR B O   1 
ATOM   1349 C  CB  . TYR B 1 70 ? -6.700  5.772   -20.279 1.00 39.40 ? 293  TYR B CB  1 
ATOM   1350 C  CG  . TYR B 1 70 ? -7.798  6.745   -20.620 1.00 38.50 ? 293  TYR B CG  1 
ATOM   1351 C  CD1 . TYR B 1 70 ? -8.981  6.771   -19.888 1.00 37.82 ? 293  TYR B CD1 1 
ATOM   1352 C  CD2 . TYR B 1 70 ? -7.629  7.685   -21.641 1.00 38.12 ? 293  TYR B CD2 1 
ATOM   1353 C  CE1 . TYR B 1 70 ? -9.965  7.712   -20.148 1.00 36.00 ? 293  TYR B CE1 1 
ATOM   1354 C  CE2 . TYR B 1 70 ? -8.611  8.631   -21.913 1.00 36.47 ? 293  TYR B CE2 1 
ATOM   1355 C  CZ  . TYR B 1 70 ? -9.772  8.638   -21.156 1.00 37.54 ? 293  TYR B CZ  1 
ATOM   1356 O  OH  . TYR B 1 70 ? -10.739 9.582   -21.397 1.00 39.75 ? 293  TYR B OH  1 
ATOM   1357 N  N   . TYR B 1 71 ? -4.257  4.132   -21.830 1.00 38.15 ? 294  TYR B N   1 
ATOM   1358 C  CA  . TYR B 1 71 ? -2.966  3.455   -21.659 1.00 34.39 ? 294  TYR B CA  1 
ATOM   1359 C  C   . TYR B 1 71 ? -1.908  4.357   -21.011 1.00 33.44 ? 294  TYR B C   1 
ATOM   1360 O  O   . TYR B 1 71 ? -1.677  5.490   -21.464 1.00 29.15 ? 294  TYR B O   1 
ATOM   1361 C  CB  . TYR B 1 71 ? -2.431  2.949   -23.000 1.00 35.05 ? 294  TYR B CB  1 
ATOM   1362 C  CG  . TYR B 1 71 ? -1.039  2.352   -22.906 1.00 34.16 ? 294  TYR B CG  1 
ATOM   1363 C  CD1 . TYR B 1 71 ? -0.822  1.148   -22.239 1.00 33.29 ? 294  TYR B CD1 1 
ATOM   1364 C  CD2 . TYR B 1 71 ? 0.064   3.015   -23.440 1.00 32.90 ? 294  TYR B CD2 1 
ATOM   1365 C  CE1 . TYR B 1 71 ? 0.454   0.614   -22.098 1.00 32.16 ? 294  TYR B CE1 1 
ATOM   1366 C  CE2 . TYR B 1 71 ? 1.348   2.493   -23.306 1.00 33.11 ? 294  TYR B CE2 1 
ATOM   1367 C  CZ  . TYR B 1 71 ? 1.533   1.287   -22.632 1.00 34.35 ? 294  TYR B CZ  1 
ATOM   1368 O  OH  . TYR B 1 71 ? 2.794   0.756   -22.490 1.00 36.10 ? 294  TYR B OH  1 
ATOM   1369 N  N   . LEU B 1 72 ? -1.291  3.854   -19.937 1.00 31.67 ? 295  LEU B N   1 
ATOM   1370 C  CA  . LEU B 1 72 ? -0.234  4.581   -19.237 1.00 32.62 ? 295  LEU B CA  1 
ATOM   1371 C  C   . LEU B 1 72 ? 1.111   4.026   -19.715 1.00 32.31 ? 295  LEU B C   1 
ATOM   1372 O  O   . LEU B 1 72 ? 1.392   2.828   -19.582 1.00 34.49 ? 295  LEU B O   1 
ATOM   1373 C  CB  . LEU B 1 72 ? -0.357  4.414   -17.719 1.00 30.28 ? 295  LEU B CB  1 
ATOM   1374 C  CG  . LEU B 1 72 ? -1.550  5.059   -16.996 1.00 34.48 ? 295  LEU B CG  1 
ATOM   1375 C  CD1 . LEU B 1 72 ? -1.674  6.530   -17.390 1.00 32.43 ? 295  LEU B CD1 1 
ATOM   1376 C  CD2 . LEU B 1 72 ? -2.827  4.318   -17.340 1.00 36.37 ? 295  LEU B CD2 1 
ATOM   1377 N  N   . LYS B 1 73 ? 1.935   4.894   -20.290 1.00 31.72 ? 296  LYS B N   1 
ATOM   1378 C  CA  . LYS B 1 73 ? 3.240   4.482   -20.802 1.00 31.64 ? 296  LYS B CA  1 
ATOM   1379 C  C   . LYS B 1 73 ? 4.151   4.000   -19.679 1.00 30.93 ? 296  LYS B C   1 
ATOM   1380 O  O   . LYS B 1 73 ? 3.845   4.179   -18.497 1.00 29.87 ? 296  LYS B O   1 
ATOM   1381 C  CB  . LYS B 1 73 ? 3.895   5.649   -21.563 1.00 32.19 ? 296  LYS B CB  1 
ATOM   1382 C  CG  . LYS B 1 73 ? 3.350   5.860   -22.991 1.00 32.09 ? 296  LYS B CG  1 
ATOM   1383 C  CD  . LYS B 1 73 ? 3.976   7.087   -23.681 1.00 30.93 ? 296  LYS B CD  1 
ATOM   1384 C  CE  . LYS B 1 73 ? 3.490   8.389   -23.051 1.00 32.99 ? 296  LYS B CE  1 
ATOM   1385 N  NZ  . LYS B 1 73 ? 4.205   9.610   -23.533 1.00 30.66 ? 296  LYS B NZ  1 
ATOM   1386 N  N   . PRO B 1 74 ? 5.279   3.363   -20.031 1.00 31.10 ? 297  PRO B N   1 
ATOM   1387 C  CA  . PRO B 1 74 ? 6.209   2.869   -19.009 1.00 31.31 ? 297  PRO B CA  1 
ATOM   1388 C  C   . PRO B 1 74 ? 6.641   3.940   -17.993 1.00 33.35 ? 297  PRO B C   1 
ATOM   1389 O  O   . PRO B 1 74 ? 6.998   3.617   -16.859 1.00 33.75 ? 297  PRO B O   1 
ATOM   1390 C  CB  . PRO B 1 74 ? 7.383   2.340   -19.835 1.00 31.78 ? 297  PRO B CB  1 
ATOM   1391 C  CG  . PRO B 1 74 ? 6.721   1.852   -21.083 1.00 29.00 ? 297  PRO B CG  1 
ATOM   1392 C  CD  . PRO B 1 74 ? 5.696   2.931   -21.381 1.00 31.36 ? 297  PRO B CD  1 
ATOM   1393 N  N   . ASP B 1 75 ? 6.612   5.209   -18.389 1.00 32.97 ? 298  ASP B N   1 
ATOM   1394 C  CA  . ASP B 1 75 ? 7.011   6.262   -17.465 1.00 31.56 ? 298  ASP B CA  1 
ATOM   1395 C  C   . ASP B 1 75 ? 5.823   6.809   -16.673 1.00 31.90 ? 298  ASP B C   1 
ATOM   1396 O  O   . ASP B 1 75 ? 5.958   7.758   -15.899 1.00 32.95 ? 298  ASP B O   1 
ATOM   1397 C  CB  . ASP B 1 75 ? 7.756   7.394   -18.208 1.00 33.91 ? 298  ASP B CB  1 
ATOM   1398 C  CG  . ASP B 1 75 ? 6.874   8.171   -19.186 1.00 35.61 ? 298  ASP B CG  1 
ATOM   1399 O  OD1 . ASP B 1 75 ? 5.646   7.942   -19.234 1.00 36.46 ? 298  ASP B OD1 1 
ATOM   1400 O  OD2 . ASP B 1 75 ? 7.422   9.034   -19.911 1.00 35.61 ? 298  ASP B OD2 1 
ATOM   1401 N  N   . GLY B 1 76 ? 4.659   6.198   -16.859 1.00 30.98 ? 299  GLY B N   1 
ATOM   1402 C  CA  . GLY B 1 76 ? 3.477   6.628   -16.128 1.00 29.15 ? 299  GLY B CA  1 
ATOM   1403 C  C   . GLY B 1 76 ? 2.580   7.641   -16.821 1.00 29.67 ? 299  GLY B C   1 
ATOM   1404 O  O   . GLY B 1 76 ? 1.421   7.782   -16.436 1.00 28.71 ? 299  GLY B O   1 
ATOM   1405 N  N   . THR B 1 77 ? 3.093   8.337   -17.838 1.00 27.66 ? 300  THR B N   1 
ATOM   1406 C  CA  . THR B 1 77 ? 2.299   9.346   -18.539 1.00 29.65 ? 300  THR B CA  1 
ATOM   1407 C  C   . THR B 1 77 ? 1.270   8.766   -19.506 1.00 30.84 ? 300  THR B C   1 
ATOM   1408 O  O   . THR B 1 77 ? 1.506   7.756   -20.158 1.00 32.32 ? 300  THR B O   1 
ATOM   1409 C  CB  . THR B 1 77 ? 3.204   10.347  -19.308 1.00 30.38 ? 300  THR B CB  1 
ATOM   1410 O  OG1 . THR B 1 77 ? 3.904   9.667   -20.358 1.00 31.33 ? 300  THR B OG1 1 
ATOM   1411 C  CG2 . THR B 1 77 ? 4.219   10.976  -18.361 1.00 28.45 ? 300  THR B CG2 1 
ATOM   1412 N  N   . LEU B 1 78 ? 0.116   9.420   -19.574 1.00 33.79 ? 301  LEU B N   1 
ATOM   1413 C  CA  . LEU B 1 78 ? -0.989  9.013   -20.433 1.00 34.26 ? 301  LEU B CA  1 
ATOM   1414 C  C   . LEU B 1 78 ? -0.662  9.232   -21.904 1.00 36.59 ? 301  LEU B C   1 
ATOM   1415 O  O   . LEU B 1 78 ? -0.162  10.297  -22.285 1.00 38.30 ? 301  LEU B O   1 
ATOM   1416 C  CB  . LEU B 1 78 ? -2.231  9.818   -20.074 1.00 34.88 ? 301  LEU B CB  1 
ATOM   1417 C  CG  . LEU B 1 78 ? -3.499  9.566   -20.891 1.00 36.13 ? 301  LEU B CG  1 
ATOM   1418 C  CD1 . LEU B 1 78 ? -4.012  8.153   -20.639 1.00 35.24 ? 301  LEU B CD1 1 
ATOM   1419 C  CD2 . LEU B 1 78 ? -4.545  10.592  -20.500 1.00 35.07 ? 301  LEU B CD2 1 
ATOM   1420 N  N   . ALA B 1 79 ? -0.946  8.229   -22.727 1.00 37.21 ? 302  ALA B N   1 
ATOM   1421 C  CA  . ALA B 1 79 ? -0.675  8.318   -24.156 1.00 38.61 ? 302  ALA B CA  1 
ATOM   1422 C  C   . ALA B 1 79 ? -1.844  8.945   -24.906 1.00 41.07 ? 302  ALA B C   1 
ATOM   1423 O  O   . ALA B 1 79 ? -3.015  8.638   -24.639 1.00 40.20 ? 302  ALA B O   1 
ATOM   1424 C  CB  . ALA B 1 79 ? -0.370  6.929   -24.723 1.00 36.06 ? 302  ALA B CB  1 
ATOM   1425 N  N   . ASP B 1 80 ? -1.503  9.834   -25.837 1.00 43.40 ? 303  ASP B N   1 
ATOM   1426 C  CA  . ASP B 1 80 ? -2.464  10.547  -26.688 1.00 43.80 ? 303  ASP B CA  1 
ATOM   1427 C  C   . ASP B 1 80 ? -2.795  9.703   -27.906 1.00 41.95 ? 303  ASP B C   1 
ATOM   1428 O  O   . ASP B 1 80 ? -2.068  8.773   -28.225 1.00 40.42 ? 303  ASP B O   1 
ATOM   1429 C  CB  . ASP B 1 80 ? -1.851  11.851  -27.202 1.00 46.01 ? 303  ASP B CB  1 
ATOM   1430 C  CG  . ASP B 1 80 ? -2.381  13.048  -26.504 1.00 49.32 ? 303  ASP B CG  1 
ATOM   1431 O  OD1 . ASP B 1 80 ? -3.538  13.003  -26.036 1.00 53.60 ? 303  ASP B OD1 1 
ATOM   1432 O  OD2 . ASP B 1 80 ? -1.649  14.045  -26.435 1.00 53.39 ? 303  ASP B OD2 1 
ATOM   1433 N  N   . ARG B 1 81 ? -3.870  10.049  -28.606 1.00 41.09 ? 304  ARG B N   1 
ATOM   1434 C  CA  . ARG B 1 81 ? -4.246  9.304   -29.799 1.00 41.31 ? 304  ARG B CA  1 
ATOM   1435 C  C   . ARG B 1 81 ? -3.104  9.235   -30.822 1.00 41.35 ? 304  ARG B C   1 
ATOM   1436 O  O   . ARG B 1 81 ? -2.772  8.159   -31.304 1.00 41.11 ? 304  ARG B O   1 
ATOM   1437 C  CB  . ARG B 1 81 ? -5.474  9.926   -30.464 1.00 41.04 ? 304  ARG B CB  1 
ATOM   1438 C  CG  . ARG B 1 81 ? -5.562  9.679   -31.979 1.00 42.38 ? 304  ARG B CG  1 
ATOM   1439 C  CD  . ARG B 1 81 ? -5.902  8.254   -32.283 1.00 41.63 ? 304  ARG B CD  1 
ATOM   1440 N  NE  . ARG B 1 81 ? -5.917  7.939   -33.715 1.00 40.82 ? 304  ARG B NE  1 
ATOM   1441 C  CZ  . ARG B 1 81 ? -4.913  7.366   -34.376 1.00 40.27 ? 304  ARG B CZ  1 
ATOM   1442 N  NH1 . ARG B 1 81 ? -3.781  7.053   -33.757 1.00 36.71 ? 304  ARG B NH1 1 
ATOM   1443 N  NH2 . ARG B 1 81 ? -5.071  7.023   -35.647 1.00 40.93 ? 304  ARG B NH2 1 
ATOM   1444 N  N   . PRO B 1 82 ? -2.489  10.386  -31.157 1.00 41.44 ? 305  PRO B N   1 
ATOM   1445 C  CA  . PRO B 1 82 ? -1.394  10.413  -32.133 1.00 40.28 ? 305  PRO B CA  1 
ATOM   1446 C  C   . PRO B 1 82 ? -0.238  9.488   -31.810 1.00 40.54 ? 305  PRO B C   1 
ATOM   1447 O  O   . PRO B 1 82 ? 0.521   9.109   -32.696 1.00 41.21 ? 305  PRO B O   1 
ATOM   1448 C  CB  . PRO B 1 82 ? -0.970  11.876  -32.135 1.00 40.28 ? 305  PRO B CB  1 
ATOM   1449 C  CG  . PRO B 1 82 ? -2.240  12.591  -31.777 1.00 41.38 ? 305  PRO B CG  1 
ATOM   1450 C  CD  . PRO B 1 82 ? -2.763  11.743  -30.655 1.00 39.98 ? 305  PRO B CD  1 
ATOM   1451 N  N   . GLU B 1 83 ? -0.108  9.126   -30.538 1.00 39.55 ? 306  GLU B N   1 
ATOM   1452 C  CA  . GLU B 1 83 ? 0.963   8.248   -30.092 1.00 36.69 ? 306  GLU B CA  1 
ATOM   1453 C  C   . GLU B 1 83 ? 0.721   6.791   -30.430 1.00 37.10 ? 306  GLU B C   1 
ATOM   1454 O  O   . GLU B 1 83 ? 1.653   5.981   -30.386 1.00 37.47 ? 306  GLU B O   1 
ATOM   1455 C  CB  . GLU B 1 83 ? 1.149   8.375   -28.589 1.00 34.78 ? 306  GLU B CB  1 
ATOM   1456 C  CG  . GLU B 1 83 ? 1.671   9.716   -28.163 1.00 35.63 ? 306  GLU B CG  1 
ATOM   1457 C  CD  . GLU B 1 83 ? 1.840   9.806   -26.673 1.00 36.20 ? 306  GLU B CD  1 
ATOM   1458 O  OE1 . GLU B 1 83 ? 2.585   8.972   -26.125 1.00 34.99 ? 306  GLU B OE1 1 
ATOM   1459 O  OE2 . GLU B 1 83 ? 1.226   10.703  -26.053 1.00 37.52 ? 306  GLU B OE2 1 
ATOM   1460 N  N   . PHE B 1 84 ? -0.523  6.455   -30.751 1.00 34.82 ? 307  PHE B N   1 
ATOM   1461 C  CA  . PHE B 1 84 ? -0.874  5.081   -31.078 1.00 36.33 ? 307  PHE B CA  1 
ATOM   1462 C  C   . PHE B 1 84 ? -0.764  4.752   -32.561 1.00 38.43 ? 307  PHE B C   1 
ATOM   1463 O  O   . PHE B 1 84 ? -1.006  5.598   -33.430 1.00 38.34 ? 307  PHE B O   1 
ATOM   1464 C  CB  . PHE B 1 84 ? -2.326  4.750   -30.700 1.00 35.71 ? 307  PHE B CB  1 
ATOM   1465 C  CG  . PHE B 1 84 ? -2.612  4.762   -29.237 1.00 37.60 ? 307  PHE B CG  1 
ATOM   1466 C  CD1 . PHE B 1 84 ? -2.759  5.964   -28.552 1.00 36.45 ? 307  PHE B CD1 1 
ATOM   1467 C  CD2 . PHE B 1 84 ? -2.757  3.561   -28.540 1.00 37.29 ? 307  PHE B CD2 1 
ATOM   1468 C  CE1 . PHE B 1 84 ? -3.050  5.973   -27.187 1.00 38.57 ? 307  PHE B CE1 1 
ATOM   1469 C  CE2 . PHE B 1 84 ? -3.045  3.558   -27.177 1.00 37.40 ? 307  PHE B CE2 1 
ATOM   1470 C  CZ  . PHE B 1 84 ? -3.194  4.761   -26.497 1.00 36.88 ? 307  PHE B CZ  1 
ATOM   1471 N  N   . THR B 1 85 ? -0.412  3.500   -32.823 1.00 37.07 ? 308  THR B N   1 
ATOM   1472 C  CA  . THR B 1 85 ? -0.369  2.963   -34.161 1.00 38.35 ? 308  THR B CA  1 
ATOM   1473 C  C   . THR B 1 85 ? -0.861  1.537   -33.965 1.00 38.88 ? 308  THR B C   1 
ATOM   1474 O  O   . THR B 1 85 ? -0.160  0.690   -33.399 1.00 37.53 ? 308  THR B O   1 
ATOM   1475 C  CB  . THR B 1 85 ? 1.042   2.920   -34.796 1.00 38.62 ? 308  THR B CB  1 
ATOM   1476 O  OG1 . THR B 1 85 ? 1.611   4.233   -34.824 1.00 39.04 ? 308  THR B OG1 1 
ATOM   1477 C  CG2 . THR B 1 85 ? 0.937   2.413   -36.243 1.00 36.07 ? 308  THR B CG2 1 
ATOM   1478 N  N   . VAL B 1 86 ? -2.090  1.298   -34.393 1.00 39.87 ? 309  VAL B N   1 
ATOM   1479 C  CA  . VAL B 1 86 ? -2.685  -0.019  -34.298 1.00 42.45 ? 309  VAL B CA  1 
ATOM   1480 C  C   . VAL B 1 86 ? -2.428  -0.667  -35.638 1.00 44.54 ? 309  VAL B C   1 
ATOM   1481 O  O   . VAL B 1 86 ? -2.887  -0.172  -36.663 1.00 44.66 ? 309  VAL B O   1 
ATOM   1482 C  CB  . VAL B 1 86 ? -4.208  0.044   -34.087 1.00 41.35 ? 309  VAL B CB  1 
ATOM   1483 C  CG1 . VAL B 1 86 ? -4.772  -1.363  -34.065 1.00 40.56 ? 309  VAL B CG1 1 
ATOM   1484 C  CG2 . VAL B 1 86 ? -4.534  0.793   -32.800 1.00 38.36 ? 309  VAL B CG2 1 
ATOM   1485 N  N   . GLU B 1 87 ? -1.683  -1.761  -35.636 1.00 47.49 ? 310  GLU B N   1 
ATOM   1486 C  CA  . GLU B 1 87 ? -1.383  -2.454  -36.879 1.00 51.36 ? 310  GLU B CA  1 
ATOM   1487 C  C   . GLU B 1 87 ? -2.609  -3.249  -37.350 1.00 52.15 ? 310  GLU B C   1 
ATOM   1488 O  O   . GLU B 1 87 ? -3.526  -3.516  -36.570 1.00 53.62 ? 310  GLU B O   1 
ATOM   1489 C  CB  . GLU B 1 87 ? -0.155  -3.340  -36.669 1.00 52.55 ? 310  GLU B CB  1 
ATOM   1490 C  CG  . GLU B 1 87 ? 1.071   -2.500  -36.333 1.00 57.57 ? 310  GLU B CG  1 
ATOM   1491 C  CD  . GLU B 1 87 ? 2.265   -3.314  -35.882 1.00 61.88 ? 310  GLU B CD  1 
ATOM   1492 O  OE1 . GLU B 1 87 ? 3.287   -2.699  -35.490 1.00 62.70 ? 310  GLU B OE1 1 
ATOM   1493 O  OE2 . GLU B 1 87 ? 2.186   -4.562  -35.917 1.00 63.96 ? 310  GLU B OE2 1 
ATOM   1494 N  N   . PRO B 1 88 ? -2.653  -3.614  -38.640 1.00 51.29 ? 311  PRO B N   1 
ATOM   1495 C  CA  . PRO B 1 88 ? -3.775  -4.367  -39.210 1.00 52.52 ? 311  PRO B CA  1 
ATOM   1496 C  C   . PRO B 1 88 ? -4.329  -5.532  -38.380 1.00 53.61 ? 311  PRO B C   1 
ATOM   1497 O  O   . PRO B 1 88 ? -5.545  -5.669  -38.236 1.00 56.13 ? 311  PRO B O   1 
ATOM   1498 C  CB  . PRO B 1 88 ? -3.224  -4.831  -40.555 1.00 51.56 ? 311  PRO B CB  1 
ATOM   1499 C  CG  . PRO B 1 88 ? -2.317  -3.704  -40.941 1.00 50.73 ? 311  PRO B CG  1 
ATOM   1500 C  CD  . PRO B 1 88 ? -1.594  -3.416  -39.645 1.00 50.55 ? 311  PRO B CD  1 
ATOM   1501 N  N   . ASP B 1 89 ? -3.448  -6.367  -37.838 1.00 53.57 ? 312  ASP B N   1 
ATOM   1502 C  CA  . ASP B 1 89 ? -3.879  -7.524  -37.052 1.00 53.22 ? 312  ASP B CA  1 
ATOM   1503 C  C   . ASP B 1 89 ? -4.480  -7.121  -35.711 1.00 52.42 ? 312  ASP B C   1 
ATOM   1504 O  O   . ASP B 1 89 ? -5.231  -7.884  -35.101 1.00 53.00 ? 312  ASP B O   1 
ATOM   1505 C  CB  . ASP B 1 89 ? -2.701  -8.481  -36.826 1.00 55.25 ? 312  ASP B CB  1 
ATOM   1506 C  CG  . ASP B 1 89 ? -1.687  -7.942  -35.836 1.00 56.97 ? 312  ASP B CG  1 
ATOM   1507 O  OD1 . ASP B 1 89 ? -1.617  -6.706  -35.648 1.00 58.17 ? 312  ASP B OD1 1 
ATOM   1508 O  OD2 . ASP B 1 89 ? -0.950  -8.764  -35.251 1.00 59.25 ? 312  ASP B OD2 1 
ATOM   1509 N  N   . GLY B 1 90 ? -4.142  -5.922  -35.253 1.00 50.10 ? 313  GLY B N   1 
ATOM   1510 C  CA  . GLY B 1 90 ? -4.670  -5.445  -33.993 1.00 45.27 ? 313  GLY B CA  1 
ATOM   1511 C  C   . GLY B 1 90 ? -3.591  -5.110  -32.992 1.00 43.62 ? 313  GLY B C   1 
ATOM   1512 O  O   . GLY B 1 90 ? -3.899  -4.706  -31.878 1.00 43.19 ? 313  GLY B O   1 
ATOM   1513 N  N   . LEU B 1 91 ? -2.326  -5.266  -33.369 1.00 43.26 ? 314  LEU B N   1 
ATOM   1514 C  CA  . LEU B 1 91 ? -1.247  -4.961  -32.430 1.00 42.85 ? 314  LEU B CA  1 
ATOM   1515 C  C   . LEU B 1 91 ? -1.258  -3.474  -32.093 1.00 43.66 ? 314  LEU B C   1 
ATOM   1516 O  O   . LEU B 1 91 ? -1.189  -2.619  -32.979 1.00 42.12 ? 314  LEU B O   1 
ATOM   1517 C  CB  . LEU B 1 91 ? 0.111   -5.338  -33.020 1.00 43.86 ? 314  LEU B CB  1 
ATOM   1518 C  CG  . LEU B 1 91 ? 1.228   -5.748  -32.051 1.00 42.83 ? 314  LEU B CG  1 
ATOM   1519 C  CD1 . LEU B 1 91 ? 2.563   -5.486  -32.725 1.00 42.67 ? 314  LEU B CD1 1 
ATOM   1520 C  CD2 . LEU B 1 91 ? 1.149   -4.982  -30.757 1.00 45.07 ? 314  LEU B CD2 1 
ATOM   1521 N  N   . ILE B 1 92 ? -1.349  -3.177  -30.802 1.00 44.90 ? 315  ILE B N   1 
ATOM   1522 C  CA  . ILE B 1 92 ? -1.384  -1.807  -30.310 1.00 44.66 ? 315  ILE B CA  1 
ATOM   1523 C  C   . ILE B 1 92 ? 0.025   -1.350  -29.972 1.00 45.90 ? 315  ILE B C   1 
ATOM   1524 O  O   . ILE B 1 92 ? 0.644   -1.904  -29.067 1.00 48.65 ? 315  ILE B O   1 
ATOM   1525 C  CB  . ILE B 1 92 ? -2.238  -1.720  -29.033 1.00 42.65 ? 315  ILE B CB  1 
ATOM   1526 C  CG1 . ILE B 1 92 ? -3.604  -2.347  -29.292 1.00 41.06 ? 315  ILE B CG1 1 
ATOM   1527 C  CG2 . ILE B 1 92 ? -2.361  -0.278  -28.577 1.00 39.94 ? 315  ILE B CG2 1 
ATOM   1528 C  CD1 . ILE B 1 92 ? -4.442  -2.478  -28.054 1.00 41.59 ? 315  ILE B CD1 1 
ATOM   1529 N  N   . THR B 1 93 ? 0.539   -0.354  -30.692 1.00 44.57 ? 316  THR B N   1 
ATOM   1530 C  CA  . THR B 1 93 ? 1.885   0.144   -30.421 1.00 45.11 ? 316  THR B CA  1 
ATOM   1531 C  C   . THR B 1 93 ? 1.808   1.602   -30.011 1.00 44.67 ? 316  THR B C   1 
ATOM   1532 O  O   . THR B 1 93 ? 1.000   2.356   -30.548 1.00 44.81 ? 316  THR B O   1 
ATOM   1533 C  CB  . THR B 1 93 ? 2.804   0.018   -31.653 1.00 44.65 ? 316  THR B CB  1 
ATOM   1534 O  OG1 . THR B 1 93 ? 2.294   0.821   -32.721 1.00 46.20 ? 316  THR B OG1 1 
ATOM   1535 C  CG2 . THR B 1 93 ? 2.869   -1.425  -32.113 1.00 46.08 ? 316  THR B CG2 1 
ATOM   1536 N  N   . VAL B 1 94 ? 2.649   2.002   -29.065 1.00 43.97 ? 317  VAL B N   1 
ATOM   1537 C  CA  . VAL B 1 94 ? 2.641   3.375   -28.588 1.00 45.24 ? 317  VAL B CA  1 
ATOM   1538 C  C   . VAL B 1 94 ? 4.037   4.001   -28.533 1.00 47.63 ? 317  VAL B C   1 
ATOM   1539 O  O   . VAL B 1 94 ? 5.020   3.334   -28.205 1.00 48.60 ? 317  VAL B O   1 
ATOM   1540 C  CB  . VAL B 1 94 ? 2.002   3.445   -27.181 1.00 43.38 ? 317  VAL B CB  1 
ATOM   1541 C  CG1 . VAL B 1 94 ? 1.820   4.875   -26.756 1.00 43.85 ? 317  VAL B CG1 1 
ATOM   1542 C  CG2 . VAL B 1 94 ? 0.667   2.734   -27.189 1.00 44.93 ? 317  VAL B CG2 1 
ATOM   1543 N  N   . LYS B 1 95 ? 4.117   5.286   -28.868 1.00 49.63 ? 318  LYS B N   1 
ATOM   1544 C  CA  . LYS B 1 95 ? 5.386   6.005   -28.819 1.00 51.82 ? 318  LYS B CA  1 
ATOM   1545 C  C   . LYS B 1 95 ? 5.232   7.247   -27.943 1.00 53.13 ? 318  LYS B C   1 
ATOM   1546 O  O   . LYS B 1 95 ? 4.110   7.794   -27.877 1.00 54.30 ? 318  LYS B O   1 
ATOM   1547 C  CB  . LYS B 1 95 ? 5.823   6.422   -30.221 1.00 52.79 ? 318  LYS B CB  1 
ATOM   1548 C  CG  . LYS B 1 95 ? 5.944   5.275   -31.203 1.00 55.81 ? 318  LYS B CG  1 
ATOM   1549 C  CD  . LYS B 1 95 ? 6.665   5.706   -32.478 1.00 59.63 ? 318  LYS B CD  1 
ATOM   1550 C  CE  . LYS B 1 95 ? 5.919   6.815   -33.224 1.00 62.96 ? 318  LYS B CE  1 
ATOM   1551 N  NZ  . LYS B 1 95 ? 4.613   6.383   -33.814 1.00 63.09 ? 318  LYS B NZ  1 
ATOM   1552 O  OXT . LYS B 1 95 ? 6.237   7.669   -27.337 1.00 54.62 ? 318  LYS B OXT 1 
HETATM 1553 C  C4  . CHT C 2 .  ? 10.244  -12.080 15.968  1.00 74.10 ? 401  CHT A C4  1 
HETATM 1554 C  C5  . CHT C 2 .  ? 8.991   -12.238 16.921  1.00 73.88 ? 401  CHT A C5  1 
HETATM 1555 C  C6  . CHT C 2 .  ? 6.780   -13.354 16.609  1.00 74.68 ? 401  CHT A C6  1 
HETATM 1556 C  C7  . CHT C 2 .  ? 8.775   -14.550 15.978  1.00 74.31 ? 401  CHT A C7  1 
HETATM 1557 C  C8  . CHT C 2 .  ? 8.270   -14.136 18.303  1.00 73.42 ? 401  CHT A C8  1 
HETATM 1558 O  O6  . CHT C 2 .  ? 11.367  -12.523 16.673  1.00 76.24 ? 401  CHT A O6  1 
HETATM 1559 N  N1  . CHT C 2 .  ? 8.200   -13.558 16.939  1.00 74.32 ? 401  CHT A N1  1 
HETATM 1560 C  C4  . CHT D 2 .  ? -8.570  -3.704  18.642  1.00 84.07 ? 402  CHT A C4  1 
HETATM 1561 C  C5  . CHT D 2 .  ? -8.510  -3.977  17.077  1.00 83.15 ? 402  CHT A C5  1 
HETATM 1562 C  C6  . CHT D 2 .  ? -6.599  -4.090  15.473  1.00 82.44 ? 402  CHT A C6  1 
HETATM 1563 C  C7  . CHT D 2 .  ? -6.425  -5.315  17.533  1.00 81.56 ? 402  CHT A C7  1 
HETATM 1564 C  C8  . CHT D 2 .  ? -7.972  -6.011  15.809  1.00 82.57 ? 402  CHT A C8  1 
HETATM 1565 O  O6  . CHT D 2 .  ? -7.778  -2.586  18.920  1.00 84.25 ? 402  CHT A O6  1 
HETATM 1566 N  N1  . CHT D 2 .  ? -7.372  -4.833  16.478  1.00 82.57 ? 402  CHT A N1  1 
HETATM 1567 C  C4  . CHT E 2 .  ? 9.189   13.909  12.043  1.00 78.01 ? 403  CHT A C4  1 
HETATM 1568 C  C5  . CHT E 2 .  ? 7.844   14.508  11.472  1.00 77.47 ? 403  CHT A C5  1 
HETATM 1569 C  C6  . CHT E 2 .  ? 5.464   13.787  11.691  1.00 77.76 ? 403  CHT A C6  1 
HETATM 1570 C  C7  . CHT E 2 .  ? 6.823   13.901  13.684  1.00 78.34 ? 403  CHT A C7  1 
HETATM 1571 C  C8  . CHT E 2 .  ? 6.144   15.913  12.537  1.00 78.28 ? 403  CHT A C8  1 
HETATM 1572 O  O6  . CHT E 2 .  ? 9.813   14.916  12.780  1.00 79.06 ? 403  CHT A O6  1 
HETATM 1573 N  N1  . CHT E 2 .  ? 6.573   14.512  12.338  1.00 77.66 ? 403  CHT A N1  1 
HETATM 1574 C  C4  . CHT F 2 .  ? -8.688  12.560  -20.049 1.00 58.72 ? 404  CHT B C4  1 
HETATM 1575 C  C5  . CHT F 2 .  ? -9.010  13.131  -18.614 1.00 57.13 ? 404  CHT B C5  1 
HETATM 1576 C  C6  . CHT F 2 .  ? -10.791 12.555  -16.945 1.00 58.42 ? 404  CHT B C6  1 
HETATM 1577 C  C7  . CHT F 2 .  ? -9.538  10.756  -17.963 1.00 56.87 ? 404  CHT B C7  1 
HETATM 1578 C  C8  . CHT F 2 .  ? -8.476  12.243  -16.387 1.00 59.01 ? 404  CHT B C8  1 
HETATM 1579 O  O6  . CHT F 2 .  ? -7.387  12.062  -20.026 1.00 57.17 ? 404  CHT B O6  1 
HETATM 1580 N  N1  . CHT F 2 .  ? -9.466  12.175  -17.489 1.00 59.20 ? 404  CHT B N1  1 
HETATM 1581 C  C4  . CHT G 2 .  ? 2.204   1.454   1.532   1.00 50.77 ? 405  CHT B C4  1 
HETATM 1582 C  C5  . CHT G 2 .  ? 1.058   2.290   0.836   1.00 47.51 ? 405  CHT B C5  1 
HETATM 1583 C  C6  . CHT G 2 .  ? -1.320  2.697   1.453   1.00 45.97 ? 405  CHT B C6  1 
HETATM 1584 C  C7  . CHT G 2 .  ? 0.385   2.990   3.144   1.00 45.75 ? 405  CHT B C7  1 
HETATM 1585 C  C8  . CHT G 2 .  ? 0.206   4.540   1.317   1.00 46.32 ? 405  CHT B C8  1 
HETATM 1586 O  O6  . CHT G 2 .  ? 3.419   1.779   0.924   1.00 54.18 ? 405  CHT B O6  1 
HETATM 1587 N  N1  . CHT G 2 .  ? 0.079   3.113   1.685   1.00 46.73 ? 405  CHT B N1  1 
HETATM 1588 C  C4  . CHT H 2 .  ? -2.389  19.334  8.515   1.00 72.19 ? 406  CHT B C4  1 
HETATM 1589 C  C5  . CHT H 2 .  ? -1.106  18.823  9.288   1.00 71.06 ? 406  CHT B C5  1 
HETATM 1590 C  C6  . CHT H 2 .  ? 0.853   17.462  8.555   1.00 69.48 ? 406  CHT B C6  1 
HETATM 1591 C  C7  . CHT H 2 .  ? 0.163   19.322  7.175   1.00 70.98 ? 406  CHT B C7  1 
HETATM 1592 C  C8  . CHT H 2 .  ? 1.185   19.694  9.329   1.00 71.09 ? 406  CHT B C8  1 
HETATM 1593 O  O6  . CHT H 2 .  ? -3.089  18.213  8.062   1.00 73.11 ? 406  CHT B O6  1 
HETATM 1594 N  N1  . CHT H 2 .  ? 0.263   18.811  8.582   1.00 70.56 ? 406  CHT B N1  1 
HETATM 1595 O  O   . HOH I 3 .  ? 6.691   3.950   7.225   1.00 39.00 ? 2001 HOH A O   1 
HETATM 1596 O  O   . HOH I 3 .  ? 0.673   -28.712 19.986  1.00 45.44 ? 2002 HOH A O   1 
HETATM 1597 O  O   . HOH I 3 .  ? -1.183  15.368  16.605  1.00 52.71 ? 2003 HOH A O   1 
HETATM 1598 O  O   . HOH I 3 .  ? -3.918  8.304   16.844  1.00 68.05 ? 2004 HOH A O   1 
HETATM 1599 O  O   . HOH I 3 .  ? -4.064  1.516   20.041  1.00 50.68 ? 2005 HOH A O   1 
HETATM 1600 O  O   . HOH I 3 .  ? -8.997  3.309   14.148  1.00 75.13 ? 2006 HOH A O   1 
HETATM 1601 O  O   . HOH I 3 .  ? -6.466  1.739   3.480   1.00 49.09 ? 2007 HOH A O   1 
HETATM 1602 O  O   . HOH I 3 .  ? -5.659  -0.142  0.635   1.00 59.09 ? 2008 HOH A O   1 
HETATM 1603 O  O   . HOH I 3 .  ? -5.782  -4.953  7.775   1.00 48.95 ? 2009 HOH A O   1 
HETATM 1604 O  O   . HOH I 3 .  ? -1.966  -0.555  2.499   1.00 52.25 ? 2010 HOH A O   1 
HETATM 1605 O  O   . HOH I 3 .  ? 2.231   3.130   19.504  1.00 59.67 ? 2011 HOH A O   1 
HETATM 1606 O  O   . HOH I 3 .  ? 0.872   9.013   11.787  1.00 47.87 ? 2012 HOH A O   1 
HETATM 1607 O  O   . HOH I 3 .  ? 1.348   -0.647  9.991   1.00 34.94 ? 2013 HOH A O   1 
HETATM 1608 O  O   . HOH I 3 .  ? 3.512   -9.075  4.047   1.00 65.48 ? 2014 HOH A O   1 
HETATM 1609 O  O   . HOH I 3 .  ? 4.537   -1.179  -1.677  1.00 52.14 ? 2015 HOH A O   1 
HETATM 1610 O  O   . HOH I 3 .  ? -7.487  -12.086 5.775   1.00 54.97 ? 2016 HOH A O   1 
HETATM 1611 O  O   . HOH I 3 .  ? -4.781  -10.378 5.808   1.00 55.74 ? 2017 HOH A O   1 
HETATM 1612 O  O   . HOH I 3 .  ? 15.597  -13.083 6.089   1.00 62.48 ? 2018 HOH A O   1 
HETATM 1613 O  O   . HOH I 3 .  ? 1.695   -19.243 14.937  1.00 45.99 ? 2019 HOH A O   1 
HETATM 1614 O  O   . HOH I 3 .  ? -1.452  -9.580  12.422  1.00 40.37 ? 2020 HOH A O   1 
HETATM 1615 O  O   . HOH I 3 .  ? 1.366   -14.433 21.059  1.00 82.14 ? 2021 HOH A O   1 
HETATM 1616 O  O   . HOH I 3 .  ? 3.753   -29.535 19.693  1.00 14.67 ? 2022 HOH A O   1 
HETATM 1617 O  O   . HOH I 3 .  ? -0.623  -27.099 21.616  1.00 37.79 ? 2023 HOH A O   1 
HETATM 1618 O  O   . HOH I 3 .  ? -6.741  -25.301 20.777  1.00 56.40 ? 2024 HOH A O   1 
HETATM 1619 O  O   . HOH I 3 .  ? -3.651  -38.314 8.508   1.00 47.19 ? 2025 HOH A O   1 
HETATM 1620 O  O   . HOH I 3 .  ? 12.242  16.713  15.198  1.00 85.92 ? 2026 HOH A O   1 
HETATM 1621 O  O   . HOH J 3 .  ? -4.915  15.409  6.256   1.00 44.58 ? 2001 HOH B O   1 
HETATM 1622 O  O   . HOH J 3 .  ? 16.023  19.901  2.514   1.00 60.42 ? 2002 HOH B O   1 
HETATM 1623 O  O   . HOH J 3 .  ? 9.527   16.804  -4.699  1.00 52.72 ? 2003 HOH B O   1 
HETATM 1624 O  O   . HOH J 3 .  ? 13.269  3.533   -3.392  1.00 62.11 ? 2004 HOH B O   1 
HETATM 1625 O  O   . HOH J 3 .  ? 5.113   3.231   -8.606  1.00 40.20 ? 2005 HOH B O   1 
HETATM 1626 O  O   . HOH J 3 .  ? 1.962   1.532   -2.274  1.00 49.88 ? 2006 HOH B O   1 
HETATM 1627 O  O   . HOH J 3 .  ? 3.842   14.033  2.592   1.00 41.00 ? 2007 HOH B O   1 
HETATM 1628 O  O   . HOH J 3 .  ? -9.658  9.564   -10.100 1.00 36.31 ? 2008 HOH B O   1 
HETATM 1629 O  O   . HOH J 3 .  ? -7.269  18.472  -19.043 1.00 28.84 ? 2009 HOH B O   1 
HETATM 1630 O  O   . HOH J 3 .  ? 9.621   21.781  -10.505 1.00 56.04 ? 2010 HOH B O   1 
HETATM 1631 O  O   . HOH J 3 .  ? 9.257   23.329  -15.284 1.00 39.41 ? 2011 HOH B O   1 
HETATM 1632 O  O   . HOH J 3 .  ? -2.006  22.601  -17.762 1.00 57.75 ? 2012 HOH B O   1 
HETATM 1633 O  O   . HOH J 3 .  ? -1.006  21.088  -15.446 1.00 47.03 ? 2013 HOH B O   1 
HETATM 1634 O  O   . HOH J 3 .  ? 7.130   10.291  -15.620 1.00 31.82 ? 2014 HOH B O   1 
HETATM 1635 O  O   . HOH J 3 .  ? 6.152   14.144  -13.612 1.00 51.78 ? 2015 HOH B O   1 
HETATM 1636 O  O   . HOH J 3 .  ? -0.501  0.139   -5.597  1.00 55.76 ? 2016 HOH B O   1 
HETATM 1637 O  O   . HOH J 3 .  ? 0.419   8.885   -4.696  1.00 29.96 ? 2017 HOH B O   1 
HETATM 1638 O  O   . HOH J 3 .  ? 2.800   0.146   -9.259  1.00 62.40 ? 2018 HOH B O   1 
HETATM 1639 O  O   . HOH J 3 .  ? 2.116   -0.266  -13.103 1.00 51.81 ? 2019 HOH B O   1 
HETATM 1640 O  O   . HOH J 3 .  ? -3.283  -3.235  -17.791 1.00 45.50 ? 2020 HOH B O   1 
HETATM 1641 O  O   . HOH J 3 .  ? -11.185 2.800   -13.162 1.00 47.45 ? 2021 HOH B O   1 
HETATM 1642 O  O   . HOH J 3 .  ? -11.513 7.370   -16.222 1.00 52.86 ? 2022 HOH B O   1 
HETATM 1643 O  O   . HOH J 3 .  ? -14.999 -1.153  -20.711 1.00 81.81 ? 2023 HOH B O   1 
HETATM 1644 O  O   . HOH J 3 .  ? -4.373  5.974   -23.844 1.00 25.23 ? 2024 HOH B O   1 
HETATM 1645 O  O   . HOH J 3 .  ? 5.350   10.030  -25.925 1.00 38.07 ? 2025 HOH B O   1 
HETATM 1646 O  O   . HOH J 3 .  ? 9.996   8.679   -20.497 1.00 31.96 ? 2026 HOH B O   1 
HETATM 1647 O  O   . HOH J 3 .  ? 6.798   9.404   -22.329 1.00 29.54 ? 2027 HOH B O   1 
HETATM 1648 O  O   . HOH J 3 .  ? 0.550   7.003   -14.124 1.00 29.23 ? 2028 HOH B O   1 
HETATM 1649 O  O   . HOH J 3 .  ? -1.990  12.568  -22.669 1.00 58.53 ? 2029 HOH B O   1 
HETATM 1650 O  O   . HOH J 3 .  ? -4.785  15.669  -24.873 1.00 65.85 ? 2030 HOH B O   1 
HETATM 1651 O  O   . HOH J 3 .  ? -4.784  9.345   -37.256 1.00 45.86 ? 2031 HOH B O   1 
HETATM 1652 O  O   . HOH J 3 .  ? 3.253   11.756  -31.611 1.00 54.35 ? 2032 HOH B O   1 
HETATM 1653 O  O   . HOH J 3 .  ? 2.078   11.643  -23.484 1.00 33.48 ? 2033 HOH B O   1 
HETATM 1654 O  O   . HOH J 3 .  ? -0.532  6.872   -35.520 1.00 52.01 ? 2034 HOH B O   1 
HETATM 1655 O  O   . HOH J 3 .  ? 2.765   5.141   -32.807 1.00 41.35 ? 2035 HOH B O   1 
# 
